data_2J04
#
_entry.id   2J04
#
_cell.length_a   61.420
_cell.length_b   125.800
_cell.length_c   210.470
_cell.angle_alpha   90.00
_cell.angle_beta   94.49
_cell.angle_gamma   90.00
#
_symmetry.space_group_name_H-M   'P 1 21 1'
#
loop_
_entity.id
_entity.type
_entity.pdbx_description
1 polymer 'HYPOTHETICAL PROTEIN YPL007C'
2 polymer YDR362CP
3 water water
#
loop_
_entity_poly.entity_id
_entity_poly.type
_entity_poly.pdbx_seq_one_letter_code
_entity_poly.pdbx_strand_id
1 'polypeptide(L)'
;MKLLKDLLVDRKEFEDWKNNLTWARDGTLYLTTFPDISIGQPKYAKDINCNSKNLFHVKEFPLEFENKLDFELAQQNGLL
NSQPVCYPRVCKPSPIDDWMAVLSNNGNVSVFKDNKMLTNLDSKGNLSSRTYHCFEWNPIESSIVVGNEDGELQFFSIRK
NSENTPEFYFESSIRLSDAGSKDWVTHIVWYEDVLVAALSNNSVFSMTVSASSHQPVSRMIQNASRRKITDLKIVDYKVV
LTCPGYVHKIDLKNYSISSLKTGSLENFHIIPLNHEKESTILLMSNKTSYKVLLEDELHVTADNIIAPYLEKKFKKWSTI
WNEFNNYETTLVIHGISLSPDGYSIAIVYDMERVAFKYKIASEQSFNIMFAPLYHTWTISERAVGLAWYQTYQIYNQSLP
KLPENFSMNKKLLNGNYPISLDFQSYLNALMKSEEMRIIMFLNMTIDKPSILSFLEALYEYAINKKSELTNSFDLACVLS
IAAILKREAPIYNGTLLMKNSFLEETFNLESFTADPETVTSTTNNTWKRCGVTLLPILTTHVKICPVSKQRVIDIKRDDL
NDYGWFTRGLLERFNEISVYCGTTLEVM
;
A,C
2 'polypeptide(L)'
;MGLLKDLSSARDKIERIYGLNKEKLLLLAKVKEGFETSVFDFPFKNIQPDSPYFVCLDPPCKKESAYNKVIGDKNRTVYH
EINKTEFENMIKLRTKRLKLLIGEVDAEVSTGDKIEFPVLANGKRRGFIYNVGGLVTDIAWLNIEENTDIGKDIQYLAVA
VSQYMDEPLNEHLEMFDKEKHSSCIQIFKMNTSTLHCVKVQTIVHSFGEVWDLKWHEGCHAPHLVGCLSFVSQEGTINFL
EIIDNATDVHVFKMCEKPSLTLSLADSLITTFDFLSPTTVVCGFKNGFVAEFDLTDPEVPSFYDQVHDSYILSVSTAYSD
FEDTVVSTVAVDGYFYIFNPKDIATTKTTVSRFRGSNLVPVVYCPQIYSYIYSDGASSLRAVPSRAAFAVHPLVSRETTI
TAIGVSRLHPMVLAGSADGSLIITNAARRLLHGIKNSSATQKSLRLWKWDYSIKDDKYRIDSSYEVYPLTVNDVSKAKID
AHGINITCTKWNETSAGGKCYAFSNSAGLLTLEYLSLEHHHHHH
;
B,D
#
# COMPACT_ATOMS: atom_id res chain seq x y z
N LYS A 2 -2.70 -72.57 40.87
CA LYS A 2 -2.89 -72.03 39.50
C LYS A 2 -1.68 -71.19 39.07
N LEU A 3 -1.57 -69.94 39.54
CA LEU A 3 -0.51 -69.05 39.04
C LEU A 3 0.48 -68.46 40.05
N LEU A 4 1.76 -68.45 39.72
CA LEU A 4 2.78 -67.87 40.60
C LEU A 4 2.51 -66.43 40.91
N LYS A 5 2.82 -65.97 42.11
CA LYS A 5 2.56 -64.57 42.45
C LYS A 5 3.51 -63.64 41.70
N ASP A 6 2.97 -62.61 41.09
CA ASP A 6 3.75 -61.70 40.28
C ASP A 6 4.93 -61.04 40.96
N LEU A 7 5.97 -60.81 40.17
CA LEU A 7 7.22 -60.29 40.67
C LEU A 7 7.21 -58.76 40.54
N LEU A 8 7.35 -58.07 41.69
CA LEU A 8 7.53 -56.61 41.75
C LEU A 8 8.90 -56.18 41.26
N VAL A 9 8.92 -55.29 40.27
CA VAL A 9 10.14 -54.62 39.86
C VAL A 9 9.92 -53.15 40.21
N ASP A 10 10.57 -52.72 41.27
CA ASP A 10 10.32 -51.42 41.81
C ASP A 10 11.35 -50.37 41.34
N ARG A 11 10.85 -49.13 41.13
CA ARG A 11 11.65 -47.92 40.79
C ARG A 11 12.65 -48.04 39.61
N LYS A 12 12.31 -48.85 38.61
CA LYS A 12 13.06 -48.85 37.37
C LYS A 12 12.23 -48.14 36.30
N GLU A 13 12.87 -47.83 35.16
CA GLU A 13 12.17 -47.29 34.00
C GLU A 13 12.76 -47.79 32.68
N PHE A 14 11.93 -47.80 31.64
CA PHE A 14 12.37 -48.22 30.32
C PHE A 14 12.43 -47.04 29.38
N GLU A 15 13.28 -47.17 28.37
CA GLU A 15 13.42 -46.11 27.39
C GLU A 15 12.27 -46.10 26.35
N ASP A 16 11.55 -47.20 26.24
CA ASP A 16 10.58 -47.34 25.18
C ASP A 16 9.79 -48.60 25.42
N TRP A 17 8.80 -48.87 24.57
CA TRP A 17 7.87 -49.94 24.81
C TRP A 17 8.26 -51.09 23.90
N LYS A 18 9.53 -51.45 23.95
CA LYS A 18 10.14 -52.07 22.79
C LYS A 18 10.43 -53.57 22.94
N ASN A 19 10.13 -54.12 24.12
CA ASN A 19 10.57 -55.49 24.47
C ASN A 19 11.99 -55.55 25.05
N ASN A 20 12.03 -55.53 26.38
CA ASN A 20 13.27 -55.35 27.06
C ASN A 20 13.49 -56.55 27.93
N LEU A 21 12.70 -57.60 27.68
CA LEU A 21 12.83 -58.82 28.47
C LEU A 21 13.37 -59.99 27.68
N THR A 22 14.35 -60.63 28.30
CA THR A 22 14.96 -61.89 27.84
C THR A 22 15.12 -62.84 29.03
N TRP A 23 15.14 -64.13 28.74
CA TRP A 23 15.27 -65.13 29.78
C TRP A 23 16.38 -66.08 29.41
N ALA A 24 17.49 -66.03 30.15
CA ALA A 24 18.72 -66.72 29.75
C ALA A 24 18.70 -68.20 30.11
N ARG A 25 19.50 -69.02 29.39
CA ARG A 25 19.60 -70.48 29.62
C ARG A 25 19.61 -70.90 31.06
N ASP A 26 20.36 -70.17 31.88
CA ASP A 26 20.65 -70.54 33.24
C ASP A 26 19.61 -69.96 34.21
N GLY A 27 18.60 -69.31 33.65
CA GLY A 27 17.39 -68.98 34.37
C GLY A 27 17.28 -67.52 34.71
N THR A 28 18.29 -66.76 34.30
CA THR A 28 18.36 -65.34 34.61
C THR A 28 17.44 -64.49 33.72
N LEU A 29 16.72 -63.57 34.35
CA LEU A 29 15.98 -62.54 33.65
C LEU A 29 16.87 -61.36 33.40
N TYR A 30 16.74 -60.80 32.19
CA TYR A 30 17.39 -59.55 31.83
C TYR A 30 16.34 -58.56 31.33
N LEU A 31 16.33 -57.39 31.94
CA LEU A 31 15.52 -56.26 31.46
C LEU A 31 16.43 -55.13 31.00
N THR A 32 16.22 -54.60 29.81
CA THR A 32 17.03 -53.47 29.41
C THR A 32 16.33 -52.24 29.91
N THR A 33 16.65 -51.86 31.13
CA THR A 33 16.09 -50.67 31.68
C THR A 33 17.10 -49.52 31.51
N PHE A 34 16.67 -48.29 31.77
CA PHE A 34 17.46 -47.06 31.60
C PHE A 34 17.74 -46.47 33.00
N PRO A 35 19.00 -46.14 33.33
CA PRO A 35 20.14 -46.28 32.44
C PRO A 35 20.92 -47.61 32.51
N ASP A 36 20.59 -48.48 33.47
CA ASP A 36 21.30 -49.75 33.63
C ASP A 36 20.44 -50.94 33.32
N ILE A 37 21.08 -52.03 32.92
CA ILE A 37 20.33 -53.28 32.81
C ILE A 37 19.89 -53.69 34.22
N SER A 38 18.70 -54.29 34.29
CA SER A 38 18.24 -54.87 35.53
C SER A 38 18.15 -56.37 35.36
N ILE A 39 18.54 -57.11 36.39
CA ILE A 39 18.76 -58.53 36.29
C ILE A 39 17.85 -59.18 37.30
N GLY A 40 17.30 -60.34 36.93
CA GLY A 40 16.57 -61.16 37.89
C GLY A 40 17.44 -62.34 38.17
N GLN A 41 18.16 -62.34 39.29
CA GLN A 41 19.08 -63.43 39.60
C GLN A 41 18.30 -64.66 39.99
N PRO A 42 18.63 -65.80 39.38
CA PRO A 42 17.90 -67.02 39.64
C PRO A 42 18.28 -67.47 41.05
N LYS A 43 17.30 -67.67 41.90
CA LYS A 43 17.60 -68.10 43.27
C LYS A 43 16.87 -69.41 43.58
N TYR A 44 17.45 -70.23 44.47
CA TYR A 44 16.78 -71.49 44.85
C TYR A 44 16.25 -71.43 46.26
N ALA A 45 14.97 -71.72 46.39
CA ALA A 45 14.39 -71.87 47.71
C ALA A 45 13.66 -73.19 47.69
N LYS A 46 13.89 -74.01 48.70
CA LYS A 46 13.22 -75.30 48.76
C LYS A 46 11.73 -75.07 48.61
N ASP A 47 11.20 -74.05 49.32
CA ASP A 47 9.79 -73.65 49.21
C ASP A 47 9.53 -72.19 48.90
N ILE A 48 8.60 -71.95 47.99
CA ILE A 48 8.08 -70.59 47.78
C ILE A 48 6.57 -70.59 47.93
N ASN A 49 6.02 -69.88 48.90
CA ASN A 49 4.57 -69.86 49.00
C ASN A 49 3.96 -69.25 47.73
N CYS A 50 4.32 -69.83 46.58
CA CYS A 50 3.90 -69.38 45.26
C CYS A 50 4.24 -67.94 44.97
N ASN A 51 5.36 -67.44 45.48
CA ASN A 51 5.73 -66.09 45.18
C ASN A 51 6.96 -66.09 44.32
N SER A 52 6.82 -65.78 43.04
CA SER A 52 7.97 -65.72 42.13
C SER A 52 9.10 -64.80 42.62
N LYS A 53 8.84 -64.09 43.71
CA LYS A 53 9.82 -63.28 44.45
C LYS A 53 10.98 -64.15 44.91
N ASN A 54 10.68 -65.41 45.23
CA ASN A 54 11.68 -66.34 45.75
C ASN A 54 12.33 -67.19 44.64
N LEU A 55 12.22 -66.75 43.40
CA LEU A 55 12.79 -67.46 42.28
C LEU A 55 13.81 -66.60 41.59
N PHE A 56 13.50 -65.30 41.59
CA PHE A 56 14.41 -64.28 41.10
C PHE A 56 14.52 -63.18 42.11
N HIS A 57 15.74 -62.84 42.50
CA HIS A 57 15.93 -61.59 43.21
C HIS A 57 16.43 -60.58 42.18
N VAL A 58 15.75 -59.44 42.07
CA VAL A 58 16.02 -58.41 41.05
C VAL A 58 17.10 -57.44 41.50
N LYS A 59 18.06 -57.17 40.63
CA LYS A 59 19.18 -56.30 40.99
C LYS A 59 19.72 -55.42 39.83
N GLU A 60 20.24 -54.25 40.16
CA GLU A 60 20.90 -53.40 39.18
C GLU A 60 22.13 -54.08 38.62
N PHE A 61 22.33 -54.07 37.31
CA PHE A 61 23.44 -54.81 36.73
C PHE A 61 24.35 -53.87 35.93
N PRO A 62 25.06 -52.96 36.60
CA PRO A 62 25.83 -51.91 35.92
C PRO A 62 26.95 -52.46 35.08
N LEU A 63 27.08 -51.97 33.86
CA LEU A 63 28.11 -52.43 32.93
C LEU A 63 28.95 -51.27 32.37
N GLU A 64 30.09 -51.58 31.79
CA GLU A 64 31.02 -50.55 31.32
C GLU A 64 31.19 -50.49 29.81
N PHE A 65 30.25 -49.82 29.14
CA PHE A 65 30.27 -49.77 27.67
C PHE A 65 31.36 -48.88 27.19
N GLU A 66 32.08 -49.33 26.18
CA GLU A 66 33.08 -48.49 25.54
C GLU A 66 32.66 -48.18 24.13
N ASN A 67 32.98 -46.97 23.68
CA ASN A 67 32.57 -46.57 22.35
C ASN A 67 33.68 -46.75 21.32
N LYS A 68 33.54 -47.75 20.45
CA LYS A 68 34.56 -47.98 19.42
C LYS A 68 34.54 -46.81 18.48
N LEU A 69 33.37 -46.22 18.33
CA LEU A 69 33.20 -45.06 17.48
C LEU A 69 33.51 -43.76 18.24
N ASP A 70 33.86 -43.90 19.52
CA ASP A 70 34.12 -42.79 20.43
C ASP A 70 34.68 -41.54 19.79
N PHE A 71 35.86 -41.66 19.20
CA PHE A 71 36.61 -40.55 18.62
C PHE A 71 36.32 -40.33 17.13
N GLU A 72 35.18 -40.86 16.67
CA GLU A 72 34.78 -40.79 15.28
C GLU A 72 33.65 -39.77 15.09
N LEU A 73 33.79 -38.89 14.09
CA LEU A 73 32.79 -37.87 13.83
C LEU A 73 31.61 -38.42 13.08
N ALA A 74 30.41 -38.18 13.62
CA ALA A 74 29.15 -38.70 13.07
C ALA A 74 29.02 -38.35 11.61
N GLN A 75 28.41 -39.23 10.84
CA GLN A 75 28.42 -39.07 9.39
C GLN A 75 27.06 -39.14 8.74
N GLN A 76 26.86 -40.16 7.92
CA GLN A 76 25.64 -40.39 7.18
C GLN A 76 24.41 -40.60 8.10
N ASN A 77 24.60 -41.32 9.21
CA ASN A 77 23.60 -41.44 10.26
C ASN A 77 23.37 -40.08 10.90
N GLY A 78 24.35 -39.64 11.69
CA GLY A 78 24.36 -38.28 12.20
C GLY A 78 23.83 -38.24 13.61
N LEU A 79 22.74 -38.93 13.81
CA LEU A 79 22.26 -39.17 15.14
C LEU A 79 23.23 -40.06 15.94
N LEU A 80 24.36 -40.42 15.33
CA LEU A 80 25.36 -41.33 15.95
C LEU A 80 25.86 -40.91 17.35
N ASN A 81 26.99 -40.24 17.44
CA ASN A 81 27.47 -39.94 18.79
C ASN A 81 26.76 -38.72 19.39
N SER A 82 25.55 -38.49 18.90
CA SER A 82 24.64 -37.44 19.40
C SER A 82 24.40 -37.49 20.92
N GLN A 83 24.42 -38.71 21.47
CA GLN A 83 24.39 -38.95 22.91
C GLN A 83 25.70 -39.67 23.32
N PRO A 84 26.69 -38.92 23.81
CA PRO A 84 27.97 -39.48 24.27
C PRO A 84 27.90 -40.64 25.26
N VAL A 85 27.48 -40.38 26.51
CA VAL A 85 27.27 -41.47 27.50
C VAL A 85 26.62 -42.73 26.89
N CYS A 86 27.22 -43.89 27.12
CA CYS A 86 26.73 -45.13 26.56
C CYS A 86 25.79 -45.87 27.50
N TYR A 87 24.65 -46.32 26.99
CA TYR A 87 23.72 -47.11 27.79
C TYR A 87 23.15 -48.25 26.94
N PRO A 88 22.53 -49.26 27.53
CA PRO A 88 22.10 -50.43 26.77
C PRO A 88 20.76 -50.22 26.07
N ARG A 89 20.66 -50.69 24.81
CA ARG A 89 19.39 -50.66 24.06
C ARG A 89 18.76 -52.01 24.02
N VAL A 90 19.43 -52.99 23.43
CA VAL A 90 18.93 -54.35 23.52
C VAL A 90 19.95 -55.26 24.15
N CYS A 91 19.45 -56.38 24.67
CA CYS A 91 20.28 -57.33 25.38
C CYS A 91 19.77 -58.74 25.13
N LYS A 92 20.68 -59.65 24.71
CA LYS A 92 20.36 -61.03 24.37
C LYS A 92 21.46 -61.93 24.87
N PRO A 93 21.15 -62.80 25.81
CA PRO A 93 22.12 -63.73 26.34
C PRO A 93 22.32 -64.82 25.34
N SER A 94 23.53 -65.39 25.30
CA SER A 94 23.84 -66.50 24.43
C SER A 94 22.90 -67.67 24.75
N PRO A 95 22.35 -68.31 23.72
CA PRO A 95 21.52 -69.48 23.87
C PRO A 95 22.33 -70.70 24.20
N ILE A 96 23.65 -70.58 24.12
CA ILE A 96 24.57 -71.72 24.20
C ILE A 96 25.54 -71.56 25.35
N ASP A 97 26.31 -70.46 25.36
CA ASP A 97 27.26 -70.25 26.43
C ASP A 97 26.80 -69.19 27.43
N ASP A 98 27.53 -69.14 28.55
CA ASP A 98 27.25 -68.29 29.71
C ASP A 98 28.03 -67.01 29.45
N TRP A 99 27.29 -65.97 29.07
CA TRP A 99 27.76 -65.13 27.99
C TRP A 99 26.58 -64.28 27.58
N MET A 100 26.83 -63.09 27.05
CA MET A 100 25.72 -62.22 26.73
C MET A 100 26.17 -60.99 25.94
N ALA A 101 25.38 -60.58 24.94
CA ALA A 101 25.73 -59.42 24.16
C ALA A 101 24.72 -58.31 24.32
N VAL A 102 25.21 -57.07 24.22
CA VAL A 102 24.38 -55.90 24.42
C VAL A 102 24.65 -54.94 23.27
N LEU A 103 23.62 -54.61 22.51
CA LEU A 103 23.68 -53.48 21.61
C LEU A 103 23.54 -52.21 22.44
N SER A 104 24.48 -51.28 22.31
CA SER A 104 24.43 -50.01 23.02
C SER A 104 23.74 -48.97 22.15
N ASN A 105 23.56 -47.74 22.66
CA ASN A 105 22.82 -46.70 21.94
C ASN A 105 23.62 -46.07 20.85
N ASN A 106 24.87 -46.49 20.75
CA ASN A 106 25.78 -45.92 19.77
C ASN A 106 26.26 -46.91 18.73
N GLY A 107 25.51 -48.00 18.61
CA GLY A 107 25.72 -48.97 17.56
C GLY A 107 26.80 -49.98 17.84
N ASN A 108 27.33 -49.99 19.07
CA ASN A 108 28.34 -50.97 19.49
C ASN A 108 27.60 -52.18 19.95
N VAL A 109 28.11 -53.36 19.59
CA VAL A 109 27.66 -54.64 20.17
C VAL A 109 28.82 -55.22 20.94
N SER A 110 28.69 -55.28 22.26
CA SER A 110 29.74 -55.81 23.10
C SER A 110 29.31 -57.11 23.78
N VAL A 111 30.27 -57.99 24.04
CA VAL A 111 29.95 -59.28 24.62
C VAL A 111 30.46 -59.31 26.06
N PHE A 112 29.65 -59.84 26.98
CA PHE A 112 30.03 -59.85 28.40
C PHE A 112 30.02 -61.23 29.07
N LYS A 113 31.02 -61.48 29.91
CA LYS A 113 30.99 -62.60 30.87
C LYS A 113 30.68 -61.98 32.21
N ASP A 114 29.47 -62.23 32.73
CA ASP A 114 28.95 -61.54 33.94
C ASP A 114 28.94 -60.02 33.70
N ASN A 115 29.89 -59.29 34.32
CA ASN A 115 30.10 -57.86 34.02
C ASN A 115 31.33 -57.65 33.18
N LYS A 116 32.41 -58.36 33.41
CA LYS A 116 33.57 -58.06 32.57
C LYS A 116 33.22 -58.21 31.08
N MET A 117 33.49 -57.14 30.33
CA MET A 117 33.41 -57.10 28.86
C MET A 117 34.40 -58.12 28.32
N LEU A 118 34.07 -58.81 27.23
CA LEU A 118 35.06 -59.73 26.65
C LEU A 118 35.74 -59.09 25.47
N THR A 119 34.94 -58.78 24.46
CA THR A 119 35.43 -58.17 23.24
C THR A 119 34.31 -57.31 22.68
N ASN A 120 34.64 -56.12 22.18
CA ASN A 120 33.67 -55.24 21.53
C ASN A 120 33.81 -55.33 20.03
N LEU A 121 32.79 -55.94 19.42
CA LEU A 121 32.82 -56.36 18.01
C LEU A 121 33.10 -55.20 17.06
N ASP A 122 34.06 -55.42 16.17
CA ASP A 122 34.63 -54.39 15.31
C ASP A 122 35.25 -55.05 14.08
N SER A 123 35.50 -54.27 13.03
CA SER A 123 36.02 -54.86 11.81
C SER A 123 36.56 -53.82 10.83
N LYS A 124 36.64 -54.26 9.57
CA LYS A 124 37.03 -53.48 8.37
C LYS A 124 37.25 -51.98 8.52
N GLY A 125 36.33 -51.17 8.00
CA GLY A 125 36.49 -49.72 7.98
C GLY A 125 35.19 -48.95 7.91
N ASN A 126 34.99 -48.20 6.82
CA ASN A 126 33.84 -47.31 6.64
C ASN A 126 33.42 -46.46 7.84
N LEU A 127 32.62 -47.06 8.71
CA LEU A 127 31.94 -46.43 9.87
C LEU A 127 30.51 -46.77 9.65
N SER A 128 30.04 -46.53 8.44
CA SER A 128 28.80 -47.07 8.01
C SER A 128 28.86 -48.59 8.22
N SER A 129 29.96 -49.20 7.79
CA SER A 129 30.18 -50.63 7.94
C SER A 129 30.24 -51.02 9.38
N ARG A 130 30.68 -50.09 10.21
CA ARG A 130 31.08 -50.43 11.56
C ARG A 130 30.10 -50.09 12.67
N THR A 131 28.94 -49.55 12.32
CA THR A 131 27.94 -49.24 13.36
C THR A 131 26.65 -50.07 13.17
N TYR A 132 26.18 -50.68 14.27
CA TYR A 132 25.17 -51.75 14.21
C TYR A 132 23.84 -51.42 14.86
N HIS A 133 22.81 -52.12 14.38
CA HIS A 133 21.42 -51.94 14.78
C HIS A 133 20.67 -53.24 15.14
N CYS A 134 21.38 -54.35 15.22
CA CYS A 134 20.81 -55.60 15.67
C CYS A 134 21.87 -56.70 15.60
N PHE A 135 21.72 -57.71 16.45
CA PHE A 135 22.62 -58.85 16.52
C PHE A 135 21.86 -60.14 16.90
N GLU A 136 22.28 -61.28 16.35
CA GLU A 136 21.73 -62.57 16.77
C GLU A 136 22.86 -63.55 17.09
N TRP A 137 22.63 -64.38 18.10
CA TRP A 137 23.52 -65.47 18.45
C TRP A 137 23.30 -66.66 17.53
N ASN A 138 24.37 -67.42 17.30
CA ASN A 138 24.29 -68.65 16.56
C ASN A 138 23.60 -69.65 17.47
N PRO A 139 22.48 -70.25 17.05
CA PRO A 139 21.76 -71.19 17.90
C PRO A 139 22.38 -72.57 17.91
N ILE A 140 23.35 -72.81 17.05
CA ILE A 140 23.95 -74.11 16.94
C ILE A 140 25.39 -74.16 17.41
N GLU A 141 26.28 -73.34 16.87
CA GLU A 141 27.61 -73.21 17.49
C GLU A 141 27.87 -71.84 18.11
N SER A 142 29.11 -71.59 18.47
CA SER A 142 29.44 -70.41 19.24
C SER A 142 29.88 -69.28 18.34
N SER A 143 28.93 -68.57 17.74
CA SER A 143 29.26 -67.37 16.97
C SER A 143 28.17 -66.33 17.14
N ILE A 144 28.29 -65.22 16.42
CA ILE A 144 27.33 -64.12 16.49
C ILE A 144 27.26 -63.34 15.16
N VAL A 145 26.12 -62.71 14.89
CA VAL A 145 25.97 -61.85 13.72
C VAL A 145 25.54 -60.48 14.16
N VAL A 146 26.11 -59.46 13.52
CA VAL A 146 25.60 -58.10 13.60
C VAL A 146 25.01 -57.64 12.25
N GLY A 147 24.15 -56.64 12.32
CA GLY A 147 23.66 -55.97 11.13
C GLY A 147 24.12 -54.54 11.20
N ASN A 148 24.57 -54.01 10.07
CA ASN A 148 25.11 -52.66 10.06
C ASN A 148 24.30 -51.72 9.22
N GLU A 149 24.85 -50.53 9.01
CA GLU A 149 24.18 -49.49 8.26
C GLU A 149 24.37 -49.59 6.74
N ASP A 150 25.05 -50.63 6.28
CA ASP A 150 25.21 -50.84 4.85
C ASP A 150 24.19 -51.77 4.29
N GLY A 151 23.42 -52.37 5.18
CA GLY A 151 22.56 -53.48 4.80
C GLY A 151 23.46 -54.66 4.58
N GLU A 152 24.15 -55.06 5.64
CA GLU A 152 25.20 -56.06 5.56
C GLU A 152 25.20 -56.85 6.87
N LEU A 153 25.56 -58.12 6.78
CA LEU A 153 25.63 -58.93 7.99
C LEU A 153 27.09 -59.28 8.18
N GLN A 154 27.61 -58.96 9.35
CA GLN A 154 28.95 -59.36 9.70
C GLN A 154 28.92 -60.45 10.79
N PHE A 155 29.71 -61.49 10.57
CA PHE A 155 29.71 -62.68 11.40
C PHE A 155 31.01 -62.77 12.17
N PHE A 156 30.90 -63.17 13.42
CA PHE A 156 32.06 -63.27 14.29
C PHE A 156 32.12 -64.64 14.95
N SER A 157 33.26 -65.29 14.83
CA SER A 157 33.54 -66.57 15.50
C SER A 157 34.38 -66.34 16.75
N ILE A 158 34.81 -67.42 17.42
CA ILE A 158 35.51 -67.22 18.68
C ILE A 158 36.94 -67.74 18.80
N ARG A 159 37.10 -68.81 19.58
CA ARG A 159 38.36 -69.11 20.29
C ARG A 159 39.50 -68.06 20.21
N LYS A 160 40.39 -68.14 19.22
CA LYS A 160 41.54 -67.20 19.12
C LYS A 160 42.49 -67.25 20.38
N ASN A 161 41.88 -67.04 21.55
CA ASN A 161 42.35 -67.39 22.92
C ASN A 161 43.36 -66.52 23.75
N SER A 162 44.62 -66.45 23.32
CA SER A 162 45.76 -65.98 24.15
C SER A 162 45.64 -66.50 25.58
N GLU A 163 45.71 -67.84 25.71
CA GLU A 163 45.32 -68.62 26.94
C GLU A 163 43.83 -68.52 27.39
N ASN A 164 43.10 -69.59 27.07
CA ASN A 164 41.68 -69.84 27.45
C ASN A 164 40.67 -68.68 27.65
N THR A 165 41.09 -67.44 27.35
CA THR A 165 40.16 -66.28 27.36
C THR A 165 39.45 -66.15 26.01
N PRO A 166 38.14 -66.41 25.99
CA PRO A 166 37.34 -66.42 24.77
C PRO A 166 37.85 -65.52 23.62
N GLU A 167 37.36 -64.28 23.50
CA GLU A 167 37.78 -63.35 22.43
C GLU A 167 37.22 -63.64 21.01
N PHE A 168 36.43 -62.70 20.52
CA PHE A 168 35.79 -62.77 19.20
C PHE A 168 36.66 -62.10 18.18
N TYR A 169 36.32 -62.31 16.90
CA TYR A 169 37.04 -61.72 15.76
C TYR A 169 36.15 -61.78 14.51
N PHE A 170 36.36 -60.88 13.56
CA PHE A 170 35.56 -60.85 12.34
C PHE A 170 35.83 -62.09 11.53
N GLU A 171 34.78 -62.66 10.94
CA GLU A 171 34.93 -63.91 10.23
C GLU A 171 34.45 -63.83 8.80
N SER A 172 33.28 -63.25 8.57
CA SER A 172 32.79 -63.06 7.21
C SER A 172 31.66 -62.07 7.21
N SER A 173 31.26 -61.65 6.01
CA SER A 173 30.12 -60.75 5.87
C SER A 173 29.23 -61.18 4.73
N ILE A 174 28.04 -60.57 4.66
CA ILE A 174 27.16 -60.67 3.49
C ILE A 174 26.52 -59.29 3.22
N ARG A 175 26.57 -58.81 1.98
CA ARG A 175 25.79 -57.64 1.58
C ARG A 175 24.36 -58.05 1.27
N LEU A 176 23.40 -57.21 1.62
CA LEU A 176 21.99 -57.50 1.39
C LEU A 176 21.34 -56.45 0.48
N SER A 177 21.61 -55.16 0.72
CA SER A 177 21.12 -54.13 -0.20
C SER A 177 22.18 -53.90 -1.26
N ASP A 178 21.83 -53.18 -2.33
CA ASP A 178 22.82 -52.84 -3.36
C ASP A 178 23.72 -51.73 -2.83
N ALA A 179 24.85 -51.53 -3.50
CA ALA A 179 25.90 -50.58 -3.06
C ALA A 179 25.41 -49.13 -2.91
N GLY A 180 24.76 -48.62 -3.97
CA GLY A 180 24.22 -47.26 -3.97
C GLY A 180 23.04 -47.01 -3.04
N SER A 181 23.04 -47.66 -1.88
CA SER A 181 21.93 -47.53 -0.93
C SER A 181 22.42 -47.75 0.47
N LYS A 182 21.84 -46.98 1.39
CA LYS A 182 22.10 -47.19 2.81
C LYS A 182 20.83 -47.31 3.67
N ASP A 183 20.02 -48.32 3.35
CA ASP A 183 19.07 -48.86 4.33
C ASP A 183 19.88 -49.81 5.21
N TRP A 184 19.48 -49.93 6.47
CA TRP A 184 20.23 -50.73 7.42
C TRP A 184 19.53 -52.04 7.70
N VAL A 185 20.25 -52.99 8.24
CA VAL A 185 19.66 -54.21 8.70
C VAL A 185 19.01 -53.91 10.03
N THR A 186 17.72 -54.19 10.11
CA THR A 186 16.95 -53.89 11.33
C THR A 186 16.45 -55.13 12.07
N HIS A 187 16.57 -56.32 11.48
CA HIS A 187 16.16 -57.52 12.19
C HIS A 187 17.02 -58.69 11.76
N ILE A 188 17.37 -59.56 12.71
CA ILE A 188 18.00 -60.85 12.40
C ILE A 188 17.47 -61.90 13.36
N VAL A 189 16.80 -62.90 12.82
CA VAL A 189 16.42 -64.08 13.59
C VAL A 189 17.19 -65.20 12.98
N TRP A 190 17.87 -65.95 13.84
CA TRP A 190 18.73 -67.07 13.41
C TRP A 190 18.23 -68.34 14.06
N TYR A 191 17.74 -69.26 13.25
CA TYR A 191 17.10 -70.48 13.76
C TYR A 191 17.64 -71.69 13.03
N GLU A 192 18.24 -72.58 13.82
CA GLU A 192 18.75 -73.84 13.31
C GLU A 192 19.85 -73.68 12.26
N ASP A 193 19.46 -73.93 11.01
CA ASP A 193 20.37 -74.13 9.92
C ASP A 193 20.12 -73.00 8.87
N VAL A 194 19.22 -72.10 9.24
CA VAL A 194 18.69 -71.13 8.30
C VAL A 194 18.55 -69.78 9.00
N LEU A 195 19.02 -68.74 8.31
CA LEU A 195 19.07 -67.37 8.84
C LEU A 195 18.21 -66.41 8.00
N VAL A 196 17.45 -65.56 8.69
CA VAL A 196 16.56 -64.57 8.07
C VAL A 196 16.82 -63.21 8.70
N ALA A 197 16.97 -62.17 7.86
CA ALA A 197 17.21 -60.78 8.30
C ALA A 197 16.31 -59.80 7.53
N ALA A 198 16.16 -58.57 8.04
CA ALA A 198 15.34 -57.56 7.36
C ALA A 198 16.03 -56.20 7.30
N LEU A 199 15.63 -55.35 6.37
CA LEU A 199 16.25 -54.02 6.17
C LEU A 199 15.28 -52.86 6.43
N SER A 200 15.85 -51.66 6.61
CA SER A 200 15.08 -50.43 6.82
C SER A 200 13.92 -50.32 5.86
N ASN A 201 14.13 -50.68 4.59
CA ASN A 201 13.06 -50.60 3.61
C ASN A 201 12.08 -51.76 3.68
N ASN A 202 12.21 -52.56 4.74
CA ASN A 202 11.34 -53.68 5.03
C ASN A 202 11.37 -54.83 4.02
N SER A 203 12.40 -54.85 3.18
CA SER A 203 12.65 -55.98 2.30
C SER A 203 13.22 -57.07 3.17
N VAL A 204 12.92 -58.33 2.87
CA VAL A 204 13.42 -59.40 3.73
C VAL A 204 14.22 -60.47 2.99
N PHE A 205 15.28 -60.94 3.65
CA PHE A 205 16.20 -61.88 3.04
C PHE A 205 16.32 -63.10 3.90
N SER A 206 16.67 -64.21 3.26
CA SER A 206 16.98 -65.45 3.97
C SER A 206 18.10 -66.19 3.26
N MET A 207 18.86 -66.97 4.02
CA MET A 207 19.90 -67.81 3.45
C MET A 207 20.11 -69.07 4.27
N THR A 208 20.95 -69.95 3.76
CA THR A 208 21.47 -70.98 4.61
C THR A 208 22.94 -70.68 4.91
N VAL A 209 23.20 -70.29 6.16
CA VAL A 209 24.56 -70.25 6.71
C VAL A 209 24.69 -71.56 7.41
N SER A 210 25.72 -72.29 7.03
CA SER A 210 25.81 -73.72 7.29
C SER A 210 27.26 -74.20 7.20
N ALA A 211 27.59 -74.93 6.12
CA ALA A 211 28.89 -75.60 5.91
C ALA A 211 30.03 -74.61 5.64
N SER A 212 29.90 -73.43 6.28
CA SER A 212 30.76 -72.20 6.18
C SER A 212 31.70 -71.99 4.99
N SER A 213 32.36 -73.06 4.51
CA SER A 213 33.14 -73.01 3.27
C SER A 213 32.26 -72.56 2.10
N HIS A 214 30.94 -72.76 2.27
CA HIS A 214 29.93 -72.27 1.32
C HIS A 214 29.64 -70.77 1.60
N GLN A 215 30.14 -69.92 0.70
CA GLN A 215 29.91 -68.47 0.72
C GLN A 215 28.40 -68.21 0.55
N PRO A 216 27.67 -68.07 1.66
CA PRO A 216 26.25 -68.46 1.70
C PRO A 216 25.36 -67.65 0.75
N VAL A 217 24.65 -68.35 -0.13
CA VAL A 217 23.75 -67.73 -1.09
C VAL A 217 22.49 -67.24 -0.35
N SER A 218 22.20 -65.95 -0.52
CA SER A 218 21.05 -65.33 0.10
C SER A 218 19.98 -65.10 -0.96
N ARG A 219 18.74 -65.09 -0.50
CA ARG A 219 17.59 -64.98 -1.38
C ARG A 219 16.56 -64.04 -0.77
N MET A 220 16.09 -63.07 -1.56
CA MET A 220 15.09 -62.12 -1.08
C MET A 220 13.75 -62.82 -1.00
N ILE A 221 13.08 -62.72 0.14
CA ILE A 221 11.80 -63.40 0.34
C ILE A 221 10.62 -62.45 0.42
N GLN A 222 10.91 -61.15 0.35
CA GLN A 222 9.88 -60.14 0.34
C GLN A 222 10.40 -58.77 -0.14
N ASN A 223 9.66 -58.17 -1.09
CA ASN A 223 9.97 -56.84 -1.63
C ASN A 223 10.11 -55.79 -0.57
N ALA A 224 10.75 -54.70 -0.92
CA ALA A 224 10.76 -53.54 -0.05
C ALA A 224 9.33 -53.01 0.02
N SER A 225 8.99 -52.42 1.15
CA SER A 225 7.65 -51.94 1.38
C SER A 225 7.72 -50.80 2.35
N ARG A 226 6.74 -49.91 2.28
CA ARG A 226 6.63 -48.82 3.22
C ARG A 226 6.12 -49.33 4.59
N ARG A 227 5.56 -50.54 4.63
CA ARG A 227 4.98 -51.08 5.86
C ARG A 227 6.07 -51.52 6.84
N LYS A 228 6.29 -50.73 7.89
CA LYS A 228 7.37 -51.01 8.87
C LYS A 228 7.18 -52.33 9.64
N ILE A 229 8.20 -53.17 9.54
CA ILE A 229 8.18 -54.47 10.19
C ILE A 229 8.26 -54.32 11.70
N THR A 230 7.17 -54.70 12.37
CA THR A 230 7.07 -54.58 13.83
C THR A 230 7.94 -55.59 14.54
N ASP A 231 7.75 -56.87 14.23
CA ASP A 231 8.46 -57.97 14.90
C ASP A 231 8.56 -59.15 13.93
N LEU A 232 9.70 -59.83 14.00
CA LEU A 232 10.05 -60.88 13.04
C LEU A 232 10.60 -62.10 13.75
N LYS A 233 9.99 -63.24 13.51
CA LYS A 233 10.45 -64.49 14.07
C LYS A 233 10.18 -65.63 13.10
N ILE A 234 10.56 -66.83 13.51
CA ILE A 234 10.69 -67.94 12.61
C ILE A 234 10.31 -69.23 13.31
N VAL A 235 9.27 -69.87 12.78
CA VAL A 235 8.67 -71.06 13.37
C VAL A 235 8.78 -72.23 12.41
N ASP A 236 9.55 -73.25 12.81
CA ASP A 236 9.91 -74.38 11.93
C ASP A 236 9.90 -74.09 10.40
N TYR A 237 10.88 -73.28 9.99
CA TYR A 237 11.16 -72.94 8.57
C TYR A 237 10.04 -72.13 7.90
N LYS A 238 9.36 -71.35 8.75
CA LYS A 238 8.25 -70.46 8.37
C LYS A 238 8.54 -69.12 9.01
N VAL A 239 8.62 -68.08 8.20
CA VAL A 239 8.95 -66.76 8.73
C VAL A 239 7.65 -66.08 9.06
N VAL A 240 7.60 -65.44 10.23
CA VAL A 240 6.41 -64.67 10.65
C VAL A 240 6.72 -63.18 10.91
N LEU A 241 6.03 -62.29 10.18
CA LEU A 241 6.14 -60.84 10.41
C LEU A 241 4.88 -60.27 11.01
N THR A 242 5.03 -59.23 11.84
CA THR A 242 3.88 -58.39 12.14
C THR A 242 4.06 -57.04 11.54
N CYS A 243 2.96 -56.34 11.45
CA CYS A 243 2.96 -55.02 10.90
C CYS A 243 2.21 -54.01 11.74
N PRO A 244 1.93 -52.86 11.12
CA PRO A 244 0.74 -52.14 11.44
C PRO A 244 -0.43 -52.91 10.78
N GLY A 245 -1.12 -53.69 11.62
CA GLY A 245 -2.41 -54.26 11.33
C GLY A 245 -2.42 -55.52 10.51
N TYR A 246 -1.23 -56.07 10.26
CA TYR A 246 -1.13 -57.31 9.51
C TYR A 246 -0.16 -58.28 10.17
N VAL A 247 -0.30 -59.56 9.84
CA VAL A 247 0.69 -60.59 10.17
C VAL A 247 0.95 -61.30 8.88
N HIS A 248 2.21 -61.45 8.48
CA HIS A 248 2.48 -62.19 7.25
C HIS A 248 3.25 -63.42 7.60
N LYS A 249 2.97 -64.51 6.88
CA LYS A 249 3.76 -65.74 7.04
C LYS A 249 4.42 -66.18 5.74
N ILE A 250 5.68 -66.59 5.85
CA ILE A 250 6.44 -67.03 4.67
C ILE A 250 7.07 -68.40 4.90
N ASP A 251 6.64 -69.34 4.04
CA ASP A 251 7.13 -70.70 4.06
C ASP A 251 8.44 -70.73 3.29
N LEU A 252 9.54 -70.92 4.02
CA LEU A 252 10.82 -71.18 3.36
C LEU A 252 10.76 -72.55 2.73
N LYS A 253 10.15 -73.48 3.47
CA LYS A 253 9.96 -74.89 3.08
C LYS A 253 9.47 -75.04 1.63
N ASN A 254 8.62 -74.12 1.16
CA ASN A 254 8.06 -74.22 -0.19
C ASN A 254 7.96 -72.89 -0.94
N TYR A 255 8.33 -71.80 -0.26
CA TYR A 255 8.33 -70.45 -0.86
C TYR A 255 6.91 -69.95 -1.18
N SER A 256 6.18 -69.47 -0.17
CA SER A 256 4.79 -68.99 -0.33
C SER A 256 4.34 -68.17 0.88
N ILE A 257 3.75 -67.02 0.58
CA ILE A 257 3.34 -66.03 1.56
C ILE A 257 1.83 -66.13 1.87
N SER A 258 1.46 -66.04 3.14
CA SER A 258 0.05 -65.95 3.55
C SER A 258 -0.13 -65.00 4.72
N SER A 259 -1.07 -64.07 4.59
CA SER A 259 -1.22 -63.00 5.57
C SER A 259 -2.64 -62.60 5.97
N LEU A 260 -2.78 -62.26 7.24
CA LEU A 260 -4.05 -61.95 7.85
C LEU A 260 -4.07 -60.56 8.48
N LYS A 261 -5.16 -59.82 8.31
CA LYS A 261 -5.39 -58.58 9.05
C LYS A 261 -5.46 -58.83 10.59
N THR A 262 -5.43 -57.76 11.38
CA THR A 262 -5.44 -57.88 12.84
C THR A 262 -6.49 -56.98 13.51
N GLY A 263 -7.05 -56.04 12.75
CA GLY A 263 -8.00 -55.06 13.28
C GLY A 263 -7.31 -54.04 14.18
N SER A 264 -6.50 -54.54 15.12
CA SER A 264 -5.83 -53.72 16.14
C SER A 264 -4.99 -52.59 15.59
N LEU A 265 -4.29 -52.80 14.48
CA LEU A 265 -3.55 -51.69 13.82
C LEU A 265 -2.51 -51.00 14.73
N GLU A 266 -2.49 -51.39 16.00
CA GLU A 266 -1.45 -51.03 16.94
C GLU A 266 -0.50 -52.19 16.92
N ASN A 267 0.69 -51.96 16.38
CA ASN A 267 1.73 -52.98 16.33
C ASN A 267 1.79 -53.99 17.54
N PHE A 268 2.08 -55.27 17.27
CA PHE A 268 2.25 -56.26 18.35
C PHE A 268 2.87 -57.64 18.10
N HIS A 269 3.52 -58.15 19.15
CA HIS A 269 4.58 -59.18 19.09
C HIS A 269 4.09 -60.61 18.98
N ILE A 270 4.97 -61.41 18.39
CA ILE A 270 4.71 -62.81 18.17
C ILE A 270 5.47 -63.69 19.20
N ILE A 271 4.77 -64.64 19.78
CA ILE A 271 5.35 -65.63 20.68
C ILE A 271 5.10 -67.00 20.03
N PRO A 272 6.17 -67.63 19.53
CA PRO A 272 6.03 -68.98 18.97
C PRO A 272 5.74 -70.04 20.08
N LEU A 273 4.76 -70.90 19.84
CA LEU A 273 4.41 -72.00 20.74
C LEU A 273 5.05 -73.28 20.23
N ASN A 274 6.34 -73.43 20.52
CA ASN A 274 7.21 -74.44 19.91
C ASN A 274 6.92 -75.88 20.18
N HIS A 275 6.17 -76.18 21.22
CA HIS A 275 5.93 -77.57 21.58
C HIS A 275 4.61 -78.08 21.07
N GLU A 276 4.22 -77.62 19.87
CA GLU A 276 2.89 -77.91 19.41
C GLU A 276 2.79 -79.08 18.43
N LYS A 277 3.87 -79.35 17.70
CA LYS A 277 3.76 -80.31 16.56
C LYS A 277 2.51 -79.90 15.83
N GLU A 278 2.50 -78.66 15.36
CA GLU A 278 1.28 -77.94 14.96
C GLU A 278 1.55 -76.49 14.54
N SER A 279 2.81 -76.14 14.29
CA SER A 279 3.15 -74.82 13.78
C SER A 279 2.22 -73.73 14.31
N THR A 280 2.29 -73.44 15.60
CA THR A 280 1.38 -72.49 16.21
C THR A 280 2.10 -71.30 16.82
N ILE A 281 1.45 -70.14 16.80
CA ILE A 281 1.97 -68.93 17.44
C ILE A 281 0.90 -68.18 18.22
N LEU A 282 1.38 -67.23 19.02
CA LEU A 282 0.54 -66.37 19.84
C LEU A 282 0.84 -64.91 19.58
N LEU A 283 -0.03 -64.27 18.82
CA LEU A 283 0.09 -62.85 18.63
C LEU A 283 -0.47 -62.25 19.88
N MET A 284 0.22 -61.25 20.38
CA MET A 284 -0.21 -60.60 21.59
C MET A 284 0.16 -59.13 21.59
N SER A 285 -0.80 -58.30 22.01
CA SER A 285 -0.69 -56.84 22.07
C SER A 285 -1.04 -56.37 23.46
N ASN A 286 -0.97 -55.05 23.64
CA ASN A 286 -1.46 -54.43 24.85
C ASN A 286 -2.95 -54.68 24.97
N LYS A 287 -3.69 -54.32 23.92
CA LYS A 287 -5.14 -54.48 23.92
C LYS A 287 -5.64 -55.93 24.02
N THR A 288 -5.48 -56.74 22.97
CA THR A 288 -5.85 -58.18 23.05
C THR A 288 -4.78 -59.10 22.44
N SER A 289 -5.18 -60.33 22.07
CA SER A 289 -4.24 -61.43 21.78
C SER A 289 -4.95 -62.76 21.40
N TYR A 290 -4.25 -63.66 20.68
CA TYR A 290 -4.85 -64.94 20.19
C TYR A 290 -3.85 -65.94 19.55
N LYS A 291 -4.32 -67.17 19.31
CA LYS A 291 -3.56 -68.20 18.60
C LYS A 291 -3.71 -68.03 17.10
N VAL A 292 -2.66 -68.37 16.35
CA VAL A 292 -2.72 -68.45 14.88
C VAL A 292 -2.03 -69.74 14.42
N LEU A 293 -2.78 -70.64 13.78
CA LEU A 293 -2.15 -71.84 13.22
C LEU A 293 -1.49 -71.48 11.91
N LEU A 294 -0.28 -71.99 11.68
CA LEU A 294 0.51 -71.60 10.50
C LEU A 294 0.46 -72.58 9.32
N GLU A 295 -0.74 -73.07 9.05
CA GLU A 295 -1.02 -73.86 7.87
C GLU A 295 -1.02 -72.86 6.69
N ASP A 296 -1.40 -73.29 5.47
CA ASP A 296 -1.46 -72.35 4.31
C ASP A 296 -2.39 -71.18 4.62
N GLU A 297 -3.57 -71.52 5.09
CA GLU A 297 -4.50 -70.60 5.70
C GLU A 297 -3.99 -70.26 7.11
N LEU A 298 -3.94 -68.98 7.48
CA LEU A 298 -3.77 -68.64 8.89
C LEU A 298 -5.12 -68.86 9.59
N HIS A 299 -5.11 -69.42 10.79
CA HIS A 299 -6.34 -69.59 11.55
C HIS A 299 -6.26 -68.96 12.88
N VAL A 300 -7.24 -68.13 13.22
CA VAL A 300 -7.33 -67.56 14.55
C VAL A 300 -8.23 -68.40 15.43
N THR A 301 -7.64 -69.07 16.40
CA THR A 301 -8.37 -69.53 17.58
C THR A 301 -7.91 -68.68 18.77
N ALA A 302 -8.74 -68.53 19.79
CA ALA A 302 -8.57 -67.45 20.76
C ALA A 302 -7.70 -67.87 21.88
N ASP A 303 -8.20 -68.83 22.65
CA ASP A 303 -7.63 -69.26 23.95
C ASP A 303 -6.64 -68.25 24.49
N ASN A 304 -5.48 -68.25 23.89
CA ASN A 304 -4.46 -67.39 24.34
C ASN A 304 -3.76 -67.91 25.60
N ILE A 305 -4.44 -68.79 26.39
CA ILE A 305 -3.90 -69.39 27.64
C ILE A 305 -3.17 -68.42 28.60
N ILE A 306 -2.94 -67.20 28.11
CA ILE A 306 -2.45 -66.05 28.86
C ILE A 306 -3.59 -65.08 29.16
N ALA A 307 -4.29 -64.62 28.13
CA ALA A 307 -5.32 -63.59 28.31
C ALA A 307 -6.37 -63.94 29.38
N PRO A 308 -6.82 -65.19 29.47
CA PRO A 308 -7.60 -65.60 30.65
C PRO A 308 -6.95 -65.05 31.94
N TYR A 309 -5.67 -65.36 32.19
CA TYR A 309 -4.95 -64.91 33.38
C TYR A 309 -4.82 -63.39 33.45
N LEU A 310 -4.38 -62.79 32.35
CA LEU A 310 -4.09 -61.37 32.31
C LEU A 310 -5.27 -60.47 32.64
N GLU A 311 -6.41 -60.73 31.98
CA GLU A 311 -7.65 -59.93 32.09
C GLU A 311 -8.35 -60.22 33.42
N LYS A 312 -8.12 -61.39 33.96
CA LYS A 312 -8.45 -61.66 35.35
C LYS A 312 -7.71 -60.67 36.29
N LYS A 313 -6.37 -60.59 36.21
CA LYS A 313 -5.53 -59.63 36.97
C LYS A 313 -5.97 -58.16 36.69
N PHE A 314 -6.13 -57.83 35.41
CA PHE A 314 -6.58 -56.51 34.93
C PHE A 314 -8.01 -56.14 35.36
N LYS A 315 -8.90 -57.11 35.54
CA LYS A 315 -10.26 -56.80 36.05
C LYS A 315 -10.26 -56.53 37.56
N LYS A 316 -9.39 -57.26 38.29
CA LYS A 316 -9.20 -57.10 39.74
C LYS A 316 -8.69 -55.69 40.06
N TRP A 317 -7.82 -55.19 39.19
CA TRP A 317 -7.34 -53.81 39.20
C TRP A 317 -8.44 -52.79 38.90
N SER A 318 -9.64 -53.26 38.53
CA SER A 318 -10.79 -52.34 38.43
C SER A 318 -11.29 -51.90 39.83
N THR A 319 -10.50 -52.14 40.85
CA THR A 319 -10.66 -51.46 42.14
C THR A 319 -9.34 -50.74 42.53
N ILE A 320 -9.32 -49.48 42.10
CA ILE A 320 -8.20 -48.52 41.88
C ILE A 320 -8.64 -47.81 40.57
N TRP A 321 -9.97 -47.75 40.43
CA TRP A 321 -10.71 -47.25 39.27
C TRP A 321 -12.14 -47.79 39.41
N ASN A 322 -12.42 -48.28 40.62
CA ASN A 322 -13.65 -49.01 40.98
C ASN A 322 -14.78 -48.96 39.94
N GLU A 323 -14.81 -49.97 39.06
CA GLU A 323 -15.88 -50.19 38.05
C GLU A 323 -16.59 -48.92 37.48
N PHE A 324 -16.56 -48.81 36.15
CA PHE A 324 -17.05 -47.66 35.39
C PHE A 324 -15.91 -46.91 34.75
N ASN A 325 -16.26 -46.05 33.80
CA ASN A 325 -15.25 -45.27 33.08
C ASN A 325 -14.91 -43.92 33.75
N ASN A 326 -15.16 -43.83 35.06
CA ASN A 326 -14.73 -42.65 35.83
C ASN A 326 -13.24 -42.33 35.63
N TYR A 327 -12.51 -43.27 34.99
CA TYR A 327 -11.16 -43.04 34.45
C TYR A 327 -10.94 -43.88 33.18
N GLU A 328 -9.73 -43.83 32.65
CA GLU A 328 -9.42 -44.39 31.31
C GLU A 328 -8.19 -45.30 31.31
N THR A 329 -8.40 -46.60 31.46
CA THR A 329 -7.30 -47.54 31.72
C THR A 329 -6.79 -48.39 30.52
N THR A 330 -5.50 -48.70 30.52
CA THR A 330 -4.93 -49.58 29.52
C THR A 330 -3.80 -50.36 30.16
N LEU A 331 -3.66 -51.63 29.75
CA LEU A 331 -2.57 -52.50 30.20
C LEU A 331 -1.37 -52.27 29.29
N VAL A 332 -0.22 -51.98 29.88
CA VAL A 332 0.98 -51.70 29.12
C VAL A 332 1.90 -52.89 29.19
N ILE A 333 2.36 -53.40 28.05
CA ILE A 333 3.40 -54.44 28.04
C ILE A 333 4.78 -53.83 27.78
N HIS A 334 5.73 -54.01 28.70
CA HIS A 334 7.10 -53.50 28.45
C HIS A 334 8.07 -54.58 27.99
N GLY A 335 7.63 -55.84 28.05
CA GLY A 335 8.37 -56.93 27.46
C GLY A 335 7.77 -58.30 27.64
N ILE A 336 8.11 -59.19 26.71
CA ILE A 336 7.64 -60.56 26.72
C ILE A 336 8.86 -61.35 26.35
N SER A 337 9.00 -62.50 26.98
CA SER A 337 10.02 -63.48 26.63
C SER A 337 9.60 -64.88 27.08
N LEU A 338 9.84 -65.87 26.23
CA LEU A 338 9.73 -67.28 26.60
C LEU A 338 10.88 -67.73 27.51
N SER A 339 10.60 -68.78 28.29
CA SER A 339 11.61 -69.61 28.95
C SER A 339 12.64 -70.07 27.93
N PRO A 340 13.87 -70.29 28.38
CA PRO A 340 14.87 -70.89 27.52
C PRO A 340 14.30 -72.19 26.98
N ASP A 341 13.66 -72.99 27.81
CA ASP A 341 13.07 -74.24 27.30
C ASP A 341 11.75 -74.03 26.58
N GLY A 342 11.24 -72.80 26.61
CA GLY A 342 10.01 -72.45 25.91
C GLY A 342 8.71 -72.97 26.53
N TYR A 343 8.75 -73.37 27.79
CA TYR A 343 7.57 -73.94 28.39
C TYR A 343 6.78 -72.94 29.20
N SER A 344 7.41 -71.85 29.58
CA SER A 344 6.70 -70.82 30.35
C SER A 344 6.81 -69.49 29.61
N ILE A 345 6.05 -68.50 30.05
CA ILE A 345 6.15 -67.16 29.53
C ILE A 345 6.26 -66.17 30.64
N ALA A 346 7.12 -65.17 30.42
CA ALA A 346 7.29 -64.02 31.31
C ALA A 346 6.81 -62.75 30.61
N ILE A 347 5.96 -61.99 31.28
CA ILE A 347 5.48 -60.76 30.71
C ILE A 347 5.74 -59.63 31.69
N VAL A 348 6.49 -58.64 31.25
CA VAL A 348 6.64 -57.44 32.05
C VAL A 348 5.47 -56.54 31.65
N TYR A 349 4.69 -56.11 32.64
CA TYR A 349 3.56 -55.26 32.34
C TYR A 349 3.32 -54.21 33.43
N ASP A 350 2.48 -53.25 33.08
CA ASP A 350 2.16 -52.16 33.93
C ASP A 350 0.67 -51.87 33.67
N MET A 351 -0.03 -51.30 34.65
CA MET A 351 -1.42 -50.95 34.44
C MET A 351 -1.68 -49.53 34.94
N GLU A 352 -2.17 -48.64 34.07
CA GLU A 352 -2.46 -47.25 34.45
C GLU A 352 -3.76 -46.71 33.88
N ARG A 353 -3.86 -45.37 33.91
CA ARG A 353 -5.11 -44.64 33.84
C ARG A 353 -5.17 -43.52 32.81
N VAL A 354 -5.94 -42.49 33.18
CA VAL A 354 -6.14 -41.22 32.46
C VAL A 354 -4.87 -40.56 31.92
N ALA A 355 -4.67 -39.31 32.33
CA ALA A 355 -3.76 -38.36 31.67
C ALA A 355 -2.33 -38.29 32.23
N PHE A 356 -2.04 -39.17 33.20
CA PHE A 356 -0.72 -39.27 33.88
C PHE A 356 -0.28 -37.94 34.61
N LYS A 357 0.73 -38.05 35.48
CA LYS A 357 1.34 -36.90 36.19
C LYS A 357 2.87 -37.08 36.28
N TYR A 358 3.46 -37.33 35.11
CA TYR A 358 4.84 -37.87 34.91
C TYR A 358 5.53 -38.79 35.98
N LYS A 359 5.72 -38.26 37.20
CA LYS A 359 6.31 -38.98 38.38
C LYS A 359 7.79 -39.42 38.17
N ILE A 360 8.73 -38.64 38.72
CA ILE A 360 10.16 -38.70 38.35
C ILE A 360 10.76 -40.11 38.29
N ALA A 361 11.62 -40.31 37.27
CA ALA A 361 12.57 -41.45 37.10
C ALA A 361 12.44 -42.68 38.06
N SER A 362 13.15 -42.56 39.20
CA SER A 362 13.10 -43.50 40.33
C SER A 362 11.83 -43.21 41.19
N GLU A 363 10.82 -44.06 40.96
CA GLU A 363 9.43 -43.83 41.36
C GLU A 363 8.59 -44.22 40.10
N GLN A 364 7.88 -45.36 40.20
CA GLN A 364 7.41 -46.08 39.02
C GLN A 364 7.75 -47.58 39.17
N SER A 365 6.77 -48.47 39.28
CA SER A 365 7.08 -49.91 39.34
C SER A 365 6.40 -50.74 38.26
N PHE A 366 6.83 -52.00 38.09
CA PHE A 366 6.28 -52.92 37.08
C PHE A 366 5.97 -54.26 37.70
N ASN A 367 5.37 -55.16 36.92
CA ASN A 367 5.14 -56.52 37.38
C ASN A 367 5.56 -57.49 36.32
N ILE A 368 6.25 -58.55 36.72
CA ILE A 368 6.47 -59.65 35.79
C ILE A 368 5.60 -60.84 36.16
N MET A 369 4.78 -61.26 35.19
CA MET A 369 3.87 -62.37 35.33
C MET A 369 4.55 -63.59 34.73
N PHE A 370 4.49 -64.73 35.42
CA PHE A 370 5.04 -65.99 34.89
C PHE A 370 3.99 -67.05 34.72
N ALA A 371 3.81 -67.53 33.50
CA ALA A 371 2.70 -68.43 33.24
C ALA A 371 3.09 -69.63 32.36
N PRO A 372 2.53 -70.82 32.62
CA PRO A 372 2.88 -72.03 31.86
C PRO A 372 2.17 -72.05 30.52
N LEU A 373 2.85 -72.38 29.42
CA LEU A 373 2.17 -72.38 28.11
C LEU A 373 1.53 -73.72 27.70
N TYR A 374 1.78 -74.78 28.50
CA TYR A 374 1.27 -76.13 28.20
C TYR A 374 0.81 -76.88 29.47
N HIS A 375 0.33 -78.10 29.30
CA HIS A 375 -0.08 -78.89 30.45
C HIS A 375 1.04 -79.80 30.97
N THR A 376 2.04 -80.11 30.13
CA THR A 376 3.25 -80.85 30.57
C THR A 376 4.59 -80.25 30.06
N TRP A 377 5.71 -80.64 30.68
CA TRP A 377 7.05 -80.12 30.28
C TRP A 377 8.18 -81.16 30.28
N THR A 378 9.38 -80.73 29.89
CA THR A 378 10.55 -81.58 29.91
C THR A 378 11.84 -80.83 30.25
N ILE A 379 12.82 -81.64 30.62
CA ILE A 379 14.09 -81.13 30.96
C ILE A 379 14.75 -80.94 29.62
N SER A 380 14.76 -79.70 29.15
CA SER A 380 15.31 -79.40 27.85
C SER A 380 16.79 -79.14 27.91
N GLU A 381 17.49 -79.41 26.81
CA GLU A 381 18.91 -79.10 26.74
C GLU A 381 19.12 -77.61 26.61
N ARG A 382 18.03 -76.89 26.38
CA ARG A 382 18.07 -75.46 26.13
C ARG A 382 18.11 -74.60 27.37
N ALA A 383 17.90 -75.23 28.53
CA ALA A 383 18.01 -74.57 29.85
C ALA A 383 18.95 -75.38 30.72
N VAL A 384 19.51 -74.74 31.74
CA VAL A 384 20.34 -75.44 32.73
C VAL A 384 20.00 -75.00 34.12
N GLY A 385 20.45 -75.76 35.12
CA GLY A 385 20.26 -75.38 36.50
C GLY A 385 18.89 -74.81 36.83
N LEU A 386 18.88 -73.67 37.51
CA LEU A 386 17.63 -73.20 38.05
C LEU A 386 16.59 -72.89 37.00
N ALA A 387 17.02 -72.65 35.77
CA ALA A 387 16.06 -72.41 34.70
C ALA A 387 15.05 -73.57 34.65
N TRP A 388 15.52 -74.79 34.88
CA TRP A 388 14.66 -75.96 34.95
C TRP A 388 13.78 -75.83 36.14
N TYR A 389 14.38 -75.53 37.29
CA TYR A 389 13.65 -75.41 38.55
C TYR A 389 12.47 -74.44 38.44
N GLN A 390 12.72 -73.29 37.81
CA GLN A 390 11.69 -72.34 37.49
C GLN A 390 10.53 -72.98 36.76
N THR A 391 10.80 -73.74 35.70
CA THR A 391 9.74 -74.36 34.95
C THR A 391 9.00 -75.28 35.90
N TYR A 392 9.74 -76.07 36.67
CA TYR A 392 9.11 -76.96 37.64
C TYR A 392 8.10 -76.20 38.49
N GLN A 393 8.52 -75.06 39.01
CA GLN A 393 7.68 -74.28 39.89
C GLN A 393 6.52 -73.71 39.15
N ILE A 394 6.76 -73.16 37.98
CA ILE A 394 5.72 -72.53 37.19
C ILE A 394 4.66 -73.52 36.75
N TYR A 395 5.07 -74.77 36.58
CA TYR A 395 4.16 -75.88 36.33
C TYR A 395 3.64 -76.53 37.62
N ASN A 396 3.37 -75.71 38.63
CA ASN A 396 2.82 -76.13 39.91
C ASN A 396 3.42 -77.37 40.57
N GLN A 397 4.74 -77.56 40.44
CA GLN A 397 5.39 -78.70 41.05
C GLN A 397 5.19 -80.01 40.33
N SER A 398 4.71 -79.98 39.08
CA SER A 398 4.63 -81.20 38.27
C SER A 398 6.01 -81.70 37.85
N LEU A 399 6.31 -82.96 38.09
CA LEU A 399 7.55 -83.50 37.57
C LEU A 399 7.46 -83.47 36.04
N PRO A 400 8.58 -83.41 35.34
CA PRO A 400 8.55 -83.30 33.91
C PRO A 400 8.33 -84.69 33.37
N LYS A 401 8.35 -84.84 32.05
CA LYS A 401 7.98 -86.09 31.50
C LYS A 401 8.90 -87.24 31.84
N LEU A 402 10.14 -87.26 31.38
CA LEU A 402 11.07 -88.39 31.67
C LEU A 402 10.80 -89.69 30.88
N PRO A 403 11.83 -90.28 30.27
CA PRO A 403 11.64 -91.44 29.42
C PRO A 403 11.11 -92.60 30.21
N GLU A 404 10.51 -93.57 29.53
CA GLU A 404 10.02 -94.75 30.27
C GLU A 404 11.26 -95.44 30.82
N ASN A 405 11.05 -96.28 31.83
CA ASN A 405 12.13 -97.09 32.36
C ASN A 405 13.43 -96.35 32.70
N PHE A 406 13.38 -95.01 32.79
CA PHE A 406 14.45 -94.27 33.46
C PHE A 406 14.18 -94.23 34.95
N SER A 407 15.19 -94.50 35.74
CA SER A 407 15.07 -94.35 37.17
C SER A 407 16.33 -93.69 37.72
N MET A 408 16.22 -93.09 38.90
CA MET A 408 17.29 -92.20 39.33
C MET A 408 18.60 -92.88 39.66
N ASN A 409 18.52 -94.15 40.10
CA ASN A 409 19.72 -95.00 40.14
C ASN A 409 19.71 -95.95 38.95
N LYS A 410 19.77 -95.39 37.77
CA LYS A 410 20.10 -96.16 36.61
C LYS A 410 21.25 -95.45 35.93
N LYS A 411 22.17 -96.26 35.41
CA LYS A 411 23.48 -95.86 34.96
C LYS A 411 23.50 -94.78 33.90
N LEU A 412 24.49 -93.91 33.97
CA LEU A 412 24.73 -92.93 32.92
C LEU A 412 25.00 -93.64 31.60
N LEU A 413 24.67 -92.98 30.48
CA LEU A 413 24.84 -93.57 29.14
C LEU A 413 24.46 -95.05 29.15
N ASN A 414 23.39 -95.36 29.90
CA ASN A 414 22.93 -96.72 30.00
C ASN A 414 24.02 -97.72 30.41
N GLY A 415 25.02 -97.24 31.13
CA GLY A 415 26.04 -98.12 31.69
C GLY A 415 27.19 -98.26 30.71
N ASN A 416 26.85 -98.13 29.44
CA ASN A 416 27.82 -98.15 28.38
C ASN A 416 28.83 -96.99 28.39
N TYR A 417 29.81 -97.06 29.30
CA TYR A 417 30.74 -95.94 29.61
C TYR A 417 31.93 -95.85 28.64
N PRO A 418 32.13 -94.71 27.98
CA PRO A 418 33.22 -94.55 27.00
C PRO A 418 34.63 -94.38 27.62
N ILE A 419 35.09 -95.37 28.36
CA ILE A 419 36.31 -95.23 29.17
C ILE A 419 37.57 -95.11 28.34
N SER A 420 37.47 -95.34 27.04
CA SER A 420 38.59 -95.24 26.11
C SER A 420 38.98 -93.80 25.84
N LEU A 421 38.04 -92.89 26.09
CA LEU A 421 38.26 -91.46 25.92
C LEU A 421 39.27 -90.88 26.89
N ASP A 422 39.83 -89.74 26.54
CA ASP A 422 40.74 -89.02 27.43
C ASP A 422 39.87 -88.45 28.52
N PHE A 423 40.46 -88.20 29.68
CA PHE A 423 39.62 -87.92 30.84
C PHE A 423 38.65 -86.77 30.66
N GLN A 424 39.08 -85.77 29.90
CA GLN A 424 38.33 -84.55 29.87
C GLN A 424 37.11 -84.73 28.94
N SER A 425 37.32 -85.50 27.86
CA SER A 425 36.27 -85.89 26.89
C SER A 425 35.32 -86.81 27.59
N TYR A 426 35.86 -87.68 28.41
CA TYR A 426 35.05 -88.60 29.15
C TYR A 426 34.10 -87.85 30.10
N LEU A 427 34.53 -86.73 30.67
CA LEU A 427 33.62 -86.05 31.59
C LEU A 427 32.52 -85.31 30.81
N ASN A 428 32.89 -84.76 29.64
CA ASN A 428 31.92 -84.08 28.78
C ASN A 428 30.88 -85.06 28.36
N ALA A 429 31.39 -86.22 27.95
CA ALA A 429 30.57 -87.30 27.50
C ALA A 429 29.47 -87.55 28.55
N LEU A 430 29.85 -87.62 29.82
CA LEU A 430 28.90 -87.90 30.88
C LEU A 430 27.95 -86.73 31.05
N MET A 431 28.48 -85.53 30.99
CA MET A 431 27.71 -84.33 31.31
C MET A 431 26.59 -84.12 30.32
N LYS A 432 26.89 -84.41 29.06
CA LYS A 432 25.92 -84.36 27.99
C LYS A 432 24.84 -85.45 28.08
N SER A 433 25.15 -86.56 28.75
CA SER A 433 24.27 -87.69 28.81
C SER A 433 22.88 -87.26 29.26
N GLU A 434 21.87 -87.96 28.76
CA GLU A 434 20.50 -87.65 29.10
C GLU A 434 20.19 -87.92 30.56
N GLU A 435 20.76 -89.00 31.09
CA GLU A 435 20.47 -89.37 32.45
C GLU A 435 20.97 -88.31 33.41
N MET A 436 22.22 -87.85 33.22
CA MET A 436 22.85 -86.83 34.08
C MET A 436 21.97 -85.59 34.25
N ARG A 437 21.38 -85.15 33.13
CA ARG A 437 20.46 -83.98 33.08
C ARG A 437 19.25 -84.23 33.95
N ILE A 438 18.59 -85.38 33.77
CA ILE A 438 17.38 -85.69 34.50
C ILE A 438 17.70 -85.80 35.96
N ILE A 439 18.79 -86.51 36.27
CA ILE A 439 19.25 -86.62 37.65
C ILE A 439 19.50 -85.26 38.27
N MET A 440 20.23 -84.41 37.55
CA MET A 440 20.52 -83.06 38.00
C MET A 440 19.25 -82.32 38.37
N PHE A 441 18.27 -82.28 37.48
CA PHE A 441 17.06 -81.59 37.81
C PHE A 441 16.38 -82.23 39.02
N LEU A 442 16.21 -83.54 38.99
CA LEU A 442 15.44 -84.19 40.04
C LEU A 442 16.07 -83.98 41.41
N ASN A 443 17.38 -83.82 41.42
CA ASN A 443 18.09 -83.53 42.65
C ASN A 443 17.58 -82.28 43.31
N MET A 444 16.94 -81.40 42.53
CA MET A 444 16.42 -80.15 43.04
C MET A 444 15.07 -80.36 43.68
N THR A 445 14.54 -81.58 43.53
CA THR A 445 13.18 -81.92 43.91
C THR A 445 13.20 -82.68 45.20
N ILE A 446 14.25 -83.46 45.37
CA ILE A 446 14.33 -84.40 46.47
C ILE A 446 15.14 -83.82 47.61
N ASP A 447 14.95 -84.45 48.76
CA ASP A 447 15.62 -84.06 49.99
C ASP A 447 17.10 -84.24 49.97
N LYS A 448 17.64 -85.25 49.30
CA LYS A 448 19.09 -85.55 49.42
C LYS A 448 19.72 -85.80 48.07
N PRO A 449 20.16 -84.75 47.42
CA PRO A 449 20.79 -84.87 46.13
C PRO A 449 21.77 -86.05 46.16
N SER A 450 21.72 -86.93 45.15
CA SER A 450 22.70 -88.03 45.00
C SER A 450 23.48 -87.86 43.71
N ILE A 451 24.72 -88.32 43.66
CA ILE A 451 25.41 -88.32 42.33
C ILE A 451 25.98 -89.68 42.01
N LEU A 452 25.34 -90.73 42.57
CA LEU A 452 25.89 -92.08 42.53
C LEU A 452 26.06 -92.55 41.10
N SER A 453 25.01 -92.37 40.30
CA SER A 453 25.06 -92.88 38.96
C SER A 453 26.25 -92.23 38.31
N PHE A 454 26.51 -90.97 38.64
CA PHE A 454 27.72 -90.27 38.15
C PHE A 454 29.01 -90.83 38.77
N LEU A 455 28.98 -91.07 40.08
CA LEU A 455 30.17 -91.57 40.77
C LEU A 455 30.65 -92.91 40.25
N GLU A 456 29.69 -93.73 39.84
CA GLU A 456 30.03 -95.03 39.34
C GLU A 456 30.77 -94.89 38.02
N ALA A 457 30.26 -94.02 37.16
CA ALA A 457 30.92 -93.74 35.90
C ALA A 457 32.35 -93.30 36.21
N LEU A 458 32.50 -92.29 37.07
CA LEU A 458 33.82 -91.89 37.56
C LEU A 458 34.68 -93.05 37.96
N TYR A 459 34.10 -93.99 38.71
CA TYR A 459 34.87 -95.06 39.29
C TYR A 459 35.34 -96.01 38.22
N GLU A 460 34.40 -96.43 37.38
CA GLU A 460 34.76 -97.30 36.27
C GLU A 460 35.88 -96.75 35.41
N TYR A 461 35.95 -95.41 35.33
CA TYR A 461 37.04 -94.72 34.63
C TYR A 461 38.36 -94.90 35.35
N ALA A 462 38.39 -94.64 36.65
CA ALA A 462 39.65 -94.61 37.38
C ALA A 462 40.31 -96.00 37.39
N ILE A 463 39.49 -96.96 37.79
CA ILE A 463 39.83 -98.36 37.89
C ILE A 463 40.43 -98.88 36.61
N ASN A 464 39.90 -98.39 35.51
CA ASN A 464 40.41 -98.84 34.26
C ASN A 464 41.87 -98.48 34.17
N LYS A 465 42.26 -97.40 34.83
CA LYS A 465 43.61 -96.93 34.71
C LYS A 465 44.31 -97.06 36.03
N LYS A 466 44.21 -98.23 36.66
CA LYS A 466 44.64 -98.39 38.05
C LYS A 466 46.12 -98.16 38.23
N SER A 467 46.87 -98.58 37.25
CA SER A 467 48.31 -98.46 37.29
C SER A 467 48.73 -97.00 37.15
N GLU A 468 47.78 -96.13 36.79
CA GLU A 468 48.01 -94.68 36.71
C GLU A 468 47.42 -93.88 37.87
N LEU A 469 47.08 -94.50 38.98
CA LEU A 469 46.59 -93.71 40.10
C LEU A 469 47.70 -93.64 41.15
N THR A 470 48.74 -92.86 40.89
CA THR A 470 49.93 -92.95 41.69
C THR A 470 50.08 -91.70 42.50
N ASN A 471 49.13 -90.78 42.31
CA ASN A 471 48.99 -89.57 43.08
C ASN A 471 48.09 -89.75 44.34
N SER A 472 48.55 -89.27 45.48
CA SER A 472 47.81 -89.53 46.68
C SER A 472 46.46 -88.85 46.76
N PHE A 473 46.33 -87.64 46.24
CA PHE A 473 44.98 -87.05 46.18
C PHE A 473 44.02 -87.88 45.31
N ASP A 474 44.48 -88.23 44.11
CA ASP A 474 43.73 -89.15 43.29
C ASP A 474 43.42 -90.39 44.09
N LEU A 475 44.41 -91.00 44.71
CA LEU A 475 44.13 -92.16 45.57
C LEU A 475 42.99 -91.97 46.58
N ALA A 476 43.18 -91.02 47.50
CA ALA A 476 42.23 -90.70 48.56
C ALA A 476 40.87 -90.50 47.95
N CYS A 477 40.88 -89.89 46.77
CA CYS A 477 39.66 -89.63 46.05
C CYS A 477 38.93 -90.93 45.57
N VAL A 478 39.55 -91.73 44.68
CA VAL A 478 38.92 -93.00 44.27
C VAL A 478 38.60 -93.92 45.46
N LEU A 479 39.46 -93.96 46.47
CA LEU A 479 39.13 -94.71 47.68
C LEU A 479 37.78 -94.29 48.24
N SER A 480 37.59 -92.98 48.32
CA SER A 480 36.38 -92.43 48.87
C SER A 480 35.21 -92.87 48.03
N ILE A 481 35.34 -92.74 46.72
CA ILE A 481 34.29 -93.12 45.77
C ILE A 481 33.93 -94.59 45.91
N ALA A 482 34.94 -95.45 45.92
CA ALA A 482 34.74 -96.86 46.11
C ALA A 482 33.92 -97.14 47.34
N ALA A 483 34.20 -96.43 48.43
CA ALA A 483 33.39 -96.60 49.64
C ALA A 483 31.91 -96.25 49.45
N ILE A 484 31.63 -95.10 48.83
CA ILE A 484 30.26 -94.66 48.68
C ILE A 484 29.59 -95.72 47.85
N LEU A 485 30.27 -96.18 46.81
CA LEU A 485 29.67 -97.12 45.90
C LEU A 485 29.65 -98.49 46.46
N LYS A 486 30.06 -98.65 47.72
CA LYS A 486 30.14 -99.97 48.39
C LYS A 486 30.80 -101.02 47.47
N ARG A 487 31.91 -100.62 46.87
CA ARG A 487 32.52 -101.33 45.78
C ARG A 487 34.02 -101.57 46.04
N GLU A 488 34.53 -102.71 45.56
CA GLU A 488 35.91 -103.17 45.79
C GLU A 488 36.89 -102.04 45.49
N ALA A 489 37.65 -101.57 46.47
CA ALA A 489 38.64 -100.49 46.20
C ALA A 489 39.96 -101.12 45.84
N PRO A 490 40.88 -100.35 45.26
CA PRO A 490 42.29 -100.79 45.15
C PRO A 490 42.86 -100.69 46.55
N ILE A 491 43.79 -101.58 46.95
CA ILE A 491 44.45 -101.30 48.24
C ILE A 491 45.57 -100.26 48.09
N TYR A 492 46.26 -100.01 49.20
CA TYR A 492 46.94 -98.74 49.38
C TYR A 492 47.58 -98.76 50.78
N ASN A 493 48.50 -97.83 51.03
CA ASN A 493 49.13 -97.80 52.33
C ASN A 493 49.84 -96.53 52.73
N GLY A 494 49.48 -95.41 52.12
CA GLY A 494 50.08 -94.16 52.52
C GLY A 494 49.16 -93.37 53.44
N THR A 495 49.60 -92.16 53.75
CA THR A 495 48.75 -91.17 54.35
C THR A 495 48.64 -90.10 53.26
N LEU A 496 47.98 -89.00 53.56
CA LEU A 496 47.84 -87.90 52.64
C LEU A 496 48.07 -86.64 53.45
N LEU A 497 48.75 -85.67 52.86
CA LEU A 497 49.03 -84.40 53.51
C LEU A 497 48.34 -83.24 52.75
N MET A 498 47.43 -82.53 53.40
CA MET A 498 46.80 -81.43 52.69
C MET A 498 46.98 -80.08 53.33
N LYS A 499 46.87 -79.02 52.54
CA LYS A 499 47.27 -77.74 53.07
C LYS A 499 46.22 -76.70 52.80
N ASN A 500 46.43 -75.55 53.42
CA ASN A 500 45.79 -74.27 53.06
C ASN A 500 46.84 -73.21 53.26
N SER A 501 46.51 -71.95 53.00
CA SER A 501 47.48 -70.87 53.09
C SER A 501 48.43 -70.94 54.28
N PHE A 502 47.98 -71.51 55.39
CA PHE A 502 48.65 -71.27 56.65
C PHE A 502 48.88 -72.51 57.50
N LEU A 503 48.42 -73.67 57.03
CA LEU A 503 48.33 -74.86 57.90
C LEU A 503 48.31 -76.20 57.18
N GLU A 504 48.71 -77.27 57.83
CA GLU A 504 48.57 -78.60 57.20
C GLU A 504 47.99 -79.65 58.12
N GLU A 505 47.29 -80.59 57.48
CA GLU A 505 46.64 -81.68 58.15
C GLU A 505 46.94 -82.86 57.31
N THR A 506 47.46 -83.91 57.93
CA THR A 506 47.66 -85.18 57.25
C THR A 506 46.52 -86.15 57.57
N PHE A 507 46.26 -87.09 56.66
CA PHE A 507 45.11 -88.00 56.72
C PHE A 507 45.59 -89.39 56.39
N ASN A 508 45.15 -90.41 57.12
CA ASN A 508 45.46 -91.78 56.69
C ASN A 508 44.58 -92.19 55.56
N LEU A 509 45.20 -92.74 54.53
CA LEU A 509 44.41 -93.18 53.39
C LEU A 509 43.19 -94.02 53.85
N GLU A 510 43.30 -94.86 54.92
CA GLU A 510 42.11 -95.57 55.45
C GLU A 510 40.94 -94.62 55.55
N SER A 511 41.12 -93.61 56.39
CA SER A 511 40.02 -92.79 56.91
C SER A 511 39.17 -92.06 55.85
N PHE A 512 39.55 -92.25 54.59
CA PHE A 512 38.71 -91.87 53.48
C PHE A 512 37.56 -92.85 53.19
N THR A 513 37.49 -93.93 53.94
CA THR A 513 36.46 -94.90 53.70
C THR A 513 35.52 -94.85 54.89
N ALA A 514 36.00 -94.32 56.00
CA ALA A 514 35.21 -94.41 57.23
C ALA A 514 33.83 -93.76 57.08
N ASP A 515 33.76 -92.59 56.47
CA ASP A 515 32.50 -91.85 56.49
C ASP A 515 32.28 -91.07 55.22
N PRO A 516 31.05 -91.14 54.69
CA PRO A 516 30.70 -90.53 53.41
C PRO A 516 30.74 -89.03 53.38
N GLU A 517 30.43 -88.39 54.52
CA GLU A 517 30.29 -86.93 54.67
C GLU A 517 31.52 -86.19 55.12
N THR A 518 32.28 -86.80 56.02
CA THR A 518 33.41 -86.12 56.61
C THR A 518 34.58 -87.04 56.46
N VAL A 519 35.78 -86.46 56.56
CA VAL A 519 37.00 -87.23 56.84
C VAL A 519 37.67 -86.67 58.10
N THR A 520 38.25 -87.54 58.93
CA THR A 520 39.01 -87.11 60.10
C THR A 520 40.50 -87.27 59.94
N SER A 521 41.22 -86.28 60.45
CA SER A 521 42.68 -86.24 60.32
C SER A 521 43.44 -86.99 61.41
N THR A 522 44.66 -87.30 61.07
CA THR A 522 45.77 -87.67 61.96
C THR A 522 45.86 -86.91 63.27
N THR A 523 45.61 -85.60 63.30
CA THR A 523 45.59 -84.80 64.53
C THR A 523 44.20 -84.70 65.13
N ASN A 524 43.32 -85.53 64.60
CA ASN A 524 41.96 -85.70 65.12
C ASN A 524 41.02 -84.53 64.94
N ASN A 525 41.21 -83.75 63.86
CA ASN A 525 40.27 -82.70 63.49
C ASN A 525 39.47 -83.21 62.34
N THR A 526 38.15 -83.12 62.46
CA THR A 526 37.31 -83.62 61.39
C THR A 526 36.78 -82.54 60.43
N TRP A 527 36.93 -82.76 59.14
CA TRP A 527 36.57 -81.78 58.13
C TRP A 527 35.51 -82.32 57.19
N LYS A 528 34.83 -81.41 56.50
CA LYS A 528 33.85 -81.77 55.50
C LYS A 528 34.54 -82.17 54.21
N ARG A 529 33.76 -82.75 53.28
CA ARG A 529 34.37 -83.26 52.09
C ARG A 529 34.06 -82.39 50.88
N CYS A 530 34.84 -82.58 49.85
CA CYS A 530 34.79 -81.76 48.66
C CYS A 530 33.53 -81.95 47.89
N GLY A 531 33.03 -83.17 47.71
CA GLY A 531 31.75 -83.20 47.00
C GLY A 531 31.81 -83.19 45.48
N VAL A 532 32.94 -82.80 44.90
CA VAL A 532 33.27 -83.27 43.58
C VAL A 532 34.34 -84.32 43.76
N THR A 533 35.20 -84.09 44.73
CA THR A 533 36.45 -84.81 44.84
C THR A 533 36.35 -85.78 46.03
N LEU A 534 35.49 -85.43 47.00
CA LEU A 534 35.40 -86.13 48.29
C LEU A 534 36.62 -85.90 49.22
N LEU A 535 37.59 -85.10 48.75
CA LEU A 535 38.80 -84.66 49.46
C LEU A 535 38.49 -83.75 50.67
N PRO A 536 39.44 -83.57 51.58
CA PRO A 536 39.15 -82.78 52.75
C PRO A 536 38.98 -81.30 52.37
N ILE A 537 38.09 -80.60 53.11
CA ILE A 537 38.01 -79.13 53.00
C ILE A 537 38.66 -78.40 54.16
N LEU A 538 39.80 -77.79 53.86
CA LEU A 538 40.65 -77.15 54.84
C LEU A 538 40.59 -75.63 54.74
N THR A 539 39.75 -75.12 53.85
CA THR A 539 39.97 -73.76 53.32
C THR A 539 38.66 -73.01 53.09
N THR A 540 38.64 -71.72 53.42
CA THR A 540 37.50 -70.85 53.10
C THR A 540 37.20 -70.86 51.65
N HIS A 541 38.23 -71.08 50.83
CA HIS A 541 38.13 -70.92 49.40
C HIS A 541 37.42 -72.02 48.67
N VAL A 542 36.13 -72.08 48.85
CA VAL A 542 35.32 -73.09 48.17
C VAL A 542 34.27 -72.48 47.30
N LYS A 543 33.68 -73.25 46.42
CA LYS A 543 32.46 -72.79 45.81
C LYS A 543 31.27 -73.57 46.36
N ILE A 544 30.07 -73.05 46.25
CA ILE A 544 28.94 -73.71 46.88
C ILE A 544 27.82 -73.90 45.87
N CYS A 545 27.25 -75.09 45.83
CA CYS A 545 26.10 -75.31 44.98
C CYS A 545 24.87 -74.83 45.74
N PRO A 546 24.10 -73.94 45.12
CA PRO A 546 23.07 -73.18 45.82
C PRO A 546 21.86 -74.02 46.17
N VAL A 547 21.72 -75.18 45.52
CA VAL A 547 20.61 -76.10 45.77
C VAL A 547 20.94 -77.13 46.85
N SER A 548 21.94 -77.97 46.56
CA SER A 548 22.44 -78.97 47.51
C SER A 548 23.31 -78.42 48.65
N LYS A 549 23.85 -77.23 48.49
CA LYS A 549 24.72 -76.64 49.48
C LYS A 549 26.03 -77.41 49.65
N GLN A 550 26.24 -78.36 48.75
CA GLN A 550 27.48 -79.08 48.70
C GLN A 550 28.60 -78.07 48.38
N ARG A 551 29.73 -78.19 49.07
CA ARG A 551 30.85 -77.26 48.88
C ARG A 551 31.98 -77.90 48.08
N VAL A 552 32.37 -77.28 46.96
CA VAL A 552 33.50 -77.73 46.08
C VAL A 552 34.83 -76.97 46.19
N ILE A 553 35.94 -77.72 46.15
CA ILE A 553 37.27 -77.11 46.29
C ILE A 553 37.51 -76.14 45.14
N ASP A 554 37.93 -74.88 45.43
CA ASP A 554 38.26 -73.97 44.34
C ASP A 554 39.70 -74.14 43.86
N ILE A 555 39.88 -74.89 42.76
CA ILE A 555 41.24 -75.24 42.33
C ILE A 555 42.00 -74.00 41.87
N LYS A 556 41.26 -73.08 41.24
CA LYS A 556 41.87 -71.82 40.78
C LYS A 556 42.46 -70.99 41.91
N ARG A 557 42.12 -71.30 43.15
CA ARG A 557 42.69 -70.61 44.30
C ARG A 557 43.59 -71.58 45.08
N ASP A 558 43.92 -72.73 44.48
CA ASP A 558 44.82 -73.71 45.15
C ASP A 558 46.23 -73.93 44.57
N ASP A 559 47.09 -72.94 44.74
CA ASP A 559 48.54 -73.11 44.50
C ASP A 559 49.20 -74.22 45.30
N LEU A 560 48.68 -74.54 46.47
CA LEU A 560 49.48 -75.26 47.41
C LEU A 560 49.51 -76.78 47.24
N ASN A 561 48.39 -77.38 46.87
CA ASN A 561 48.18 -78.81 46.95
C ASN A 561 48.34 -79.52 45.61
N ASP A 562 49.11 -80.59 45.60
CA ASP A 562 49.49 -81.19 44.33
C ASP A 562 48.54 -82.20 43.70
N TYR A 563 47.43 -81.72 43.17
CA TYR A 563 46.39 -82.61 42.67
C TYR A 563 46.84 -83.42 41.45
N GLY A 564 46.58 -84.72 41.47
CA GLY A 564 46.88 -85.57 40.33
C GLY A 564 45.86 -85.51 39.22
N TRP A 565 46.27 -86.00 38.05
CA TRP A 565 45.45 -85.94 36.84
C TRP A 565 43.97 -86.10 37.07
N PHE A 566 43.58 -87.01 37.96
CA PHE A 566 42.19 -87.40 38.06
C PHE A 566 41.52 -86.34 38.89
N THR A 567 42.05 -86.19 40.08
CA THR A 567 41.56 -85.25 41.02
C THR A 567 41.58 -83.79 40.49
N ARG A 568 42.59 -83.41 39.70
CA ARG A 568 42.64 -82.05 39.17
C ARG A 568 41.67 -81.88 38.02
N GLY A 569 41.79 -82.74 37.03
CA GLY A 569 40.82 -82.81 35.95
C GLY A 569 39.34 -82.71 36.37
N LEU A 570 39.01 -83.18 37.58
CA LEU A 570 37.66 -83.04 38.07
C LEU A 570 37.39 -81.60 38.53
N LEU A 571 38.34 -81.07 39.30
CA LEU A 571 38.17 -79.78 40.00
C LEU A 571 38.19 -78.64 39.02
N GLU A 572 38.91 -78.84 37.90
CA GLU A 572 38.98 -77.89 36.81
C GLU A 572 37.63 -77.95 36.16
N ARG A 573 37.28 -79.12 35.63
CA ARG A 573 36.01 -79.36 34.95
C ARG A 573 34.77 -78.93 35.77
N PHE A 574 34.76 -79.16 37.07
CA PHE A 574 33.58 -78.74 37.81
C PHE A 574 33.86 -77.52 38.67
N ASN A 575 34.73 -76.65 38.18
CA ASN A 575 35.05 -75.45 38.90
C ASN A 575 33.90 -74.46 38.95
N GLU A 576 33.03 -74.49 37.94
CA GLU A 576 31.90 -73.54 37.88
C GLU A 576 30.51 -74.19 37.89
N ILE A 577 30.38 -75.48 37.54
CA ILE A 577 29.06 -76.09 37.53
C ILE A 577 28.84 -77.21 38.55
N SER A 578 27.68 -77.21 39.15
CA SER A 578 27.39 -78.16 40.18
C SER A 578 27.16 -79.51 39.54
N VAL A 579 27.77 -80.57 40.05
CA VAL A 579 27.41 -81.87 39.50
C VAL A 579 26.08 -82.30 39.99
N TYR A 580 25.68 -81.84 41.18
CA TYR A 580 24.42 -82.24 41.75
C TYR A 580 23.22 -81.75 40.96
N CYS A 581 23.19 -80.47 40.61
CA CYS A 581 22.03 -79.93 39.89
C CYS A 581 22.38 -79.10 38.68
N GLY A 582 23.68 -78.93 38.43
CA GLY A 582 24.14 -78.21 37.25
C GLY A 582 23.78 -76.74 37.23
N THR A 583 23.61 -76.12 38.40
CA THR A 583 23.48 -74.68 38.56
C THR A 583 24.90 -74.20 38.73
N THR A 584 25.14 -72.89 38.63
CA THR A 584 26.53 -72.46 38.72
C THR A 584 26.86 -72.16 40.13
N LEU A 585 28.08 -72.49 40.50
CA LEU A 585 28.55 -72.44 41.87
C LEU A 585 28.84 -71.00 42.23
N GLU A 586 28.61 -70.61 43.49
CA GLU A 586 28.79 -69.22 43.99
C GLU A 586 29.98 -69.15 44.86
N VAL A 587 30.82 -68.15 44.67
CA VAL A 587 31.96 -67.95 45.59
C VAL A 587 31.34 -67.48 46.86
N MET A 588 31.70 -68.12 47.97
CA MET A 588 30.95 -67.94 49.23
C MET A 588 31.20 -66.62 50.04
N SER B 9 38.47 -18.49 15.04
CA SER B 9 36.99 -18.35 15.19
C SER B 9 36.22 -19.57 14.62
N ALA B 10 35.78 -20.46 15.52
CA ALA B 10 34.75 -21.52 15.28
C ALA B 10 35.13 -22.70 14.37
N ARG B 11 36.43 -22.92 14.22
CA ARG B 11 36.97 -23.82 13.20
C ARG B 11 36.69 -25.30 13.44
N ASP B 12 36.96 -25.79 14.65
CA ASP B 12 36.59 -27.18 14.96
C ASP B 12 35.58 -27.28 16.08
N LYS B 13 34.75 -26.24 16.19
CA LYS B 13 33.48 -26.41 16.87
C LYS B 13 32.53 -26.82 15.79
N ILE B 14 32.64 -26.13 14.66
CA ILE B 14 31.80 -26.38 13.51
C ILE B 14 32.06 -27.76 12.94
N GLU B 15 33.33 -28.19 12.96
CA GLU B 15 33.67 -29.56 12.60
C GLU B 15 33.08 -30.55 13.60
N ARG B 16 33.21 -30.27 14.89
CA ARG B 16 32.59 -31.11 15.92
C ARG B 16 31.06 -31.23 15.74
N ILE B 17 30.37 -30.14 15.42
CA ILE B 17 28.93 -30.18 15.35
C ILE B 17 28.37 -30.67 14.02
N TYR B 18 29.08 -30.40 12.92
CA TYR B 18 28.55 -30.72 11.58
C TYR B 18 29.26 -31.83 10.78
N GLY B 19 30.44 -32.24 11.23
CA GLY B 19 31.21 -33.27 10.53
C GLY B 19 32.13 -32.63 9.50
N LEU B 20 32.83 -33.46 8.73
CA LEU B 20 33.52 -33.00 7.52
C LEU B 20 32.47 -32.91 6.36
N ASN B 21 32.94 -32.95 5.12
CA ASN B 21 32.09 -32.80 3.94
C ASN B 21 32.25 -31.40 3.43
N LYS B 22 33.28 -31.21 2.61
CA LYS B 22 33.68 -29.88 2.17
C LYS B 22 32.49 -29.05 1.62
N GLU B 23 31.44 -29.73 1.17
CA GLU B 23 30.26 -29.07 0.63
C GLU B 23 29.47 -28.41 1.71
N LYS B 24 28.99 -29.21 2.66
CA LYS B 24 28.10 -28.71 3.69
C LYS B 24 28.76 -27.59 4.44
N LEU B 25 30.06 -27.77 4.69
CA LEU B 25 30.84 -26.79 5.39
C LEU B 25 30.91 -25.48 4.63
N LEU B 26 30.89 -25.57 3.30
CA LEU B 26 30.85 -24.37 2.47
C LEU B 26 29.49 -23.70 2.52
N LEU B 27 28.43 -24.48 2.71
CA LEU B 27 27.12 -23.89 2.97
C LEU B 27 27.17 -23.12 4.26
N LEU B 28 27.82 -23.72 5.24
CA LEU B 28 27.97 -23.07 6.52
C LEU B 28 28.93 -21.90 6.47
N ALA B 29 29.93 -21.94 5.58
CA ALA B 29 30.81 -20.80 5.34
C ALA B 29 30.01 -19.57 4.87
N LYS B 30 29.02 -19.81 4.01
CA LYS B 30 28.22 -18.75 3.41
C LYS B 30 27.27 -18.17 4.42
N VAL B 31 26.79 -19.03 5.31
CA VAL B 31 25.89 -18.57 6.35
C VAL B 31 26.65 -17.72 7.36
N LYS B 32 27.78 -18.21 7.86
CA LYS B 32 28.55 -17.48 8.86
C LYS B 32 28.89 -16.10 8.34
N GLU B 33 29.46 -16.04 7.14
CA GLU B 33 29.85 -14.78 6.52
C GLU B 33 28.70 -13.87 6.17
N GLY B 34 27.65 -14.42 5.56
CA GLY B 34 26.49 -13.65 5.14
C GLY B 34 25.88 -12.87 6.28
N PHE B 35 25.61 -13.56 7.37
CA PHE B 35 24.77 -13.02 8.43
C PHE B 35 25.49 -12.77 9.73
N GLU B 36 26.79 -12.98 9.74
CA GLU B 36 27.63 -12.68 10.90
C GLU B 36 27.58 -11.23 11.30
N THR B 37 27.22 -10.36 10.35
CA THR B 37 27.02 -8.94 10.63
C THR B 37 25.69 -8.73 11.34
N SER B 38 24.69 -9.51 10.89
CA SER B 38 23.28 -9.29 11.19
C SER B 38 22.89 -9.64 12.63
N VAL B 39 23.11 -8.67 13.52
CA VAL B 39 22.79 -8.86 14.93
C VAL B 39 21.28 -8.98 15.07
N PHE B 40 20.57 -7.97 14.60
CA PHE B 40 19.11 -7.96 14.68
C PHE B 40 18.42 -7.78 13.35
N ASP B 41 19.17 -7.69 12.26
CA ASP B 41 18.59 -7.36 10.97
C ASP B 41 19.56 -7.72 9.87
N PHE B 42 19.09 -8.30 8.79
CA PHE B 42 19.99 -8.68 7.71
C PHE B 42 19.71 -7.91 6.46
N PRO B 43 20.78 -7.52 5.76
CA PRO B 43 20.67 -6.93 4.42
C PRO B 43 19.82 -7.79 3.47
N PHE B 44 18.89 -7.13 2.80
CA PHE B 44 18.02 -7.74 1.80
C PHE B 44 18.84 -8.45 0.70
N LYS B 45 19.91 -7.80 0.25
CA LYS B 45 20.81 -8.37 -0.77
C LYS B 45 21.17 -9.85 -0.52
N ASN B 46 21.32 -10.24 0.74
CA ASN B 46 21.82 -11.58 1.07
C ASN B 46 20.82 -12.70 0.86
N ILE B 47 19.61 -12.34 0.46
CA ILE B 47 18.54 -13.29 0.27
C ILE B 47 18.28 -13.51 -1.21
N GLN B 48 18.87 -12.68 -2.07
CA GLN B 48 18.62 -12.82 -3.49
C GLN B 48 19.49 -13.92 -4.11
N PRO B 49 18.89 -14.75 -5.00
CA PRO B 49 19.59 -15.85 -5.62
C PRO B 49 20.98 -15.49 -6.12
N ASP B 50 21.14 -14.31 -6.69
CA ASP B 50 22.41 -13.93 -7.29
C ASP B 50 23.46 -13.48 -6.27
N SER B 51 23.10 -13.46 -4.98
CA SER B 51 24.02 -13.11 -3.89
C SER B 51 25.07 -14.21 -3.67
N PRO B 52 26.30 -13.84 -3.39
CA PRO B 52 27.36 -14.83 -3.23
C PRO B 52 27.23 -15.55 -1.91
N TYR B 53 26.26 -15.08 -1.11
CA TYR B 53 25.93 -15.63 0.20
C TYR B 53 24.57 -16.35 0.24
N PHE B 54 23.82 -16.28 -0.85
CA PHE B 54 22.50 -16.91 -0.97
C PHE B 54 22.56 -18.37 -0.57
N VAL B 55 21.88 -18.72 0.50
CA VAL B 55 21.69 -20.13 0.87
C VAL B 55 20.24 -20.35 1.17
N CYS B 56 19.65 -21.30 0.47
CA CYS B 56 18.25 -21.49 0.59
C CYS B 56 17.94 -22.95 0.65
N LEU B 57 17.46 -23.41 1.80
CA LEU B 57 17.22 -24.81 2.00
C LEU B 57 15.73 -25.13 2.02
N ASP B 58 15.18 -25.40 0.84
CA ASP B 58 13.77 -25.79 0.73
C ASP B 58 13.38 -26.90 1.70
N PRO B 59 12.13 -26.86 2.14
CA PRO B 59 11.53 -27.95 2.91
C PRO B 59 11.21 -29.18 2.07
N PRO B 60 11.19 -30.34 2.71
CA PRO B 60 11.00 -31.64 2.04
C PRO B 60 9.83 -31.68 1.04
N CYS B 61 8.75 -30.99 1.33
CA CYS B 61 7.57 -31.05 0.50
C CYS B 61 7.63 -30.15 -0.73
N LYS B 62 8.82 -29.65 -1.08
CA LYS B 62 9.05 -29.32 -2.48
C LYS B 62 9.88 -30.45 -3.07
N LYS B 63 10.71 -30.16 -4.06
CA LYS B 63 11.66 -31.16 -4.57
C LYS B 63 11.03 -32.29 -5.43
N GLU B 64 9.69 -32.40 -5.41
CA GLU B 64 9.03 -33.44 -6.22
C GLU B 64 7.89 -32.83 -6.96
N SER B 65 7.14 -31.95 -6.28
CA SER B 65 5.96 -31.36 -6.91
C SER B 65 4.76 -32.37 -7.00
N ALA B 66 4.70 -33.24 -5.99
CA ALA B 66 3.51 -33.97 -5.56
C ALA B 66 2.26 -33.89 -6.40
N TYR B 67 1.48 -32.83 -6.13
CA TYR B 67 0.09 -32.64 -6.58
C TYR B 67 -0.55 -33.86 -7.26
N ASN B 68 -0.25 -34.08 -8.54
CA ASN B 68 -0.88 -35.16 -9.29
C ASN B 68 -0.87 -36.56 -8.63
N LYS B 69 0.10 -36.78 -7.75
CA LYS B 69 0.25 -38.02 -6.98
C LYS B 69 -0.62 -38.08 -5.72
N VAL B 70 -1.11 -36.92 -5.25
CA VAL B 70 -1.72 -36.85 -3.92
C VAL B 70 -3.20 -36.38 -3.95
N ILE B 71 -3.42 -35.19 -4.52
CA ILE B 71 -4.78 -34.63 -4.72
C ILE B 71 -5.37 -35.15 -6.05
N GLY B 72 -4.48 -35.56 -6.95
CA GLY B 72 -4.82 -36.32 -8.13
C GLY B 72 -6.08 -35.87 -8.83
N ASP B 73 -7.07 -36.77 -8.87
CA ASP B 73 -8.22 -36.62 -9.75
C ASP B 73 -9.56 -36.26 -9.08
N LYS B 74 -10.17 -37.24 -8.42
CA LYS B 74 -11.42 -36.99 -7.69
C LYS B 74 -11.31 -37.19 -6.18
N ASN B 75 -10.51 -36.31 -5.57
CA ASN B 75 -10.42 -36.16 -4.13
C ASN B 75 -10.92 -34.77 -3.79
N ARG B 76 -11.17 -33.98 -4.83
CA ARG B 76 -11.30 -32.51 -4.76
C ARG B 76 -12.20 -31.92 -3.66
N THR B 77 -11.91 -30.70 -3.22
CA THR B 77 -12.60 -30.12 -2.05
C THR B 77 -14.06 -29.74 -2.39
N VAL B 78 -14.66 -28.66 -1.86
CA VAL B 78 -16.11 -28.40 -2.15
C VAL B 78 -16.72 -26.95 -2.07
N TYR B 79 -18.01 -26.87 -2.42
CA TYR B 79 -18.84 -25.67 -2.72
C TYR B 79 -18.70 -24.38 -1.88
N HIS B 80 -19.48 -23.35 -2.28
CA HIS B 80 -19.36 -21.99 -1.73
C HIS B 80 -20.63 -21.10 -1.63
N GLU B 81 -21.25 -21.06 -0.45
CA GLU B 81 -22.34 -20.12 -0.17
C GLU B 81 -21.83 -18.92 0.61
N ILE B 82 -21.61 -17.85 -0.13
CA ILE B 82 -21.39 -16.50 0.38
C ILE B 82 -22.50 -16.08 1.38
N ASN B 83 -23.35 -15.17 0.92
CA ASN B 83 -24.43 -14.58 1.69
C ASN B 83 -24.01 -13.74 2.91
N LYS B 84 -22.79 -13.95 3.43
CA LYS B 84 -22.23 -13.08 4.50
C LYS B 84 -23.07 -13.10 5.79
N THR B 85 -24.36 -12.80 5.67
CA THR B 85 -25.38 -12.99 6.72
C THR B 85 -25.43 -14.48 7.05
N GLU B 86 -25.22 -15.30 6.02
CA GLU B 86 -24.97 -16.73 6.21
C GLU B 86 -23.77 -16.94 7.11
N PHE B 87 -22.63 -16.44 6.65
CA PHE B 87 -21.41 -16.46 7.42
C PHE B 87 -21.59 -15.98 8.86
N GLU B 88 -22.51 -15.05 9.10
CA GLU B 88 -22.53 -14.33 10.39
C GLU B 88 -23.27 -14.97 11.56
N ASN B 89 -24.46 -15.50 11.35
CA ASN B 89 -25.03 -16.31 12.41
C ASN B 89 -24.50 -17.74 12.25
N MET B 90 -23.18 -17.84 12.22
CA MET B 90 -22.50 -19.06 11.85
C MET B 90 -21.06 -19.03 12.36
N ILE B 91 -20.49 -17.83 12.36
CA ILE B 91 -19.22 -17.51 13.02
C ILE B 91 -19.36 -16.08 13.54
N LYS B 92 -19.97 -15.96 14.71
CA LYS B 92 -20.15 -14.66 15.36
C LYS B 92 -18.76 -14.17 15.86
N LEU B 93 -18.20 -13.19 15.17
CA LEU B 93 -16.84 -12.77 15.50
C LEU B 93 -16.71 -11.28 15.91
N ARG B 94 -17.82 -10.57 16.02
CA ARG B 94 -17.67 -9.14 16.27
C ARG B 94 -18.44 -8.40 17.37
N THR B 95 -19.44 -7.62 16.95
CA THR B 95 -19.88 -6.43 17.67
C THR B 95 -18.75 -5.37 17.62
N LYS B 96 -17.85 -5.44 18.61
CA LYS B 96 -17.03 -4.31 19.07
C LYS B 96 -15.94 -3.76 18.11
N ARG B 97 -15.35 -2.63 18.51
CA ARG B 97 -14.18 -2.06 17.83
C ARG B 97 -13.07 -2.00 18.89
N LEU B 98 -11.90 -2.59 18.64
CA LEU B 98 -10.83 -2.54 19.64
C LEU B 98 -10.05 -1.22 19.61
N LYS B 99 -9.94 -0.58 20.77
CA LYS B 99 -9.15 0.66 20.94
C LYS B 99 -7.64 0.41 20.91
N LEU B 100 -6.98 1.06 19.96
CA LEU B 100 -5.57 0.83 19.67
C LEU B 100 -4.74 2.05 19.97
N LEU B 101 -3.45 1.85 20.17
CA LEU B 101 -2.50 2.96 20.36
C LEU B 101 -1.13 2.55 19.79
N ILE B 102 -0.80 3.11 18.64
CA ILE B 102 0.45 2.85 17.95
C ILE B 102 1.35 4.05 18.10
N GLY B 103 2.54 3.83 18.65
CA GLY B 103 3.42 4.93 18.99
C GLY B 103 2.62 5.86 19.88
N GLU B 104 2.16 6.97 19.32
CA GLU B 104 1.33 7.90 20.09
C GLU B 104 0.01 8.22 19.44
N VAL B 105 -0.40 7.38 18.50
CA VAL B 105 -1.60 7.61 17.69
C VAL B 105 -2.79 6.74 18.12
N ASP B 106 -3.87 7.38 18.56
CA ASP B 106 -5.08 6.65 18.94
C ASP B 106 -5.89 6.28 17.73
N ALA B 107 -6.18 5.00 17.59
CA ALA B 107 -7.03 4.53 16.51
C ALA B 107 -8.14 3.64 17.05
N GLU B 108 -9.17 3.42 16.25
CA GLU B 108 -10.34 2.63 16.68
C GLU B 108 -10.83 1.68 15.59
N VAL B 109 -10.17 0.52 15.54
CA VAL B 109 -10.38 -0.49 14.52
C VAL B 109 -11.48 -1.48 14.89
N SER B 110 -12.47 -1.67 14.00
CA SER B 110 -13.37 -2.84 14.10
C SER B 110 -12.86 -3.94 13.18
N THR B 111 -13.53 -5.09 13.18
CA THR B 111 -13.00 -6.25 12.48
C THR B 111 -13.08 -6.08 10.98
N GLY B 112 -11.99 -6.44 10.31
CA GLY B 112 -11.91 -6.31 8.86
C GLY B 112 -11.16 -5.06 8.46
N ASP B 113 -10.93 -4.18 9.44
CA ASP B 113 -10.12 -2.99 9.21
C ASP B 113 -8.68 -3.19 9.57
N LYS B 114 -7.85 -2.26 9.14
CA LYS B 114 -6.44 -2.33 9.40
C LYS B 114 -5.91 -0.94 9.48
N ILE B 115 -4.73 -0.80 10.07
CA ILE B 115 -4.01 0.48 10.08
C ILE B 115 -2.71 0.28 9.30
N GLU B 116 -2.48 1.12 8.29
CA GLU B 116 -1.33 0.90 7.43
C GLU B 116 -0.16 1.84 7.75
N PHE B 117 1.02 1.25 7.97
CA PHE B 117 2.21 1.98 8.45
C PHE B 117 2.68 3.14 7.57
N PRO B 118 2.62 3.01 6.25
CA PRO B 118 3.09 4.04 5.35
C PRO B 118 2.30 5.35 5.37
N VAL B 119 1.17 5.35 6.07
CA VAL B 119 0.47 6.60 6.37
C VAL B 119 0.40 6.88 7.89
N LEU B 120 1.39 6.42 8.63
CA LEU B 120 1.32 6.53 10.06
C LEU B 120 2.17 7.65 10.62
N ALA B 121 3.48 7.58 10.45
CA ALA B 121 4.30 8.60 11.08
C ALA B 121 4.95 9.47 10.02
N ASN B 122 6.27 9.45 10.03
CA ASN B 122 7.11 9.60 8.85
C ASN B 122 6.57 8.74 7.69
N GLY B 123 5.79 7.71 8.04
CA GLY B 123 5.22 6.76 7.09
C GLY B 123 6.29 5.97 6.36
N LYS B 124 7.31 5.53 7.09
CA LYS B 124 8.47 4.92 6.45
C LYS B 124 8.50 3.42 6.51
N ARG B 125 8.06 2.85 7.63
CA ARG B 125 7.88 1.39 7.72
C ARG B 125 6.90 0.97 6.62
N ARG B 126 7.00 -0.28 6.17
CA ARG B 126 5.94 -0.91 5.36
C ARG B 126 5.27 -1.96 6.23
N GLY B 127 3.95 -2.02 6.18
CA GLY B 127 3.22 -3.03 6.94
C GLY B 127 1.96 -2.55 7.61
N PHE B 128 1.16 -3.47 8.14
CA PHE B 128 -0.10 -3.08 8.70
C PHE B 128 -0.37 -3.86 9.96
N ILE B 129 -1.36 -3.41 10.73
CA ILE B 129 -1.94 -4.20 11.78
C ILE B 129 -3.35 -4.43 11.31
N TYR B 130 -3.80 -5.68 11.30
CA TYR B 130 -5.15 -6.02 10.87
C TYR B 130 -5.90 -6.58 12.06
N ASN B 131 -7.18 -6.24 12.18
CA ASN B 131 -8.02 -6.76 13.25
C ASN B 131 -8.93 -7.85 12.74
N VAL B 132 -8.43 -9.08 12.79
CA VAL B 132 -9.22 -10.26 12.52
C VAL B 132 -10.25 -10.31 13.61
N GLY B 133 -11.41 -10.89 13.31
CA GLY B 133 -12.50 -11.07 14.28
C GLY B 133 -12.20 -11.08 15.77
N GLY B 134 -11.61 -9.96 16.25
CA GLY B 134 -11.21 -9.71 17.65
C GLY B 134 -11.54 -8.33 18.20
N THR B 137 -11.81 -12.01 18.77
CA THR B 137 -10.54 -12.63 19.11
C THR B 137 -9.92 -13.50 18.00
N ASP B 138 -9.47 -14.69 18.40
CA ASP B 138 -8.13 -15.14 18.01
C ASP B 138 -7.83 -16.07 16.82
N ILE B 139 -6.58 -15.96 16.39
CA ILE B 139 -6.06 -16.74 15.32
C ILE B 139 -5.24 -17.91 15.88
N ALA B 140 -5.74 -19.11 15.57
CA ALA B 140 -5.15 -20.37 15.97
C ALA B 140 -3.71 -20.45 15.47
N TRP B 141 -3.51 -20.47 14.14
CA TRP B 141 -2.16 -20.44 13.52
C TRP B 141 -2.32 -19.60 12.25
N LEU B 142 -1.24 -19.11 11.64
CA LEU B 142 -1.34 -18.46 10.33
C LEU B 142 -0.27 -19.05 9.43
N ASN B 143 -0.27 -18.74 8.15
CA ASN B 143 0.86 -19.19 7.32
C ASN B 143 1.09 -18.64 5.89
N ILE B 144 2.22 -17.93 5.77
CA ILE B 144 2.70 -17.31 4.51
C ILE B 144 3.09 -18.54 3.66
N GLU B 145 2.36 -18.78 2.58
CA GLU B 145 2.74 -19.86 1.68
C GLU B 145 3.78 -19.46 0.63
N GLU B 146 5.02 -19.86 0.90
CA GLU B 146 6.15 -19.47 0.06
C GLU B 146 5.86 -19.74 -1.37
N ASN B 147 6.06 -18.71 -2.18
CA ASN B 147 5.75 -18.86 -3.56
C ASN B 147 6.26 -17.77 -4.43
N THR B 148 6.94 -18.17 -5.50
CA THR B 148 7.16 -17.28 -6.67
C THR B 148 7.03 -18.06 -8.02
N ASP B 149 5.86 -17.90 -8.66
CA ASP B 149 5.49 -18.61 -9.94
C ASP B 149 4.21 -18.06 -10.67
N ILE B 150 4.39 -16.98 -11.44
CA ILE B 150 3.32 -15.97 -11.75
C ILE B 150 2.64 -15.38 -10.48
N GLY B 151 3.49 -14.74 -9.66
CA GLY B 151 3.04 -13.80 -8.68
C GLY B 151 4.22 -12.84 -8.58
N LYS B 152 4.31 -11.88 -9.50
CA LYS B 152 5.45 -10.94 -9.52
C LYS B 152 5.89 -10.49 -8.11
N ASP B 153 5.10 -9.64 -7.46
CA ASP B 153 5.32 -9.27 -6.06
C ASP B 153 4.13 -9.64 -5.22
N ILE B 154 3.33 -10.56 -5.73
CA ILE B 154 2.10 -10.96 -5.05
C ILE B 154 2.26 -12.29 -4.34
N GLN B 155 1.79 -12.37 -3.10
CA GLN B 155 1.92 -13.58 -2.28
C GLN B 155 0.63 -13.81 -1.56
N TYR B 156 0.39 -15.05 -1.18
CA TYR B 156 -0.78 -15.36 -0.39
C TYR B 156 -0.34 -15.81 0.98
N LEU B 157 -1.13 -15.47 1.98
CA LEU B 157 -0.92 -15.89 3.36
C LEU B 157 -2.25 -16.25 3.98
N ALA B 158 -2.28 -17.38 4.66
CA ALA B 158 -3.50 -17.92 5.24
C ALA B 158 -3.56 -17.54 6.68
N VAL B 159 -4.77 -17.41 7.20
CA VAL B 159 -4.97 -17.10 8.60
C VAL B 159 -6.09 -17.97 9.14
N ALA B 160 -5.76 -18.84 10.09
CA ALA B 160 -6.77 -19.66 10.77
C ALA B 160 -7.37 -18.87 11.92
N VAL B 161 -8.69 -18.89 12.04
CA VAL B 161 -9.37 -18.11 13.07
C VAL B 161 -10.50 -18.86 13.75
N SER B 162 -10.61 -18.69 15.07
CA SER B 162 -11.71 -19.28 15.83
C SER B 162 -12.60 -18.25 16.51
N GLN B 163 -13.84 -18.66 16.75
CA GLN B 163 -14.94 -17.78 17.09
C GLN B 163 -14.98 -17.34 18.56
N SER B 182 -18.54 -22.81 12.95
CA SER B 182 -17.91 -22.88 14.28
C SER B 182 -16.52 -22.20 14.48
N SER B 183 -15.87 -21.78 13.39
CA SER B 183 -14.48 -21.24 13.33
C SER B 183 -13.99 -21.39 11.88
N CYS B 184 -13.02 -20.60 11.42
CA CYS B 184 -12.70 -20.68 9.98
C CYS B 184 -11.28 -20.32 9.52
N ILE B 185 -11.14 -20.12 8.21
CA ILE B 185 -9.86 -19.82 7.57
C ILE B 185 -9.99 -18.66 6.57
N GLN B 186 -9.19 -17.61 6.77
CA GLN B 186 -9.18 -16.43 5.91
C GLN B 186 -7.96 -16.48 5.05
N ILE B 187 -8.03 -15.86 3.89
CA ILE B 187 -6.94 -15.95 2.94
C ILE B 187 -6.65 -14.62 2.33
N PHE B 188 -5.39 -14.21 2.44
CA PHE B 188 -4.97 -12.87 2.08
C PHE B 188 -4.07 -12.83 0.85
N LYS B 189 -4.44 -12.02 -0.12
CA LYS B 189 -3.56 -11.74 -1.25
C LYS B 189 -2.83 -10.48 -0.87
N MET B 190 -1.51 -10.46 -1.07
CA MET B 190 -0.74 -9.30 -0.67
C MET B 190 0.50 -8.95 -1.50
N ASN B 191 0.84 -7.67 -1.53
CA ASN B 191 1.99 -7.21 -2.23
C ASN B 191 3.23 -7.29 -1.36
N THR B 192 4.31 -7.75 -1.97
CA THR B 192 5.59 -7.91 -1.35
C THR B 192 6.28 -6.59 -1.09
N SER B 193 6.21 -5.64 -2.03
CA SER B 193 7.01 -4.45 -1.85
C SER B 193 6.28 -3.25 -1.25
N THR B 194 4.97 -3.31 -1.08
CA THR B 194 4.26 -2.21 -0.41
C THR B 194 3.52 -2.66 0.85
N LEU B 195 3.40 -3.98 0.96
CA LEU B 195 2.61 -4.65 2.01
C LEU B 195 1.18 -4.12 2.10
N HIS B 196 0.61 -3.86 0.92
CA HIS B 196 -0.81 -3.73 0.74
C HIS B 196 -1.34 -5.11 0.95
N CYS B 197 -2.64 -5.25 1.18
CA CYS B 197 -3.27 -6.57 0.96
C CYS B 197 -4.78 -6.59 1.05
N VAL B 198 -5.41 -7.58 0.40
CA VAL B 198 -6.84 -7.81 0.53
C VAL B 198 -7.12 -9.15 1.15
N LYS B 199 -8.27 -9.27 1.79
CA LYS B 199 -8.82 -10.56 2.17
C LYS B 199 -9.49 -11.14 0.92
N VAL B 200 -9.03 -12.29 0.43
CA VAL B 200 -9.53 -12.81 -0.86
C VAL B 200 -10.58 -13.93 -0.72
N GLN B 201 -10.47 -14.73 0.34
CA GLN B 201 -11.43 -15.80 0.62
C GLN B 201 -11.61 -15.99 2.11
N THR B 202 -12.84 -16.29 2.49
CA THR B 202 -13.16 -16.73 3.84
C THR B 202 -13.79 -18.11 3.75
N ILE B 203 -13.03 -19.15 4.07
CA ILE B 203 -13.51 -20.52 3.97
C ILE B 203 -13.99 -20.99 5.34
N VAL B 204 -15.25 -21.39 5.43
CA VAL B 204 -15.80 -21.92 6.68
C VAL B 204 -15.74 -23.43 6.72
N HIS B 205 -14.93 -23.94 7.63
CA HIS B 205 -14.93 -25.36 7.95
C HIS B 205 -15.70 -25.56 9.25
N SER B 206 -15.84 -26.80 9.68
CA SER B 206 -16.22 -27.00 11.07
C SER B 206 -15.21 -27.97 11.71
N PHE B 207 -13.95 -27.66 11.47
CA PHE B 207 -12.87 -28.47 11.96
C PHE B 207 -12.47 -28.01 13.34
N GLY B 208 -13.16 -26.98 13.84
CA GLY B 208 -12.79 -26.35 15.13
C GLY B 208 -11.40 -25.74 15.04
N GLU B 209 -10.71 -25.62 16.17
CA GLU B 209 -9.39 -24.97 16.19
C GLU B 209 -8.42 -25.73 15.32
N VAL B 210 -7.68 -24.98 14.52
CA VAL B 210 -6.81 -25.56 13.52
C VAL B 210 -5.40 -25.01 13.70
N TRP B 211 -4.41 -25.90 13.71
CA TRP B 211 -3.02 -25.45 13.88
C TRP B 211 -2.04 -26.33 13.11
N ASP B 212 -0.75 -26.16 13.39
CA ASP B 212 0.34 -26.59 12.50
C ASP B 212 0.01 -26.28 11.07
N LEU B 213 -0.56 -25.10 10.86
CA LEU B 213 -1.04 -24.68 9.56
C LEU B 213 0.14 -24.45 8.63
N LYS B 214 0.12 -25.09 7.46
CA LYS B 214 1.16 -24.91 6.45
C LYS B 214 0.72 -25.39 5.08
N TRP B 215 1.16 -24.67 4.06
CA TRP B 215 0.79 -24.97 2.69
C TRP B 215 1.62 -26.12 2.19
N HIS B 216 1.04 -26.94 1.33
CA HIS B 216 1.83 -28.04 0.77
C HIS B 216 3.04 -27.57 -0.04
N GLU B 217 2.84 -26.73 -1.04
CA GLU B 217 3.99 -26.24 -1.81
C GLU B 217 4.39 -27.24 -2.87
N GLY B 218 3.92 -28.48 -2.74
CA GLY B 218 4.10 -29.48 -3.78
C GLY B 218 2.82 -29.52 -4.59
N CYS B 219 1.75 -28.97 -4.03
CA CYS B 219 0.53 -28.72 -4.77
C CYS B 219 0.69 -27.50 -5.71
N HIS B 220 0.40 -27.65 -7.01
CA HIS B 220 0.22 -26.49 -7.90
C HIS B 220 -0.82 -26.84 -8.94
N ALA B 221 -0.41 -26.89 -10.21
CA ALA B 221 -1.31 -26.81 -11.35
C ALA B 221 -1.86 -25.35 -11.41
N PRO B 222 -2.53 -24.97 -12.51
CA PRO B 222 -3.17 -23.64 -12.62
C PRO B 222 -4.46 -23.54 -11.78
N HIS B 223 -5.47 -22.79 -12.24
CA HIS B 223 -6.80 -22.68 -11.58
C HIS B 223 -6.71 -22.47 -10.07
N LEU B 224 -6.89 -21.21 -9.68
CA LEU B 224 -6.19 -20.61 -8.51
C LEU B 224 -5.59 -21.39 -7.29
N VAL B 225 -5.32 -20.59 -6.25
CA VAL B 225 -4.18 -20.66 -5.26
C VAL B 225 -3.36 -21.96 -5.21
N GLY B 226 -2.50 -22.11 -4.20
CA GLY B 226 -1.90 -23.41 -3.87
C GLY B 226 -2.78 -24.24 -2.93
N CYS B 227 -2.27 -25.33 -2.38
CA CYS B 227 -3.09 -26.09 -1.44
C CYS B 227 -2.48 -26.29 -0.03
N LEU B 228 -3.37 -26.34 0.96
CA LEU B 228 -3.10 -25.96 2.34
C LEU B 228 -3.40 -27.06 3.35
N SER B 229 -2.49 -27.20 4.34
CA SER B 229 -2.45 -28.31 5.34
C SER B 229 -2.55 -27.87 6.80
N PHE B 230 -3.15 -28.72 7.64
CA PHE B 230 -3.27 -28.46 9.07
C PHE B 230 -3.86 -29.62 9.86
N VAL B 231 -3.57 -29.61 11.15
CA VAL B 231 -4.21 -30.47 12.11
C VAL B 231 -5.41 -29.71 12.68
N SER B 232 -6.51 -30.42 12.91
CA SER B 232 -7.68 -29.80 13.50
C SER B 232 -7.95 -30.39 14.87
N GLN B 233 -8.67 -29.66 15.72
CA GLN B 233 -9.05 -30.19 17.02
C GLN B 233 -10.07 -31.32 16.90
N GLU B 234 -10.25 -31.85 15.70
CA GLU B 234 -11.08 -33.03 15.56
C GLU B 234 -10.17 -34.24 15.48
N GLY B 235 -8.87 -33.98 15.46
CA GLY B 235 -7.90 -35.05 15.62
C GLY B 235 -7.37 -35.60 14.34
N THR B 236 -7.82 -35.01 13.23
CA THR B 236 -7.38 -35.45 11.94
C THR B 236 -6.58 -34.35 11.30
N ILE B 237 -5.48 -34.70 10.64
CA ILE B 237 -4.85 -33.75 9.76
C ILE B 237 -5.55 -33.85 8.42
N ASN B 238 -5.97 -32.70 7.87
CA ASN B 238 -6.58 -32.64 6.51
C ASN B 238 -6.00 -31.59 5.56
N PHE B 239 -6.13 -31.85 4.26
CA PHE B 239 -5.59 -31.02 3.23
C PHE B 239 -6.77 -30.47 2.46
N LEU B 240 -6.66 -29.23 2.00
CA LEU B 240 -7.69 -28.72 1.11
C LEU B 240 -7.18 -27.85 -0.04
N GLU B 241 -7.79 -28.02 -1.20
CA GLU B 241 -7.45 -27.21 -2.35
C GLU B 241 -7.99 -25.80 -2.13
N ILE B 242 -7.08 -24.82 -2.16
CA ILE B 242 -7.49 -23.42 -2.13
C ILE B 242 -7.47 -22.85 -3.54
N ILE B 243 -8.63 -22.39 -3.95
CA ILE B 243 -8.84 -22.13 -5.35
C ILE B 243 -9.89 -21.04 -5.52
N ASP B 244 -9.56 -19.99 -6.28
CA ASP B 244 -10.55 -19.00 -6.77
C ASP B 244 -9.89 -17.75 -7.40
N ASN B 245 -9.81 -17.78 -8.71
CA ASN B 245 -9.31 -16.62 -9.48
C ASN B 245 -10.15 -15.35 -9.38
N ALA B 246 -9.46 -14.22 -9.50
CA ALA B 246 -10.09 -12.92 -9.41
C ALA B 246 -11.15 -12.77 -10.50
N THR B 247 -12.32 -13.36 -10.28
CA THR B 247 -13.54 -12.91 -10.97
C THR B 247 -14.47 -12.45 -9.86
N ASP B 248 -13.93 -12.44 -8.64
CA ASP B 248 -14.67 -12.01 -7.48
C ASP B 248 -13.85 -11.61 -6.22
N VAL B 249 -12.68 -11.00 -6.40
CA VAL B 249 -11.92 -10.38 -5.28
C VAL B 249 -12.03 -11.03 -3.89
N HIS B 250 -13.24 -11.06 -3.31
CA HIS B 250 -13.50 -11.76 -2.02
C HIS B 250 -14.75 -12.65 -2.06
N VAL B 251 -14.56 -13.94 -1.77
CA VAL B 251 -15.70 -14.86 -1.68
C VAL B 251 -15.89 -15.41 -0.27
N PHE B 252 -17.06 -16.03 -0.04
CA PHE B 252 -17.32 -16.77 1.19
C PHE B 252 -17.67 -18.19 0.81
N LYS B 253 -16.71 -19.09 0.94
CA LYS B 253 -16.89 -20.48 0.58
C LYS B 253 -17.20 -21.30 1.83
N MET B 254 -17.82 -22.45 1.65
CA MET B 254 -18.08 -23.39 2.75
C MET B 254 -17.44 -24.75 2.47
N CYS B 255 -16.14 -24.83 2.69
CA CYS B 255 -15.48 -26.11 2.66
C CYS B 255 -16.37 -27.11 3.38
N GLU B 256 -16.83 -28.11 2.65
CA GLU B 256 -17.71 -29.14 3.22
C GLU B 256 -17.08 -30.55 3.24
N LYS B 257 -15.95 -30.70 2.56
CA LYS B 257 -15.28 -31.99 2.41
C LYS B 257 -13.84 -31.78 1.92
N PRO B 258 -12.89 -31.92 2.82
CA PRO B 258 -11.47 -31.79 2.49
C PRO B 258 -11.03 -32.75 1.39
N SER B 259 -9.91 -32.44 0.74
CA SER B 259 -9.40 -33.29 -0.32
C SER B 259 -8.73 -34.53 0.20
N LEU B 260 -8.36 -34.52 1.48
CA LEU B 260 -7.60 -35.60 2.08
C LEU B 260 -7.70 -35.49 3.59
N THR B 261 -7.98 -36.59 4.29
CA THR B 261 -8.11 -36.54 5.74
C THR B 261 -7.44 -37.73 6.43
N LEU B 262 -6.15 -37.57 6.72
CA LEU B 262 -5.39 -38.54 7.50
C LEU B 262 -5.96 -38.67 8.89
N SER B 263 -6.28 -39.90 9.25
CA SER B 263 -7.01 -40.20 10.46
C SER B 263 -6.69 -41.62 10.91
N LEU B 264 -6.81 -41.83 12.22
CA LEU B 264 -6.61 -43.14 12.79
C LEU B 264 -7.63 -43.33 13.90
N ALA B 265 -8.49 -44.34 13.73
CA ALA B 265 -9.63 -44.60 14.64
C ALA B 265 -9.13 -44.95 16.04
N ASP B 266 -9.73 -44.27 17.03
CA ASP B 266 -9.32 -44.37 18.44
C ASP B 266 -7.86 -43.97 18.72
N SER B 267 -7.54 -42.70 18.49
CA SER B 267 -6.19 -42.18 18.77
C SER B 267 -6.02 -40.64 18.77
N LEU B 268 -6.63 -39.93 17.80
CA LEU B 268 -6.57 -38.43 17.65
C LEU B 268 -5.22 -37.77 17.37
N ILE B 269 -5.05 -37.21 16.17
CA ILE B 269 -3.76 -36.61 15.79
C ILE B 269 -3.60 -35.19 16.35
N THR B 270 -2.44 -34.93 16.96
CA THR B 270 -2.17 -33.65 17.64
C THR B 270 -1.12 -32.77 17.00
N THR B 271 -0.37 -33.28 16.02
CA THR B 271 0.72 -32.55 15.37
C THR B 271 1.18 -33.26 14.11
N PHE B 272 1.66 -32.53 13.10
CA PHE B 272 2.20 -33.18 11.92
C PHE B 272 3.21 -32.33 11.22
N ASP B 273 4.20 -32.97 10.62
CA ASP B 273 5.16 -32.31 9.73
C ASP B 273 5.28 -33.13 8.47
N PHE B 274 5.78 -32.54 7.41
CA PHE B 274 6.06 -33.29 6.20
C PHE B 274 7.37 -34.06 6.32
N LEU B 275 7.47 -35.20 5.64
CA LEU B 275 8.71 -35.96 5.50
C LEU B 275 9.22 -35.92 4.06
N SER B 276 8.31 -36.09 3.11
CA SER B 276 8.61 -35.91 1.70
C SER B 276 7.41 -35.15 1.12
N PRO B 277 7.46 -34.82 -0.18
CA PRO B 277 6.26 -34.35 -0.89
C PRO B 277 5.05 -35.33 -0.83
N THR B 278 5.30 -36.59 -0.45
CA THR B 278 4.25 -37.63 -0.44
C THR B 278 4.02 -38.34 0.91
N THR B 279 4.82 -38.04 1.93
CA THR B 279 4.62 -38.61 3.26
C THR B 279 4.65 -37.56 4.36
N VAL B 280 3.94 -37.83 5.46
CA VAL B 280 3.97 -37.00 6.69
C VAL B 280 4.39 -37.80 7.91
N VAL B 281 4.82 -37.09 8.95
CA VAL B 281 4.97 -37.64 10.29
C VAL B 281 3.82 -37.03 11.10
N CYS B 282 3.34 -37.76 12.10
CA CYS B 282 2.44 -37.16 13.10
C CYS B 282 2.54 -37.77 14.48
N GLY B 283 2.11 -37.01 15.49
CA GLY B 283 2.00 -37.48 16.88
C GLY B 283 0.56 -37.56 17.38
N PHE B 284 0.32 -38.24 18.48
CA PHE B 284 -1.05 -38.52 18.88
C PHE B 284 -1.31 -38.13 20.31
N LYS B 285 -2.58 -38.02 20.69
CA LYS B 285 -2.93 -37.65 22.07
C LYS B 285 -2.48 -38.69 23.09
N ASN B 286 -1.91 -39.79 22.60
CA ASN B 286 -1.65 -40.95 23.44
C ASN B 286 -0.19 -41.27 23.58
N GLY B 287 0.64 -40.59 22.79
CA GLY B 287 2.09 -40.77 22.85
C GLY B 287 2.69 -41.44 21.63
N PHE B 288 1.83 -41.92 20.74
CA PHE B 288 2.27 -42.59 19.53
C PHE B 288 2.61 -41.60 18.42
N VAL B 289 3.50 -42.03 17.54
CA VAL B 289 3.91 -41.26 16.39
C VAL B 289 3.70 -42.17 15.19
N ALA B 290 3.25 -41.62 14.07
CA ALA B 290 3.00 -42.43 12.88
C ALA B 290 3.59 -41.80 11.62
N GLU B 291 3.71 -42.60 10.58
CA GLU B 291 4.13 -42.07 9.30
C GLU B 291 3.07 -42.38 8.29
N PHE B 292 2.58 -41.36 7.59
CA PHE B 292 1.48 -41.59 6.68
C PHE B 292 1.86 -41.32 5.25
N ASP B 293 1.21 -42.06 4.36
CA ASP B 293 1.47 -41.91 2.95
C ASP B 293 0.28 -41.26 2.27
N LEU B 294 0.51 -40.08 1.69
CA LEU B 294 -0.54 -39.31 1.04
C LEU B 294 -0.99 -39.90 -0.29
N THR B 295 -0.18 -40.77 -0.90
CA THR B 295 -0.68 -41.53 -2.06
C THR B 295 -1.61 -42.63 -1.59
N ASP B 296 -1.53 -42.97 -0.30
CA ASP B 296 -2.32 -44.06 0.28
C ASP B 296 -2.51 -43.87 1.79
N PRO B 297 -3.55 -43.15 2.18
CA PRO B 297 -3.80 -42.84 3.59
C PRO B 297 -4.44 -44.01 4.35
N GLU B 298 -4.92 -43.72 5.56
CA GLU B 298 -5.57 -44.71 6.43
C GLU B 298 -4.58 -45.70 7.01
N VAL B 299 -3.81 -46.39 6.16
CA VAL B 299 -2.86 -47.39 6.65
C VAL B 299 -1.48 -46.76 6.83
N PRO B 300 -1.14 -46.46 8.08
CA PRO B 300 0.09 -45.73 8.38
C PRO B 300 1.27 -46.67 8.32
N SER B 301 2.33 -46.23 7.67
CA SER B 301 3.52 -47.05 7.50
C SER B 301 4.11 -47.57 8.81
N PHE B 302 4.10 -46.75 9.86
CA PHE B 302 4.34 -47.24 11.19
C PHE B 302 3.47 -46.53 12.19
N TYR B 303 3.29 -47.17 13.35
CA TYR B 303 2.55 -46.61 14.47
C TYR B 303 3.11 -47.25 15.73
N ASP B 304 3.95 -46.48 16.41
CA ASP B 304 4.74 -46.94 17.55
C ASP B 304 4.55 -45.92 18.66
N GLN B 305 4.67 -46.35 19.90
CA GLN B 305 4.55 -45.43 21.01
C GLN B 305 5.89 -44.74 21.21
N VAL B 306 5.89 -43.41 21.35
CA VAL B 306 7.15 -42.69 21.57
C VAL B 306 7.19 -41.97 22.91
N HIS B 307 6.06 -41.39 23.30
CA HIS B 307 5.94 -40.71 24.58
C HIS B 307 4.90 -41.34 25.50
N ASP B 308 4.78 -40.76 26.68
CA ASP B 308 3.87 -41.26 27.71
C ASP B 308 2.46 -40.77 27.48
N SER B 309 2.31 -39.66 26.76
CA SER B 309 1.01 -39.05 26.53
C SER B 309 1.01 -38.01 25.37
N TYR B 310 -0.04 -37.19 25.32
CA TYR B 310 -0.21 -36.10 24.36
C TYR B 310 1.09 -35.59 23.83
N ILE B 311 1.25 -35.61 22.51
CA ILE B 311 2.44 -35.11 21.87
C ILE B 311 2.16 -33.70 21.37
N LEU B 312 2.85 -32.72 21.93
CA LEU B 312 2.58 -31.29 21.65
C LEU B 312 3.08 -30.81 20.32
N SER B 313 4.20 -31.35 19.84
CA SER B 313 4.69 -30.97 18.51
C SER B 313 5.72 -31.93 17.97
N VAL B 314 5.83 -32.00 16.66
CA VAL B 314 6.77 -32.91 16.04
C VAL B 314 7.34 -32.18 14.86
N SER B 315 8.66 -32.08 14.74
CA SER B 315 9.19 -31.42 13.53
C SER B 315 10.31 -32.18 12.85
N THR B 316 10.34 -32.07 11.51
CA THR B 316 11.27 -32.80 10.66
C THR B 316 12.59 -32.07 10.42
N ALA B 317 13.68 -32.81 10.48
CA ALA B 317 14.99 -32.22 10.34
C ALA B 317 15.64 -32.72 9.07
N TYR B 318 15.34 -32.02 7.98
CA TYR B 318 15.83 -32.36 6.66
C TYR B 318 17.22 -31.79 6.41
N SER B 319 18.10 -32.60 5.84
CA SER B 319 19.42 -32.15 5.46
C SER B 319 19.85 -32.83 4.17
N ASP B 320 20.54 -32.13 3.29
CA ASP B 320 21.02 -32.80 2.11
C ASP B 320 22.19 -33.76 2.38
N PHE B 321 22.59 -33.92 3.63
CA PHE B 321 23.84 -34.61 3.93
C PHE B 321 23.73 -35.70 5.01
N GLU B 322 22.55 -35.86 5.60
CA GLU B 322 22.27 -36.88 6.64
C GLU B 322 20.90 -37.49 6.42
N ASP B 323 20.62 -38.65 7.01
CA ASP B 323 19.28 -39.20 6.94
C ASP B 323 18.39 -38.18 7.61
N THR B 324 17.28 -37.88 6.95
CA THR B 324 16.32 -37.00 7.57
C THR B 324 15.76 -37.67 8.81
N VAL B 325 15.39 -36.86 9.79
CA VAL B 325 15.32 -37.25 11.20
C VAL B 325 14.10 -36.53 11.82
N VAL B 326 13.51 -37.05 12.88
CA VAL B 326 12.31 -36.41 13.43
C VAL B 326 12.47 -36.11 14.92
N SER B 327 11.98 -34.95 15.35
CA SER B 327 12.00 -34.55 16.77
C SER B 327 10.60 -34.39 17.31
N THR B 328 10.47 -34.44 18.63
CA THR B 328 9.20 -34.72 19.21
C THR B 328 9.28 -34.41 20.70
N VAL B 329 8.38 -33.55 21.17
CA VAL B 329 8.25 -33.18 22.60
C VAL B 329 6.80 -33.33 23.04
N ALA B 330 6.61 -33.80 24.28
CA ALA B 330 5.27 -34.05 24.81
C ALA B 330 4.99 -33.51 26.22
N VAL B 331 3.72 -33.62 26.62
CA VAL B 331 3.24 -33.33 27.96
C VAL B 331 3.98 -34.17 28.99
N ASP B 332 4.54 -35.29 28.57
CA ASP B 332 5.42 -36.02 29.47
C ASP B 332 6.70 -35.25 29.87
N GLY B 333 7.05 -34.21 29.13
CA GLY B 333 8.20 -33.37 29.46
C GLY B 333 9.45 -33.65 28.64
N TYR B 334 9.55 -34.87 28.14
CA TYR B 334 10.67 -35.33 27.31
C TYR B 334 10.78 -34.69 25.93
N PHE B 335 11.97 -34.72 25.35
CA PHE B 335 12.14 -34.21 24.00
C PHE B 335 13.16 -35.05 23.24
N TYR B 336 12.66 -35.86 22.30
CA TYR B 336 13.50 -36.80 21.55
C TYR B 336 13.72 -36.46 20.09
N ILE B 337 14.85 -36.87 19.55
CA ILE B 337 15.09 -36.87 18.11
C ILE B 337 15.28 -38.34 17.80
N PHE B 338 14.67 -38.82 16.70
CA PHE B 338 14.87 -40.18 16.19
C PHE B 338 14.86 -40.25 14.68
N ASN B 339 15.34 -41.37 14.13
CA ASN B 339 15.29 -41.60 12.69
C ASN B 339 14.19 -42.65 12.39
N PRO B 340 13.21 -42.34 11.52
CA PRO B 340 12.10 -43.22 11.25
C PRO B 340 12.49 -44.58 10.66
N LYS B 341 13.59 -44.62 9.92
CA LYS B 341 14.14 -45.88 9.40
C LYS B 341 14.04 -46.99 10.45
N ASP B 342 14.31 -46.60 11.70
CA ASP B 342 14.23 -47.50 12.84
C ASP B 342 14.39 -46.70 14.14
N ILE B 343 13.25 -46.27 14.65
CA ILE B 343 13.16 -45.51 15.87
C ILE B 343 13.87 -46.20 17.01
N ALA B 344 13.59 -47.48 17.17
CA ALA B 344 14.13 -48.30 18.25
C ALA B 344 15.64 -48.15 18.52
N THR B 345 16.42 -47.93 17.47
CA THR B 345 17.85 -47.85 17.60
C THR B 345 18.38 -46.41 17.57
N THR B 346 17.52 -45.45 17.27
CA THR B 346 18.02 -44.11 17.05
C THR B 346 17.52 -43.13 18.09
N LYS B 347 16.54 -43.56 18.88
CA LYS B 347 15.91 -42.67 19.85
C LYS B 347 16.93 -41.99 20.73
N THR B 348 16.97 -40.65 20.67
CA THR B 348 17.96 -39.84 21.36
C THR B 348 17.26 -38.79 22.17
N THR B 349 17.62 -38.65 23.43
CA THR B 349 16.96 -37.69 24.29
C THR B 349 17.79 -36.44 24.25
N VAL B 350 17.20 -35.32 23.82
CA VAL B 350 17.89 -34.02 23.93
C VAL B 350 17.81 -33.50 25.35
N SER B 351 16.68 -33.69 26.00
CA SER B 351 16.44 -33.05 27.26
C SER B 351 15.02 -33.36 27.76
N ARG B 352 14.79 -33.22 29.06
CA ARG B 352 13.43 -33.35 29.58
C ARG B 352 13.02 -32.11 30.39
N PHE B 353 11.83 -31.53 30.09
CA PHE B 353 11.38 -30.27 30.70
C PHE B 353 10.44 -30.46 31.88
N ARG B 354 10.00 -29.36 32.51
CA ARG B 354 8.96 -29.49 33.53
C ARG B 354 7.58 -29.54 32.85
N GLY B 355 7.55 -30.04 31.62
CA GLY B 355 6.33 -30.56 31.01
C GLY B 355 5.27 -29.52 30.83
N SER B 356 5.51 -28.63 29.89
CA SER B 356 4.57 -27.59 29.53
C SER B 356 3.28 -28.16 28.91
N ASN B 357 2.29 -27.28 28.73
CA ASN B 357 1.11 -27.55 27.89
C ASN B 357 1.39 -27.07 26.48
N LEU B 358 2.43 -26.24 26.34
CA LEU B 358 2.88 -25.72 25.05
C LEU B 358 4.40 -25.58 25.00
N VAL B 359 4.99 -26.34 24.08
CA VAL B 359 6.41 -26.27 23.80
C VAL B 359 6.50 -26.30 22.28
N PRO B 360 6.48 -25.14 21.64
CA PRO B 360 6.48 -25.07 20.15
C PRO B 360 7.89 -25.39 19.58
N VAL B 361 7.98 -26.13 18.47
CA VAL B 361 9.32 -26.46 17.92
C VAL B 361 9.44 -26.33 16.43
N VAL B 362 10.49 -25.68 15.96
CA VAL B 362 10.73 -25.57 14.53
C VAL B 362 12.15 -25.91 14.16
N TYR B 363 12.32 -26.29 12.90
CA TYR B 363 13.62 -26.63 12.34
C TYR B 363 14.12 -25.47 11.49
N CYS B 364 15.29 -24.98 11.86
CA CYS B 364 15.92 -23.85 11.27
C CYS B 364 17.05 -24.42 10.42
N PRO B 365 16.86 -24.44 9.10
CA PRO B 365 17.59 -25.34 8.23
C PRO B 365 18.97 -24.89 7.93
N GLN B 366 19.25 -23.61 8.02
CA GLN B 366 20.61 -23.09 7.74
C GLN B 366 21.68 -23.46 8.80
N ILE B 367 21.22 -23.85 9.98
CA ILE B 367 22.14 -24.32 11.02
C ILE B 367 21.84 -25.79 11.36
N TYR B 368 20.91 -26.37 10.62
CA TYR B 368 20.54 -27.77 10.76
C TYR B 368 20.02 -28.09 12.16
N SER B 369 19.57 -27.08 12.88
CA SER B 369 19.15 -27.25 14.27
C SER B 369 17.64 -27.06 14.48
N TYR B 370 17.10 -27.65 15.54
CA TYR B 370 15.75 -27.35 15.98
C TYR B 370 15.78 -26.17 16.89
N ILE B 371 14.82 -25.27 16.73
CA ILE B 371 14.66 -24.18 17.67
C ILE B 371 13.40 -24.35 18.51
N TYR B 372 13.57 -24.43 19.83
CA TYR B 372 12.46 -24.77 20.72
C TYR B 372 12.60 -23.99 22.02
N SER B 373 11.52 -23.91 22.77
CA SER B 373 11.59 -23.37 24.11
C SER B 373 11.64 -24.57 25.03
N ASP B 374 11.92 -24.37 26.31
CA ASP B 374 11.68 -25.42 27.32
C ASP B 374 10.21 -25.34 27.63
N GLY B 375 9.83 -25.51 28.88
CA GLY B 375 8.49 -25.07 29.29
C GLY B 375 8.33 -23.54 29.34
N ALA B 376 9.23 -22.90 30.09
CA ALA B 376 9.10 -21.49 30.49
C ALA B 376 9.62 -20.52 29.45
N SER B 377 10.70 -19.82 29.77
CA SER B 377 11.04 -18.62 29.02
C SER B 377 12.42 -18.58 28.35
N SER B 378 12.87 -19.70 27.79
CA SER B 378 14.17 -19.72 27.12
C SER B 378 14.14 -20.49 25.83
N LEU B 379 14.47 -19.80 24.74
CA LEU B 379 14.74 -20.40 23.46
C LEU B 379 16.07 -21.12 23.48
N ARG B 380 16.10 -22.28 22.84
CA ARG B 380 17.34 -23.01 22.67
C ARG B 380 17.37 -23.52 21.26
N ALA B 381 18.56 -23.72 20.74
CA ALA B 381 18.66 -24.44 19.49
C ALA B 381 19.46 -25.66 19.80
N VAL B 382 19.14 -26.76 19.14
CA VAL B 382 19.94 -27.94 19.23
C VAL B 382 20.11 -28.51 17.82
N PRO B 383 21.37 -28.68 17.38
CA PRO B 383 21.62 -29.26 16.07
C PRO B 383 21.09 -30.68 16.04
N SER B 384 20.49 -31.07 14.94
CA SER B 384 19.86 -32.38 14.91
C SER B 384 20.88 -33.52 14.87
N ARG B 385 22.11 -33.20 14.53
CA ARG B 385 23.14 -34.22 14.52
C ARG B 385 24.05 -34.15 15.75
N ALA B 386 23.77 -33.19 16.62
CA ALA B 386 24.56 -32.98 17.86
C ALA B 386 23.71 -32.63 19.10
N ALA B 387 22.88 -33.59 19.55
CA ALA B 387 21.96 -33.42 20.68
C ALA B 387 22.67 -32.93 21.93
N PHE B 388 23.98 -33.06 21.97
CA PHE B 388 24.69 -32.64 23.14
C PHE B 388 24.98 -31.15 23.13
N ALA B 389 25.02 -30.53 21.95
CA ALA B 389 25.34 -29.10 21.84
C ALA B 389 24.10 -28.21 21.84
N VAL B 390 23.31 -28.32 22.90
CA VAL B 390 22.24 -27.37 23.17
C VAL B 390 22.86 -25.99 23.35
N HIS B 391 22.43 -25.01 22.57
CA HIS B 391 22.82 -23.62 22.82
C HIS B 391 21.58 -22.90 23.30
N PRO B 392 21.65 -22.25 24.46
CA PRO B 392 20.58 -21.34 24.87
C PRO B 392 20.70 -20.12 23.97
N LEU B 393 19.55 -19.60 23.52
CA LEU B 393 19.54 -18.44 22.65
C LEU B 393 19.18 -17.16 23.43
N VAL B 394 17.96 -17.15 23.94
CA VAL B 394 17.40 -16.05 24.71
C VAL B 394 16.74 -16.65 25.93
N SER B 395 16.61 -15.87 26.99
CA SER B 395 15.75 -16.28 28.09
C SER B 395 15.45 -15.06 28.91
N ARG B 396 14.17 -14.81 29.12
CA ARG B 396 13.77 -13.56 29.73
C ARG B 396 12.83 -13.79 30.91
N GLU B 397 11.52 -13.61 30.70
CA GLU B 397 10.59 -13.54 31.83
C GLU B 397 9.28 -14.27 31.60
N THR B 398 8.90 -14.51 30.34
CA THR B 398 7.56 -15.02 30.11
C THR B 398 7.58 -16.15 29.17
N THR B 399 6.79 -17.16 29.51
CA THR B 399 6.56 -18.33 28.67
C THR B 399 6.44 -17.92 27.18
N ILE B 400 7.46 -18.34 26.43
CA ILE B 400 7.57 -18.15 25.00
C ILE B 400 6.44 -18.85 24.29
N THR B 401 5.62 -18.11 23.56
CA THR B 401 4.37 -18.65 23.05
C THR B 401 4.48 -19.19 21.64
N ALA B 402 5.44 -18.71 20.86
CA ALA B 402 5.57 -19.15 19.48
C ALA B 402 6.86 -18.68 18.89
N ILE B 403 7.25 -19.29 17.78
CA ILE B 403 8.50 -18.97 17.17
C ILE B 403 8.51 -19.25 15.70
N GLY B 404 9.23 -18.41 14.95
CA GLY B 404 9.35 -18.51 13.48
C GLY B 404 10.77 -18.40 12.95
N VAL B 405 11.09 -19.24 11.97
CA VAL B 405 12.42 -19.33 11.37
C VAL B 405 12.33 -19.33 9.86
N SER B 406 13.46 -19.39 9.14
CA SER B 406 13.41 -19.32 7.68
C SER B 406 14.37 -20.21 6.90
N ARG B 407 14.04 -20.44 5.62
CA ARG B 407 14.94 -21.17 4.76
C ARG B 407 16.08 -20.28 4.32
N LEU B 408 15.84 -18.98 4.37
CA LEU B 408 16.73 -18.02 3.71
C LEU B 408 17.82 -17.42 4.59
N HIS B 409 17.47 -17.22 5.87
CA HIS B 409 18.31 -16.53 6.82
C HIS B 409 18.21 -17.24 8.16
N PRO B 410 19.24 -17.07 8.99
CA PRO B 410 19.30 -17.72 10.28
C PRO B 410 18.63 -16.96 11.42
N MET B 411 17.84 -15.95 11.10
CA MET B 411 17.19 -15.14 12.12
C MET B 411 15.98 -15.83 12.73
N VAL B 412 15.78 -15.68 14.04
CA VAL B 412 14.62 -16.27 14.71
C VAL B 412 13.70 -15.22 15.31
N LEU B 413 12.46 -15.19 14.85
CA LEU B 413 11.40 -14.44 15.51
C LEU B 413 10.85 -15.29 16.61
N ALA B 414 10.38 -14.67 17.70
CA ALA B 414 9.99 -15.39 18.88
C ALA B 414 9.14 -14.51 19.74
N GLY B 415 7.90 -14.93 19.90
CA GLY B 415 6.88 -14.18 20.61
C GLY B 415 6.49 -14.82 21.92
N SER B 416 6.61 -14.02 22.97
CA SER B 416 6.32 -14.47 24.33
C SER B 416 4.87 -14.27 24.72
N ALA B 417 4.55 -14.72 25.93
CA ALA B 417 3.24 -14.56 26.52
C ALA B 417 3.00 -13.14 27.00
N ASP B 418 4.05 -12.33 27.12
CA ASP B 418 3.88 -10.95 27.56
C ASP B 418 3.54 -10.00 26.40
N GLY B 419 3.25 -10.61 25.25
CA GLY B 419 3.03 -9.87 24.02
C GLY B 419 4.29 -9.16 23.58
N SER B 420 5.30 -9.90 23.12
CA SER B 420 6.53 -9.29 22.61
C SER B 420 7.23 -10.15 21.57
N LEU B 421 7.57 -9.54 20.44
CA LEU B 421 8.34 -10.22 19.42
C LEU B 421 9.79 -9.94 19.59
N ILE B 422 10.57 -10.99 19.51
CA ILE B 422 12.01 -10.93 19.72
C ILE B 422 12.66 -11.42 18.45
N ILE B 423 13.62 -10.67 17.93
CA ILE B 423 14.44 -11.21 16.87
C ILE B 423 15.80 -11.59 17.47
N THR B 424 16.56 -12.40 16.72
CA THR B 424 17.84 -12.91 17.15
C THR B 424 18.53 -13.77 16.09
N ASN B 425 19.86 -13.80 16.09
CA ASN B 425 20.56 -14.52 15.04
C ASN B 425 21.17 -15.89 15.46
N ALA B 426 20.68 -17.01 14.96
CA ALA B 426 21.38 -18.30 15.16
C ALA B 426 22.74 -18.39 14.40
N ALA B 427 23.78 -18.58 15.19
CA ALA B 427 25.11 -18.03 14.92
C ALA B 427 25.40 -17.41 16.26
N ARG B 428 24.90 -18.11 17.28
CA ARG B 428 25.15 -17.83 18.69
C ARG B 428 26.70 -17.86 18.85
N ARG B 429 27.18 -18.85 19.61
CA ARG B 429 28.46 -19.47 19.36
C ARG B 429 28.13 -20.70 18.47
N LEU B 430 26.98 -20.63 17.76
CA LEU B 430 26.56 -21.72 16.87
C LEU B 430 27.36 -21.73 15.56
N LEU B 431 28.00 -20.63 15.21
CA LEU B 431 29.04 -20.62 14.19
C LEU B 431 30.07 -19.61 14.65
N HIS B 432 30.33 -19.57 15.97
CA HIS B 432 31.15 -18.50 16.58
C HIS B 432 32.17 -19.05 17.62
N GLY B 433 31.79 -20.12 18.32
CA GLY B 433 32.64 -20.77 19.35
C GLY B 433 33.81 -20.13 20.11
N ILE B 434 33.62 -18.98 20.79
CA ILE B 434 34.64 -18.47 21.73
C ILE B 434 34.74 -19.39 22.96
N GLN B 441 27.07 -12.42 23.45
CA GLN B 441 25.89 -11.55 23.35
C GLN B 441 24.59 -12.33 22.97
N LYS B 442 23.44 -11.63 22.89
CA LYS B 442 22.11 -12.16 22.50
C LYS B 442 21.20 -11.01 22.05
N SER B 443 19.90 -11.07 22.33
CA SER B 443 18.98 -10.44 21.36
C SER B 443 17.71 -9.59 21.63
N LEU B 444 17.38 -8.70 20.67
CA LEU B 444 16.38 -7.57 20.75
C LEU B 444 14.88 -7.76 20.38
N ARG B 445 14.03 -6.86 20.91
CA ARG B 445 12.58 -6.90 20.69
C ARG B 445 12.10 -5.84 19.72
N LEU B 446 11.32 -6.31 18.73
CA LEU B 446 10.85 -5.51 17.63
C LEU B 446 9.51 -4.85 17.93
N TRP B 447 8.72 -5.50 18.78
CA TRP B 447 7.38 -5.04 19.11
C TRP B 447 7.02 -5.45 20.52
N LYS B 448 6.17 -4.67 21.19
CA LYS B 448 5.57 -5.12 22.46
C LYS B 448 4.12 -4.66 22.67
N TRP B 449 3.20 -5.59 22.45
CA TRP B 449 1.79 -5.41 22.78
C TRP B 449 1.56 -5.19 24.29
N ASP B 450 0.38 -4.65 24.61
CA ASP B 450 -0.01 -4.33 25.98
C ASP B 450 -1.49 -4.02 26.04
N TYR B 451 -2.22 -4.69 26.91
CA TYR B 451 -3.56 -4.21 27.26
C TYR B 451 -3.54 -3.15 28.38
N SER B 452 -4.72 -2.65 28.74
CA SER B 452 -4.92 -1.34 29.32
C SER B 452 -4.54 -1.04 30.77
N ILE B 453 -4.94 -1.92 31.69
CA ILE B 453 -5.32 -1.48 33.05
C ILE B 453 -6.41 -0.40 32.87
N LYS B 454 -7.61 -0.90 32.53
CA LYS B 454 -8.81 -0.13 32.10
C LYS B 454 -8.76 1.20 31.36
N ASP B 455 -9.11 1.04 30.09
CA ASP B 455 -9.22 2.07 29.05
C ASP B 455 -9.82 1.35 27.85
N ASP B 456 -9.48 0.07 27.74
CA ASP B 456 -9.64 -0.74 26.53
C ASP B 456 -8.56 -0.46 25.49
N LYS B 457 -7.50 0.25 25.90
CA LYS B 457 -6.45 0.63 24.96
C LYS B 457 -5.33 -0.41 24.87
N TYR B 458 -5.24 -1.01 23.68
CA TYR B 458 -4.14 -1.86 23.27
C TYR B 458 -3.03 -1.00 22.72
N ARG B 459 -1.84 -1.20 23.26
CA ARG B 459 -0.68 -0.43 22.86
C ARG B 459 0.31 -1.34 22.12
N ILE B 460 0.91 -0.84 21.05
CA ILE B 460 2.11 -1.47 20.50
C ILE B 460 3.23 -0.49 20.65
N ASP B 461 4.41 -1.03 20.90
CA ASP B 461 5.57 -0.22 21.07
C ASP B 461 6.64 -0.62 20.09
N SER B 462 6.78 0.22 19.08
CA SER B 462 7.83 0.16 18.08
C SER B 462 9.19 -0.03 18.80
N SER B 463 9.27 0.51 20.02
CA SER B 463 10.51 0.74 20.76
C SER B 463 11.58 -0.37 20.89
N TYR B 464 12.75 -0.06 20.31
CA TYR B 464 14.07 -0.69 20.50
C TYR B 464 14.36 -1.05 21.97
N GLU B 465 14.83 -2.29 22.22
CA GLU B 465 15.32 -2.72 23.55
C GLU B 465 15.99 -4.12 23.57
N VAL B 466 17.30 -4.16 23.84
CA VAL B 466 18.14 -5.36 23.70
C VAL B 466 18.24 -6.24 24.99
N TYR B 467 18.15 -7.57 24.81
CA TYR B 467 18.26 -8.50 25.95
C TYR B 467 19.57 -9.28 26.05
N PRO B 468 20.23 -9.13 27.21
CA PRO B 468 21.46 -9.86 27.53
C PRO B 468 21.17 -11.34 27.85
N HIS B 482 -4.67 -10.78 30.18
CA HIS B 482 -4.54 -11.46 28.91
C HIS B 482 -5.30 -10.69 27.85
N GLY B 483 -5.69 -11.38 26.77
CA GLY B 483 -6.16 -10.71 25.57
C GLY B 483 -5.05 -9.83 25.00
N ILE B 484 -3.87 -10.43 24.80
CA ILE B 484 -2.62 -9.75 24.41
C ILE B 484 -1.73 -10.84 23.87
N ASN B 485 -0.61 -11.17 24.55
CA ASN B 485 0.32 -12.27 24.18
C ASN B 485 0.66 -12.43 22.69
N ILE B 486 1.02 -13.64 22.25
CA ILE B 486 1.26 -13.91 20.83
C ILE B 486 0.96 -15.34 20.51
N THR B 487 0.05 -15.54 19.56
CA THR B 487 -0.32 -16.86 19.08
C THR B 487 0.22 -17.01 17.68
N CYS B 488 1.40 -17.60 17.52
CA CYS B 488 2.07 -17.76 16.20
C CYS B 488 2.76 -16.53 15.55
N THR B 489 3.90 -16.80 14.93
CA THR B 489 4.65 -15.80 14.20
C THR B 489 5.43 -16.51 13.10
N LYS B 490 5.38 -16.03 11.86
CA LYS B 490 6.09 -16.72 10.77
C LYS B 490 6.69 -15.78 9.70
N TRP B 491 7.85 -16.17 9.16
CA TRP B 491 8.49 -15.44 8.10
C TRP B 491 7.82 -15.73 6.79
N ASN B 492 7.77 -14.74 5.92
CA ASN B 492 7.61 -15.04 4.51
C ASN B 492 8.96 -15.64 4.20
N GLU B 493 9.01 -16.64 3.33
CA GLU B 493 10.29 -17.28 3.05
C GLU B 493 10.62 -17.32 1.56
N THR B 494 10.45 -16.19 0.89
CA THR B 494 10.79 -16.14 -0.52
C THR B 494 11.79 -15.06 -0.74
N SER B 495 12.59 -15.22 -1.78
CA SER B 495 13.66 -14.29 -2.04
C SER B 495 13.15 -12.85 -2.24
N ALA B 496 11.91 -12.73 -2.73
CA ALA B 496 11.20 -11.46 -2.92
C ALA B 496 10.83 -10.81 -1.58
N GLY B 497 9.93 -11.42 -0.81
CA GLY B 497 9.53 -10.82 0.47
C GLY B 497 10.20 -11.40 1.71
N GLY B 498 11.46 -11.84 1.56
CA GLY B 498 12.21 -12.54 2.60
C GLY B 498 12.31 -11.80 3.90
N LYS B 499 12.19 -10.48 3.83
CA LYS B 499 12.25 -9.64 5.00
C LYS B 499 10.88 -9.32 5.59
N CYS B 500 9.86 -10.05 5.19
CA CYS B 500 8.54 -9.88 5.79
C CYS B 500 8.24 -10.92 6.81
N TYR B 501 7.48 -10.53 7.82
CA TYR B 501 7.00 -11.48 8.80
C TYR B 501 5.66 -11.03 9.34
N ALA B 502 4.93 -11.98 9.90
CA ALA B 502 3.63 -11.68 10.50
C ALA B 502 3.63 -12.23 11.90
N PHE B 503 2.81 -11.64 12.77
CA PHE B 503 2.63 -12.18 14.09
C PHE B 503 1.32 -11.72 14.65
N SER B 504 0.55 -12.69 15.12
CA SER B 504 -0.70 -12.38 15.76
C SER B 504 -0.60 -12.50 17.26
N ASN B 505 -1.46 -11.77 17.93
CA ASN B 505 -1.68 -11.98 19.33
C ASN B 505 -3.09 -12.57 19.51
N SER B 506 -3.37 -13.17 20.68
CA SER B 506 -4.70 -13.71 20.97
C SER B 506 -5.83 -12.66 20.79
N ALA B 507 -5.52 -11.39 21.06
CA ALA B 507 -6.53 -10.31 20.88
C ALA B 507 -7.18 -10.24 19.49
N GLY B 508 -6.50 -10.81 18.49
CA GLY B 508 -6.97 -10.84 17.12
C GLY B 508 -6.23 -9.86 16.23
N LEU B 509 -5.29 -9.15 16.81
CA LEU B 509 -4.51 -8.15 16.10
C LEU B 509 -3.36 -8.83 15.37
N LEU B 510 -3.53 -8.97 14.06
CA LEU B 510 -2.51 -9.55 13.24
C LEU B 510 -1.76 -8.40 12.63
N THR B 511 -0.46 -8.31 12.95
CA THR B 511 0.37 -7.27 12.39
C THR B 511 1.46 -7.87 11.49
N LEU B 512 1.86 -7.08 10.48
CA LEU B 512 2.83 -7.48 9.45
C LEU B 512 3.78 -6.37 9.20
N GLU B 513 5.06 -6.68 9.12
CA GLU B 513 6.05 -5.67 8.86
C GLU B 513 7.09 -6.16 7.87
N TYR B 514 7.72 -5.19 7.23
CA TYR B 514 8.97 -5.38 6.51
C TYR B 514 10.11 -4.84 7.40
N LEU B 515 11.01 -5.74 7.83
CA LEU B 515 12.12 -5.43 8.78
C LEU B 515 13.19 -4.36 8.34
N SER B 516 13.56 -3.42 9.24
CA SER B 516 14.76 -2.51 9.09
C SER B 516 15.38 -1.74 10.32
N LEU B 517 15.18 -0.44 10.33
CA LEU B 517 15.80 0.42 11.33
C LEU B 517 14.75 1.50 11.73
N GLU B 518 13.50 1.01 11.85
CA GLU B 518 12.26 1.76 11.61
C GLU B 518 12.33 2.67 10.33
N HIS B 519 13.35 3.23 9.90
N LEU C 3 -41.01 66.23 -22.02
CA LEU C 3 -39.65 65.72 -22.41
C LEU C 3 -39.55 65.17 -23.85
N LEU C 4 -38.41 65.35 -24.50
CA LEU C 4 -38.23 64.85 -25.88
C LEU C 4 -38.39 63.32 -25.99
N LYS C 5 -38.97 62.82 -27.08
CA LYS C 5 -39.18 61.38 -27.17
C LYS C 5 -37.86 60.67 -27.39
N ASP C 6 -37.64 59.60 -26.64
CA ASP C 6 -36.36 58.86 -26.65
C ASP C 6 -35.97 58.31 -28.01
N LEU C 7 -34.67 58.36 -28.28
CA LEU C 7 -34.09 57.95 -29.55
C LEU C 7 -33.73 56.47 -29.54
N LEU C 8 -34.32 55.72 -30.47
CA LEU C 8 -34.03 54.30 -30.60
C LEU C 8 -32.69 54.07 -31.25
N VAL C 9 -31.84 53.30 -30.58
CA VAL C 9 -30.60 52.85 -31.19
C VAL C 9 -30.75 51.36 -31.35
N ASP C 10 -30.90 50.94 -32.58
CA ASP C 10 -31.31 49.58 -32.86
C ASP C 10 -30.15 48.68 -33.35
N ARG C 11 -30.14 47.43 -32.88
CA ARG C 11 -29.15 46.40 -33.29
C ARG C 11 -27.63 46.73 -33.15
N LYS C 12 -27.27 47.53 -32.15
CA LYS C 12 -25.87 47.78 -31.83
C LYS C 12 -25.59 47.06 -30.52
N GLU C 13 -24.31 46.86 -30.19
CA GLU C 13 -23.90 46.38 -28.87
C GLU C 13 -22.66 47.08 -28.35
N PHE C 14 -22.47 47.06 -27.04
CA PHE C 14 -21.27 47.65 -26.45
C PHE C 14 -20.34 46.54 -25.94
N GLU C 15 -19.05 46.88 -25.81
CA GLU C 15 -18.07 45.96 -25.25
C GLU C 15 -18.13 45.91 -23.73
N ASP C 16 -18.69 46.94 -23.09
CA ASP C 16 -18.67 47.07 -21.63
C ASP C 16 -19.60 48.18 -21.18
N TRP C 17 -19.75 48.30 -19.87
CA TRP C 17 -20.68 49.23 -19.29
C TRP C 17 -19.90 50.50 -18.85
N LYS C 18 -19.15 51.05 -19.80
CA LYS C 18 -17.98 51.83 -19.47
C LYS C 18 -18.09 53.32 -19.78
N ASN C 19 -19.23 53.70 -20.36
CA ASN C 19 -19.46 55.07 -20.78
C ASN C 19 -18.86 55.29 -22.14
N ASN C 20 -19.76 55.22 -23.10
CA ASN C 20 -19.43 55.13 -24.47
C ASN C 20 -20.09 56.27 -25.19
N LEU C 21 -20.64 57.19 -24.42
CA LEU C 21 -21.29 58.32 -25.03
C LEU C 21 -20.56 59.64 -24.85
N THR C 22 -20.42 60.35 -25.97
CA THR C 22 -19.89 61.71 -26.01
C THR C 22 -20.77 62.54 -26.92
N TRP C 23 -20.71 63.84 -26.72
CA TRP C 23 -21.51 64.80 -27.46
C TRP C 23 -20.63 65.98 -27.90
N ALA C 24 -20.35 66.05 -29.20
CA ALA C 24 -19.35 66.95 -29.76
C ALA C 24 -19.88 68.35 -29.96
N ARG C 25 -18.97 69.31 -30.06
CA ARG C 25 -19.29 70.73 -30.24
C ARG C 25 -20.41 71.02 -31.22
N ASP C 26 -20.38 70.30 -32.34
CA ASP C 26 -21.21 70.62 -33.47
C ASP C 26 -22.49 69.84 -33.42
N GLY C 27 -22.67 69.07 -32.35
CA GLY C 27 -23.96 68.51 -32.03
C GLY C 27 -24.07 67.03 -32.28
N THR C 28 -22.97 66.42 -32.69
CA THR C 28 -22.96 65.02 -33.06
C THR C 28 -22.77 64.09 -31.86
N LEU C 29 -23.54 62.99 -31.85
CA LEU C 29 -23.40 61.97 -30.81
C LEU C 29 -22.44 60.92 -31.26
N TYR C 30 -21.60 60.49 -30.33
CA TYR C 30 -20.64 59.43 -30.57
C TYR C 30 -20.80 58.35 -29.52
N LEU C 31 -21.09 57.16 -30.00
CA LEU C 31 -21.17 55.97 -29.15
C LEU C 31 -20.07 55.00 -29.56
N THR C 32 -19.27 54.57 -28.61
CA THR C 32 -18.22 53.59 -28.92
C THR C 32 -18.83 52.22 -28.82
N THR C 33 -19.52 51.81 -29.88
CA THR C 33 -20.10 50.46 -29.97
C THR C 33 -19.08 49.48 -30.60
N PHE C 34 -19.40 48.20 -30.61
CA PHE C 34 -18.48 47.16 -31.09
C PHE C 34 -19.18 46.50 -32.27
N PRO C 35 -18.50 46.32 -33.40
CA PRO C 35 -17.10 46.67 -33.58
C PRO C 35 -16.83 48.06 -34.18
N ASP C 36 -17.88 48.79 -34.54
CA ASP C 36 -17.73 50.14 -35.11
C ASP C 36 -18.29 51.21 -34.24
N ILE C 37 -17.73 52.42 -34.33
CA ILE C 37 -18.37 53.58 -33.71
C ILE C 37 -19.74 53.82 -34.36
N SER C 38 -20.72 54.18 -33.54
CA SER C 38 -22.01 54.62 -34.06
C SER C 38 -22.17 56.12 -33.81
N ILE C 39 -22.72 56.81 -34.80
CA ILE C 39 -22.78 58.26 -34.79
C ILE C 39 -24.23 58.70 -34.79
N GLY C 40 -24.55 59.80 -34.16
CA GLY C 40 -25.88 60.30 -34.27
C GLY C 40 -25.64 61.57 -34.99
N GLN C 41 -25.91 61.60 -36.29
CA GLN C 41 -25.69 62.79 -37.06
C GLN C 41 -26.71 63.86 -36.72
N PRO C 42 -26.24 65.09 -36.52
CA PRO C 42 -27.11 66.17 -36.17
C PRO C 42 -27.88 66.50 -37.43
N LYS C 43 -29.20 66.56 -37.32
CA LYS C 43 -30.07 66.89 -38.46
C LYS C 43 -31.02 68.07 -38.12
N TYR C 44 -31.29 68.94 -39.09
CA TYR C 44 -32.21 70.02 -38.81
C TYR C 44 -33.57 69.72 -39.36
N ALA C 45 -34.59 69.83 -38.54
CA ALA C 45 -35.96 69.81 -39.04
C ALA C 45 -36.73 70.96 -38.39
N LYS C 46 -37.37 71.80 -39.22
CA LYS C 46 -38.14 72.94 -38.70
C LYS C 46 -39.05 72.52 -37.55
N ASP C 47 -39.67 71.36 -37.72
CA ASP C 47 -40.50 70.78 -36.68
C ASP C 47 -40.18 69.30 -36.36
N ILE C 48 -40.23 68.96 -35.08
CA ILE C 48 -40.20 67.58 -34.66
C ILE C 48 -41.29 67.41 -33.67
N ASN C 49 -42.26 66.56 -33.92
CA ASN C 49 -43.32 66.36 -32.93
C ASN C 49 -42.69 65.73 -31.68
N CYS C 50 -41.73 66.44 -31.08
CA CYS C 50 -41.05 66.04 -29.86
C CYS C 50 -40.38 64.69 -29.98
N ASN C 51 -39.92 64.34 -31.17
CA ASN C 51 -39.21 63.10 -31.33
C ASN C 51 -37.72 63.30 -31.60
N SER C 52 -36.87 63.05 -30.63
CA SER C 52 -35.45 63.30 -30.80
C SER C 52 -34.86 62.52 -32.01
N LYS C 53 -35.69 61.65 -32.58
CA LYS C 53 -35.40 60.95 -33.84
C LYS C 53 -35.06 61.96 -34.93
N ASN C 54 -35.73 63.12 -34.91
CA ASN C 54 -35.58 64.13 -35.95
C ASN C 54 -34.55 65.16 -35.57
N LEU C 55 -33.73 64.82 -34.61
CA LEU C 55 -32.63 65.67 -34.23
C LEU C 55 -31.30 65.00 -34.55
N PHE C 56 -31.28 63.69 -34.38
CA PHE C 56 -30.15 62.86 -34.75
C PHE C 56 -30.63 61.71 -35.60
N HIS C 57 -29.99 61.51 -36.74
CA HIS C 57 -30.13 60.25 -37.44
C HIS C 57 -28.86 59.43 -37.11
N VAL C 58 -29.06 58.24 -36.53
CA VAL C 58 -28.00 57.34 -36.04
C VAL C 58 -27.47 56.45 -37.15
N LYS C 59 -26.15 56.38 -37.31
CA LYS C 59 -25.55 55.64 -38.43
C LYS C 59 -24.23 54.99 -38.01
N GLU C 60 -23.87 53.89 -38.67
CA GLU C 60 -22.56 53.23 -38.50
C GLU C 60 -21.45 54.15 -38.96
N PHE C 61 -20.32 54.16 -38.26
CA PHE C 61 -19.24 55.14 -38.56
C PHE C 61 -17.89 54.44 -38.71
N PRO C 62 -17.78 53.55 -39.70
CA PRO C 62 -16.61 52.71 -39.81
C PRO C 62 -15.33 53.52 -40.01
N LEU C 63 -14.29 53.17 -39.28
CA LEU C 63 -13.01 53.85 -39.37
C LEU C 63 -11.87 52.88 -39.66
N GLU C 64 -10.71 53.41 -40.06
CA GLU C 64 -9.58 52.57 -40.44
C GLU C 64 -8.39 52.69 -39.49
N PHE C 65 -8.43 51.95 -38.37
CA PHE C 65 -7.36 52.02 -37.38
C PHE C 65 -6.12 51.30 -37.85
N GLU C 66 -4.98 51.91 -37.63
CA GLU C 66 -3.71 51.29 -37.96
C GLU C 66 -2.95 51.05 -36.68
N ASN C 67 -2.18 49.98 -36.66
CA ASN C 67 -1.46 49.62 -35.48
C ASN C 67 -0.02 50.05 -35.61
N LYS C 68 0.32 51.11 -34.88
CA LYS C 68 1.71 51.57 -34.83
C LYS C 68 2.56 50.49 -34.18
N LEU C 69 1.96 49.75 -33.27
CA LEU C 69 2.65 48.66 -32.62
C LEU C 69 2.54 47.36 -33.43
N ASP C 70 1.86 47.43 -34.58
CA ASP C 70 1.56 46.30 -35.43
C ASP C 70 2.59 45.19 -35.44
N PHE C 71 3.82 45.55 -35.82
CA PHE C 71 4.89 44.60 -36.04
C PHE C 71 5.76 44.41 -34.78
N GLU C 72 5.26 44.90 -33.65
CA GLU C 72 5.99 44.88 -32.39
C GLU C 72 5.56 43.69 -31.53
N LEU C 73 6.51 42.97 -30.94
CA LEU C 73 6.18 41.84 -30.07
C LEU C 73 5.78 42.30 -28.67
N ALA C 74 4.62 41.83 -28.21
CA ALA C 74 4.08 42.24 -26.91
C ALA C 74 5.08 41.94 -25.81
N GLN C 75 5.09 42.79 -24.79
CA GLN C 75 6.13 42.73 -23.78
C GLN C 75 5.65 42.66 -22.33
N GLN C 76 5.85 43.76 -21.61
CA GLN C 76 5.55 43.85 -20.19
C GLN C 76 4.06 43.74 -19.92
N ASN C 77 3.27 44.39 -20.79
CA ASN C 77 1.81 44.25 -20.82
C ASN C 77 1.46 42.80 -21.18
N GLY C 78 1.60 42.49 -22.46
CA GLY C 78 1.43 41.11 -22.92
C GLY C 78 0.06 40.91 -23.52
N LEU C 79 -0.94 41.47 -22.84
CA LEU C 79 -2.26 41.49 -23.38
C LEU C 79 -2.31 42.45 -24.58
N LEU C 80 -1.15 43.00 -24.96
CA LEU C 80 -1.04 44.00 -26.05
C LEU C 80 -1.66 43.57 -27.39
N ASN C 81 -0.87 43.09 -28.33
CA ASN C 81 -1.42 42.71 -29.64
C ASN C 81 -2.17 41.37 -29.62
N SER C 82 -2.64 41.00 -28.42
CA SER C 82 -3.39 39.77 -28.14
C SER C 82 -4.63 39.66 -29.04
N GLN C 83 -5.17 40.80 -29.40
CA GLN C 83 -6.24 40.87 -30.36
C GLN C 83 -5.73 41.73 -31.51
N PRO C 84 -5.28 41.10 -32.60
CA PRO C 84 -4.84 41.81 -33.82
C PRO C 84 -5.81 42.86 -34.41
N VAL C 85 -6.96 42.45 -34.96
CA VAL C 85 -7.96 43.39 -35.48
C VAL C 85 -8.15 44.59 -34.54
N CYS C 86 -8.10 45.80 -35.09
CA CYS C 86 -8.27 47.01 -34.28
C CYS C 86 -9.73 47.51 -34.23
N TYR C 87 -10.21 47.83 -33.04
CA TYR C 87 -11.55 48.37 -32.90
C TYR C 87 -11.51 49.46 -31.83
N PRO C 88 -12.51 50.35 -31.76
CA PRO C 88 -12.44 51.51 -30.88
C PRO C 88 -12.85 51.20 -29.45
N ARG C 89 -12.13 51.78 -28.50
CA ARG C 89 -12.40 51.62 -27.08
C ARG C 89 -13.06 52.87 -26.52
N VAL C 90 -12.34 54.00 -26.54
CA VAL C 90 -12.94 55.26 -26.16
C VAL C 90 -12.80 56.28 -27.24
N CYS C 91 -13.68 57.27 -27.20
CA CYS C 91 -13.74 58.23 -28.25
C CYS C 91 -14.11 59.60 -27.67
N LYS C 92 -13.30 60.61 -27.98
CA LYS C 92 -13.54 61.96 -27.48
C LYS C 92 -13.33 62.96 -28.61
N PRO C 93 -14.36 63.71 -28.99
CA PRO C 93 -14.21 64.70 -30.04
C PRO C 93 -13.54 65.88 -29.41
N SER C 94 -12.82 66.65 -30.23
CA SER C 94 -12.19 67.85 -29.73
C SER C 94 -13.25 68.84 -29.26
N PRO C 95 -13.01 69.46 -28.09
CA PRO C 95 -13.85 70.51 -27.58
C PRO C 95 -13.68 71.83 -28.36
N ILE C 96 -12.68 71.90 -29.23
CA ILE C 96 -12.29 73.13 -29.91
C ILE C 96 -12.43 73.02 -31.42
N ASP C 97 -11.77 72.02 -32.02
CA ASP C 97 -11.82 71.87 -33.47
C ASP C 97 -12.61 70.65 -33.94
N ASP C 98 -12.96 70.66 -35.21
CA ASP C 98 -13.81 69.66 -35.83
C ASP C 98 -12.92 68.50 -36.26
N TRP C 99 -12.95 67.43 -35.48
CA TRP C 99 -11.73 66.74 -35.10
C TRP C 99 -12.11 65.80 -33.99
N MET C 100 -11.42 64.68 -33.88
CA MET C 100 -11.80 63.71 -32.88
C MET C 100 -10.73 62.65 -32.73
N ALA C 101 -10.51 62.22 -31.48
CA ALA C 101 -9.52 61.20 -31.21
C ALA C 101 -10.16 59.92 -30.68
N VAL C 102 -9.55 58.78 -31.02
CA VAL C 102 -10.05 57.45 -30.64
C VAL C 102 -8.91 56.60 -30.10
N LEU C 103 -9.04 56.17 -28.85
CA LEU C 103 -8.15 55.15 -28.29
C LEU C 103 -8.63 53.81 -28.76
N SER C 104 -7.74 53.06 -29.41
CA SER C 104 -8.05 51.72 -29.92
C SER C 104 -7.74 50.67 -28.85
N ASN C 105 -8.07 49.41 -29.12
CA ASN C 105 -7.90 48.36 -28.13
C ASN C 105 -6.44 47.96 -28.00
N ASN C 106 -5.58 48.58 -28.79
CA ASN C 106 -4.19 48.21 -28.76
C ASN C 106 -3.29 49.32 -28.29
N GLY C 107 -3.87 50.30 -27.65
CA GLY C 107 -3.08 51.38 -27.08
C GLY C 107 -2.69 52.48 -28.05
N ASN C 108 -3.24 52.46 -29.28
CA ASN C 108 -3.08 53.53 -30.27
C ASN C 108 -4.12 54.61 -30.03
N VAL C 109 -3.70 55.87 -30.07
CA VAL C 109 -4.63 56.99 -30.08
C VAL C 109 -4.50 57.72 -31.42
N SER C 110 -5.53 57.60 -32.24
CA SER C 110 -5.51 58.21 -33.56
C SER C 110 -6.49 59.37 -33.65
N VAL C 111 -6.16 60.38 -34.45
CA VAL C 111 -6.98 61.58 -34.58
C VAL C 111 -7.62 61.58 -35.96
N PHE C 112 -8.91 61.93 -36.02
CA PHE C 112 -9.67 61.87 -37.27
C PHE C 112 -10.42 63.17 -37.64
N LYS C 113 -10.33 63.54 -38.91
CA LYS C 113 -11.25 64.50 -39.54
C LYS C 113 -12.31 63.68 -40.26
N ASP C 114 -13.56 63.71 -39.77
CA ASP C 114 -14.65 62.85 -40.30
C ASP C 114 -14.20 61.40 -40.22
N ASN C 115 -13.87 60.77 -41.34
CA ASN C 115 -13.29 59.40 -41.31
C ASN C 115 -11.81 59.45 -41.52
N LYS C 116 -11.33 60.16 -42.54
CA LYS C 116 -9.89 60.17 -42.78
C LYS C 116 -9.10 60.39 -41.47
N MET C 117 -8.23 59.44 -41.14
CA MET C 117 -7.27 59.58 -40.06
C MET C 117 -6.38 60.77 -40.39
N LEU C 118 -5.88 61.48 -39.38
CA LEU C 118 -4.98 62.59 -39.66
C LEU C 118 -3.56 62.16 -39.36
N THR C 119 -3.34 61.78 -38.09
CA THR C 119 -2.04 61.32 -37.64
C THR C 119 -2.26 60.36 -36.47
N ASN C 120 -1.45 59.30 -36.41
CA ASN C 120 -1.52 58.35 -35.30
C ASN C 120 -0.39 58.63 -34.31
N LEU C 121 -0.77 59.13 -33.14
CA LEU C 121 0.18 59.68 -32.19
C LEU C 121 1.25 58.67 -31.80
N ASP C 122 2.51 59.09 -31.91
CA ASP C 122 3.68 58.23 -31.76
C ASP C 122 4.89 59.07 -31.31
N SER C 123 5.92 58.42 -30.77
CA SER C 123 7.07 59.17 -30.23
C SER C 123 8.26 58.29 -29.94
N LYS C 124 9.19 58.86 -29.15
CA LYS C 124 10.41 58.25 -28.61
C LYS C 124 10.71 56.78 -28.95
N GLY C 125 10.59 55.89 -27.97
CA GLY C 125 10.93 54.48 -28.14
C GLY C 125 10.22 53.54 -27.18
N ASN C 126 10.98 52.87 -26.33
CA ASN C 126 10.46 51.84 -25.41
C ASN C 126 9.44 50.86 -25.99
N LEU C 127 8.19 51.30 -26.04
CA LEU C 127 6.99 50.49 -26.34
C LEU C 127 6.10 50.59 -25.14
N SER C 128 6.67 50.38 -23.97
CA SER C 128 6.04 50.76 -22.74
C SER C 128 5.67 52.25 -22.86
N SER C 129 6.64 53.06 -23.34
CA SER C 129 6.48 54.51 -23.55
C SER C 129 5.42 54.81 -24.58
N ARG C 130 5.27 53.91 -25.52
CA ARG C 130 4.52 54.21 -26.71
C ARG C 130 3.11 53.62 -26.80
N THR C 131 2.68 52.87 -25.78
CA THR C 131 1.32 52.33 -25.78
C THR C 131 0.42 52.95 -24.68
N TYR C 132 -0.76 53.43 -25.09
CA TYR C 132 -1.53 54.35 -24.26
C TYR C 132 -2.84 53.79 -23.76
N HIS C 133 -3.29 54.36 -22.63
CA HIS C 133 -4.51 53.94 -21.94
C HIS C 133 -5.55 55.05 -21.66
N CYS C 134 -5.25 56.27 -22.12
CA CYS C 134 -6.17 57.41 -21.99
C CYS C 134 -5.61 58.66 -22.64
N PHE C 135 -6.48 59.58 -23.03
CA PHE C 135 -6.09 60.80 -23.71
C PHE C 135 -7.08 61.92 -23.41
N GLU C 136 -6.60 63.15 -23.24
CA GLU C 136 -7.49 64.33 -23.11
C GLU C 136 -7.12 65.45 -24.09
N TRP C 137 -8.13 66.21 -24.50
CA TRP C 137 -7.96 67.33 -25.40
C TRP C 137 -7.67 68.57 -24.58
N ASN C 138 -6.80 69.42 -25.11
CA ASN C 138 -6.54 70.73 -24.55
C ASN C 138 -7.80 71.56 -24.66
N PRO C 139 -8.38 71.98 -23.55
CA PRO C 139 -9.64 72.71 -23.56
C PRO C 139 -9.47 74.18 -23.94
N ILE C 140 -8.23 74.62 -24.02
CA ILE C 140 -7.97 76.02 -24.33
C ILE C 140 -7.33 76.25 -25.67
N GLU C 141 -6.24 75.55 -26.00
CA GLU C 141 -5.74 75.62 -27.37
C GLU C 141 -5.83 74.26 -28.07
N SER C 142 -5.12 74.13 -29.19
CA SER C 142 -5.20 72.94 -30.00
C SER C 142 -4.04 72.02 -29.71
N SER C 143 -4.18 71.21 -28.67
CA SER C 143 -3.24 70.12 -28.41
C SER C 143 -3.96 68.93 -27.75
N ILE C 144 -3.20 67.89 -27.41
CA ILE C 144 -3.73 66.67 -26.81
C ILE C 144 -2.70 66.00 -25.88
N VAL C 145 -3.17 65.22 -24.92
CA VAL C 145 -2.27 64.45 -24.05
C VAL C 145 -2.63 63.00 -24.08
N VAL C 146 -1.62 62.14 -24.08
CA VAL C 146 -1.85 60.73 -23.87
C VAL C 146 -1.21 60.35 -22.53
N GLY C 147 -1.69 59.25 -21.96
CA GLY C 147 -1.06 58.62 -20.80
C GLY C 147 -0.58 57.24 -21.22
N ASN C 148 0.61 56.86 -20.79
CA ASN C 148 1.18 55.61 -21.26
C ASN C 148 1.42 54.65 -20.12
N GLU C 149 2.13 53.56 -20.43
CA GLU C 149 2.34 52.47 -19.48
C GLU C 149 3.50 52.74 -18.53
N ASP C 150 4.17 53.87 -18.70
CA ASP C 150 5.26 54.25 -17.81
C ASP C 150 4.84 55.11 -16.65
N GLY C 151 3.56 55.48 -16.60
CA GLY C 151 3.11 56.49 -15.67
C GLY C 151 3.73 57.79 -16.15
N GLU C 152 3.34 58.21 -17.34
CA GLU C 152 3.95 59.34 -18.03
C GLU C 152 2.92 60.03 -18.94
N LEU C 153 2.98 61.34 -19.05
CA LEU C 153 2.05 62.07 -19.91
C LEU C 153 2.81 62.61 -21.09
N GLN C 154 2.38 62.24 -22.28
CA GLN C 154 2.99 62.78 -23.48
C GLN C 154 2.02 63.73 -24.16
N PHE C 155 2.53 64.92 -24.49
CA PHE C 155 1.76 66.02 -25.03
C PHE C 155 2.08 66.21 -26.50
N PHE C 156 1.03 66.45 -27.29
CA PHE C 156 1.20 66.66 -28.71
C PHE C 156 0.56 67.98 -29.15
N SER C 157 1.33 68.78 -29.89
CA SER C 157 0.86 70.02 -30.52
C SER C 157 0.57 69.78 -32.00
N ILE C 158 0.23 70.83 -32.75
CA ILE C 158 -0.15 70.65 -34.15
C ILE C 158 0.70 71.37 -35.21
N ARG C 159 0.12 72.43 -35.78
CA ARG C 159 0.37 72.83 -37.19
C ARG C 159 1.35 71.97 -38.03
N LYS C 160 2.65 72.20 -37.92
CA LYS C 160 3.67 71.45 -38.73
C LYS C 160 3.42 71.53 -40.28
N ASN C 161 2.18 71.17 -40.66
CA ASN C 161 1.46 71.46 -41.95
C ASN C 161 1.69 70.71 -43.29
N SER C 162 2.90 70.87 -43.89
CA SER C 162 3.14 70.50 -45.32
C SER C 162 1.90 70.86 -46.15
N GLU C 163 1.65 72.17 -46.26
CA GLU C 163 0.40 72.79 -46.81
C GLU C 163 -0.95 72.44 -46.12
N ASN C 164 -1.39 73.40 -45.31
CA ASN C 164 -2.66 73.41 -44.52
C ASN C 164 -3.31 72.12 -43.96
N THR C 165 -2.65 70.97 -44.12
CA THR C 165 -3.04 69.70 -43.47
C THR C 165 -2.52 69.61 -42.03
N PRO C 166 -3.45 69.71 -41.08
CA PRO C 166 -3.13 69.69 -39.66
C PRO C 166 -1.83 68.96 -39.30
N GLU C 167 -1.88 67.69 -38.91
CA GLU C 167 -0.68 66.92 -38.52
C GLU C 167 -0.10 67.24 -37.12
N PHE C 168 -0.18 66.24 -36.23
CA PHE C 168 0.35 66.30 -34.87
C PHE C 168 1.82 65.85 -34.80
N TYR C 169 2.45 66.13 -33.65
CA TYR C 169 3.84 65.74 -33.40
C TYR C 169 4.12 65.79 -31.89
N PHE C 170 5.08 64.98 -31.43
CA PHE C 170 5.45 64.95 -30.02
C PHE C 170 5.99 66.31 -29.61
N GLU C 171 5.61 66.75 -28.41
CA GLU C 171 5.98 68.06 -27.95
C GLU C 171 6.68 68.02 -26.60
N SER C 172 6.11 67.31 -25.64
CA SER C 172 6.75 67.17 -24.34
C SER C 172 6.13 66.03 -23.59
N SER C 173 6.75 65.68 -22.48
CA SER C 173 6.25 64.63 -21.59
C SER C 173 6.47 65.03 -20.14
N ILE C 174 5.88 64.25 -19.23
CA ILE C 174 6.09 64.35 -17.78
C ILE C 174 6.02 62.93 -17.19
N ARG C 175 7.04 62.54 -16.42
CA ARG C 175 6.96 61.31 -15.62
C ARG C 175 6.12 61.54 -14.37
N LEU C 176 5.32 60.54 -13.99
CA LEU C 176 4.48 60.65 -12.81
C LEU C 176 4.85 59.63 -11.73
N SER C 177 5.03 58.37 -12.12
CA SER C 177 5.58 57.36 -11.20
C SER C 177 7.11 57.35 -11.28
N ASP C 178 7.74 56.74 -10.29
CA ASP C 178 9.19 56.60 -10.29
C ASP C 178 9.61 55.59 -11.35
N ALA C 179 10.90 55.63 -11.70
CA ALA C 179 11.45 54.81 -12.77
C ALA C 179 11.19 53.30 -12.59
N GLY C 180 11.60 52.77 -11.44
CA GLY C 180 11.47 51.34 -11.13
C GLY C 180 10.05 50.82 -10.95
N SER C 181 9.09 51.38 -11.70
CA SER C 181 7.68 51.01 -11.60
C SER C 181 6.96 51.19 -12.92
N LYS C 182 6.02 50.29 -13.20
CA LYS C 182 5.16 50.41 -14.36
C LYS C 182 3.66 50.27 -14.07
N ASP C 183 3.18 51.16 -13.19
CA ASP C 183 1.76 51.50 -13.14
C ASP C 183 1.55 52.43 -14.32
N TRP C 184 0.36 52.39 -14.88
CA TRP C 184 0.03 53.20 -16.03
C TRP C 184 -0.83 54.38 -15.66
N VAL C 185 -0.87 55.37 -16.55
CA VAL C 185 -1.80 56.45 -16.41
C VAL C 185 -3.16 55.97 -16.87
N THR C 186 -4.14 56.02 -15.97
CA THR C 186 -5.48 55.49 -16.26
C THR C 186 -6.57 56.56 -16.39
N HIS C 187 -6.24 57.80 -16.02
CA HIS C 187 -7.20 58.92 -16.12
C HIS C 187 -6.49 60.22 -16.42
N ILE C 188 -7.05 61.03 -17.31
CA ILE C 188 -6.63 62.43 -17.46
C ILE C 188 -7.84 63.32 -17.68
N VAL C 189 -8.08 64.24 -16.76
CA VAL C 189 -9.07 65.30 -16.98
C VAL C 189 -8.34 66.62 -17.09
N TRP C 190 -8.50 67.29 -18.23
CA TRP C 190 -7.82 68.58 -18.44
C TRP C 190 -8.87 69.69 -18.44
N TYR C 191 -8.78 70.60 -17.47
CA TYR C 191 -9.77 71.67 -17.31
C TYR C 191 -9.13 73.03 -17.11
N GLU C 192 -9.40 73.93 -18.06
CA GLU C 192 -8.88 75.30 -18.05
C GLU C 192 -7.35 75.39 -18.16
N ASP C 193 -6.74 75.66 -17.02
CA ASP C 193 -5.35 76.08 -16.91
C ASP C 193 -4.59 75.05 -16.04
N VAL C 194 -5.34 74.02 -15.64
CA VAL C 194 -4.92 73.03 -14.65
C VAL C 194 -5.30 71.59 -15.09
N LEU C 195 -4.32 70.70 -14.97
CA LEU C 195 -4.40 69.31 -15.42
C LEU C 195 -4.24 68.32 -14.25
N VAL C 196 -5.10 67.29 -14.25
CA VAL C 196 -5.13 66.26 -13.21
C VAL C 196 -5.11 64.91 -13.86
N ALA C 197 -4.26 64.00 -13.38
CA ALA C 197 -4.17 62.64 -13.92
C ALA C 197 -4.04 61.61 -12.82
N ALA C 198 -4.34 60.35 -13.15
CA ALA C 198 -4.28 59.25 -12.18
C ALA C 198 -3.55 58.02 -12.71
N LEU C 199 -3.08 57.18 -11.80
CA LEU C 199 -2.31 56.00 -12.16
C LEU C 199 -2.97 54.70 -11.71
N SER C 200 -2.52 53.57 -12.28
CA SER C 200 -2.98 52.22 -11.92
C SER C 200 -3.05 52.01 -10.42
N ASN C 201 -2.08 52.55 -9.69
CA ASN C 201 -2.10 52.42 -8.25
C ASN C 201 -3.02 53.44 -7.56
N ASN C 202 -3.82 54.14 -8.37
CA ASN C 202 -4.81 55.07 -7.86
C ASN C 202 -4.23 56.26 -7.11
N SER C 203 -2.93 56.49 -7.27
CA SER C 203 -2.32 57.75 -6.83
C SER C 203 -2.71 58.84 -7.82
N VAL C 204 -2.91 60.05 -7.35
CA VAL C 204 -3.37 61.10 -8.26
C VAL C 204 -2.45 62.34 -8.26
N PHE C 205 -2.25 62.89 -9.45
CA PHE C 205 -1.36 64.01 -9.63
C PHE C 205 -2.08 65.17 -10.28
N SER C 206 -1.57 66.38 -10.03
CA SER C 206 -2.06 67.59 -10.68
C SER C 206 -0.93 68.57 -10.92
N MET C 207 -1.07 69.38 -11.95
CA MET C 207 -0.07 70.39 -12.24
C MET C 207 -0.70 71.61 -12.90
N THR C 208 0.12 72.61 -13.11
CA THR C 208 -0.26 73.65 -14.03
C THR C 208 0.55 73.54 -15.32
N VAL C 209 -0.12 73.05 -16.39
CA VAL C 209 0.39 73.16 -17.77
C VAL C 209 -0.21 74.43 -18.30
N SER C 210 0.66 75.35 -18.72
CA SER C 210 0.27 76.71 -18.95
C SER C 210 1.25 77.37 -19.91
N ALA C 211 2.10 78.26 -19.36
CA ALA C 211 3.05 79.10 -20.12
C ALA C 211 4.19 78.28 -20.74
N SER C 212 3.85 77.04 -21.13
CA SER C 212 4.71 75.95 -21.73
C SER C 212 6.25 76.00 -21.60
N SER C 213 6.84 77.18 -21.71
CA SER C 213 8.27 77.40 -21.39
C SER C 213 8.57 76.89 -19.97
N HIS C 214 7.52 76.89 -19.13
CA HIS C 214 7.57 76.34 -17.78
C HIS C 214 7.43 74.81 -17.81
N GLN C 215 8.55 74.12 -17.57
CA GLN C 215 8.61 72.66 -17.50
C GLN C 215 7.73 72.20 -16.32
N PRO C 216 6.47 71.89 -16.59
CA PRO C 216 5.41 72.05 -15.58
C PRO C 216 5.62 71.20 -14.33
N VAL C 217 5.67 71.85 -13.18
CA VAL C 217 5.83 71.18 -11.89
C VAL C 217 4.52 70.46 -11.55
N SER C 218 4.64 69.15 -11.29
CA SER C 218 3.51 68.31 -10.91
C SER C 218 3.55 68.03 -9.42
N ARG C 219 2.38 67.79 -8.86
CA ARG C 219 2.21 67.62 -7.43
C ARG C 219 1.23 66.49 -7.16
N MET C 220 1.62 65.55 -6.29
CA MET C 220 0.77 64.43 -5.94
C MET C 220 -0.30 64.91 -4.99
N ILE C 221 -1.57 64.67 -5.33
CA ILE C 221 -2.69 65.12 -4.52
C ILE C 221 -3.39 64.00 -3.76
N GLN C 222 -2.97 62.76 -4.01
CA GLN C 222 -3.51 61.62 -3.29
C GLN C 222 -2.60 60.39 -3.34
N ASN C 223 -2.39 59.77 -2.19
CA ASN C 223 -1.55 58.57 -2.08
C ASN C 223 -2.02 57.44 -2.96
N ALA C 224 -1.13 56.49 -3.26
CA ALA C 224 -1.54 55.26 -3.91
C ALA C 224 -2.44 54.48 -2.95
N SER C 225 -3.42 53.80 -3.53
CA SER C 225 -4.43 53.10 -2.76
C SER C 225 -4.86 51.87 -3.52
N ARG C 226 -5.37 50.88 -2.82
CA ARG C 226 -5.91 49.71 -3.47
C ARG C 226 -7.31 50.03 -4.08
N ARG C 227 -7.95 51.11 -3.60
CA ARG C 227 -9.31 51.49 -4.04
C ARG C 227 -9.27 52.01 -5.47
N LYS C 228 -9.74 51.18 -6.41
CA LYS C 228 -9.76 51.52 -7.84
C LYS C 228 -10.69 52.70 -8.16
N ILE C 229 -10.11 53.68 -8.88
CA ILE C 229 -10.79 54.91 -9.19
C ILE C 229 -11.80 54.64 -10.30
N THR C 230 -13.08 54.83 -10.00
CA THR C 230 -14.13 54.54 -10.96
C THR C 230 -14.12 55.61 -12.04
N ASP C 231 -14.25 56.86 -11.60
CA ASP C 231 -14.43 58.02 -12.51
C ASP C 231 -13.89 59.27 -11.86
N LEU C 232 -13.26 60.09 -12.70
CA LEU C 232 -12.56 61.29 -12.26
C LEU C 232 -12.92 62.49 -13.14
N LYS C 233 -13.36 63.54 -12.47
CA LYS C 233 -13.64 64.82 -13.08
C LYS C 233 -13.23 65.96 -12.18
N ILE C 234 -13.48 67.17 -12.65
CA ILE C 234 -12.90 68.35 -12.05
C ILE C 234 -13.88 69.51 -12.16
N VAL C 235 -14.27 70.06 -11.02
CA VAL C 235 -15.29 71.12 -10.97
C VAL C 235 -14.76 72.38 -10.32
N ASP C 236 -14.70 73.46 -11.11
CA ASP C 236 -13.98 74.69 -10.73
C ASP C 236 -12.85 74.53 -9.68
N TYR C 237 -11.75 73.93 -10.14
CA TYR C 237 -10.51 73.78 -9.35
C TYR C 237 -10.71 72.85 -8.14
N LYS C 238 -11.67 71.95 -8.30
CA LYS C 238 -12.00 70.90 -7.31
C LYS C 238 -12.05 69.56 -8.03
N VAL C 239 -11.24 68.61 -7.58
CA VAL C 239 -11.14 67.28 -8.18
C VAL C 239 -12.15 66.35 -7.51
N VAL C 240 -12.96 65.65 -8.31
CA VAL C 240 -13.95 64.71 -7.78
C VAL C 240 -13.73 63.26 -8.25
N LEU C 241 -13.52 62.35 -7.30
CA LEU C 241 -13.34 60.93 -7.62
C LEU C 241 -14.53 60.12 -7.15
N THR C 242 -14.86 59.08 -7.91
CA THR C 242 -15.70 58.03 -7.37
C THR C 242 -14.91 56.79 -7.15
N CYS C 243 -15.46 55.94 -6.31
CA CYS C 243 -14.85 54.67 -5.95
C CYS C 243 -15.79 53.49 -6.05
N PRO C 244 -15.40 52.40 -5.38
CA PRO C 244 -16.35 51.49 -4.80
C PRO C 244 -16.83 52.11 -3.50
N GLY C 245 -18.02 52.72 -3.54
CA GLY C 245 -18.77 53.13 -2.34
C GLY C 245 -18.41 54.48 -1.76
N TYR C 246 -17.48 55.20 -2.39
CA TYR C 246 -17.07 56.51 -1.91
C TYR C 246 -17.05 57.54 -3.04
N VAL C 247 -17.16 58.82 -2.66
CA VAL C 247 -16.86 59.94 -3.53
C VAL C 247 -15.89 60.79 -2.78
N HIS C 248 -14.76 61.12 -3.38
CA HIS C 248 -13.81 62.00 -2.71
C HIS C 248 -13.72 63.30 -3.46
N LYS C 249 -13.61 64.41 -2.72
CA LYS C 249 -13.34 65.71 -3.34
C LYS C 249 -11.99 66.28 -2.88
N ILE C 250 -11.27 66.88 -3.83
CA ILE C 250 -10.01 67.55 -3.53
C ILE C 250 -9.96 69.00 -4.05
N ASP C 251 -9.87 69.94 -3.12
CA ASP C 251 -9.76 71.36 -3.44
C ASP C 251 -8.31 71.62 -3.84
N LEU C 252 -8.07 71.89 -5.12
CA LEU C 252 -6.75 72.39 -5.54
C LEU C 252 -6.56 73.81 -4.99
N LYS C 253 -7.65 74.58 -5.07
CA LYS C 253 -7.75 75.95 -4.57
C LYS C 253 -7.08 76.14 -3.22
N ASN C 254 -7.15 75.13 -2.36
CA ASN C 254 -6.59 75.25 -1.01
C ASN C 254 -5.93 73.98 -0.48
N TYR C 255 -5.98 72.91 -1.28
CA TYR C 255 -5.37 71.64 -0.92
C TYR C 255 -6.05 71.04 0.33
N SER C 256 -7.14 70.32 0.13
CA SER C 256 -7.90 69.69 1.23
C SER C 256 -8.96 68.71 0.73
N ILE C 257 -8.97 67.54 1.35
CA ILE C 257 -9.77 66.39 0.92
C ILE C 257 -11.05 66.25 1.76
N SER C 258 -12.18 66.00 1.10
CA SER C 258 -13.45 65.68 1.80
C SER C 258 -14.21 64.59 1.05
N SER C 259 -14.61 63.55 1.78
CA SER C 259 -15.23 62.39 1.14
C SER C 259 -16.42 61.79 1.86
N LEU C 260 -17.33 61.23 1.08
CA LEU C 260 -18.60 60.72 1.57
C LEU C 260 -18.84 59.30 1.05
N LYS C 261 -19.39 58.44 1.91
CA LYS C 261 -19.87 57.13 1.51
C LYS C 261 -21.02 57.23 0.51
N THR C 262 -21.41 56.11 -0.08
CA THR C 262 -22.44 56.12 -1.12
C THR C 262 -23.51 55.07 -0.90
N GLY C 263 -23.23 54.12 0.00
CA GLY C 263 -24.12 52.98 0.27
C GLY C 263 -24.14 51.97 -0.87
N SER C 264 -24.38 52.48 -2.09
CA SER C 264 -24.50 51.69 -3.32
C SER C 264 -23.36 50.73 -3.60
N LEU C 265 -22.11 51.12 -3.29
CA LEU C 265 -20.95 50.21 -3.39
C LEU C 265 -20.74 49.61 -4.79
N GLU C 266 -21.68 49.89 -5.69
CA GLU C 266 -21.54 49.57 -7.09
C GLU C 266 -21.07 50.85 -7.68
N ASN C 267 -19.87 50.85 -8.22
CA ASN C 267 -19.32 52.04 -8.90
C ASN C 267 -20.30 52.91 -9.75
N PHE C 268 -20.15 54.25 -9.67
CA PHE C 268 -20.93 55.16 -10.52
C PHE C 268 -20.47 56.61 -10.76
N HIS C 269 -20.83 57.11 -11.96
CA HIS C 269 -20.20 58.26 -12.61
C HIS C 269 -20.70 59.62 -12.12
N ILE C 270 -19.83 60.62 -12.31
CA ILE C 270 -20.10 61.97 -11.87
C ILE C 270 -20.43 62.91 -13.05
N ILE C 271 -21.51 63.66 -12.92
CA ILE C 271 -21.90 64.67 -13.90
C ILE C 271 -21.81 66.03 -13.22
N PRO C 272 -20.84 66.85 -13.60
CA PRO C 272 -20.76 68.23 -13.09
C PRO C 272 -21.92 69.10 -13.63
N LEU C 273 -22.56 69.86 -12.74
CA LEU C 273 -23.63 70.77 -13.11
C LEU C 273 -23.05 72.17 -13.17
N ASN C 274 -22.47 72.53 -14.31
CA ASN C 274 -21.57 73.69 -14.39
C ASN C 274 -22.17 75.08 -14.32
N HIS C 275 -23.47 75.18 -14.57
CA HIS C 275 -24.13 76.47 -14.54
C HIS C 275 -24.75 76.83 -13.18
N GLU C 276 -24.10 76.42 -12.10
CA GLU C 276 -24.72 76.56 -10.80
C GLU C 276 -24.25 77.73 -9.98
N LYS C 277 -23.05 78.25 -10.27
CA LYS C 277 -22.39 79.25 -9.39
C LYS C 277 -22.64 78.71 -7.99
N GLU C 278 -22.17 77.50 -7.74
CA GLU C 278 -22.57 76.71 -6.59
C GLU C 278 -21.85 75.35 -6.55
N SER C 279 -20.83 75.16 -7.39
CA SER C 279 -19.98 73.96 -7.30
C SER C 279 -20.81 72.74 -7.03
N THR C 280 -21.67 72.37 -7.98
CA THR C 280 -22.57 71.24 -7.76
C THR C 280 -22.28 70.11 -8.73
N ILE C 281 -22.49 68.88 -8.27
CA ILE C 281 -22.39 67.71 -9.15
C ILE C 281 -23.55 66.74 -8.96
N LEU C 282 -23.62 65.80 -9.88
CA LEU C 282 -24.65 64.84 -9.87
C LEU C 282 -24.02 63.48 -9.93
N LEU C 283 -24.04 62.78 -8.81
CA LEU C 283 -23.69 61.37 -8.79
C LEU C 283 -24.85 60.54 -9.27
N MET C 284 -24.56 59.58 -10.13
CA MET C 284 -25.59 58.82 -10.80
C MET C 284 -25.09 57.43 -11.17
N SER C 285 -25.89 56.43 -10.76
CA SER C 285 -25.63 54.99 -10.98
C SER C 285 -26.77 54.37 -11.72
N ASN C 286 -26.66 53.07 -11.97
CA ASN C 286 -27.80 52.31 -12.47
C ASN C 286 -28.94 52.33 -11.46
N LYS C 287 -28.63 52.02 -10.22
CA LYS C 287 -29.64 51.91 -9.17
C LYS C 287 -30.32 53.23 -8.78
N THR C 288 -29.55 54.19 -8.25
CA THR C 288 -30.10 55.53 -7.93
C THR C 288 -29.07 56.63 -8.18
N SER C 289 -29.29 57.81 -7.60
CA SER C 289 -28.58 59.04 -7.99
C SER C 289 -28.98 60.28 -7.15
N TYR C 290 -28.13 61.31 -7.08
CA TYR C 290 -28.44 62.55 -6.33
C TYR C 290 -27.47 63.72 -6.53
N LYS C 291 -27.84 64.89 -5.99
CA LYS C 291 -27.01 66.10 -5.99
C LYS C 291 -26.00 66.10 -4.85
N VAL C 292 -24.79 66.59 -5.12
CA VAL C 292 -23.80 66.81 -4.08
C VAL C 292 -23.21 68.23 -4.18
N LEU C 293 -23.41 69.06 -3.14
CA LEU C 293 -22.76 70.38 -3.13
C LEU C 293 -21.30 70.20 -2.76
N LEU C 294 -20.41 70.92 -3.42
CA LEU C 294 -18.97 70.75 -3.18
C LEU C 294 -18.32 71.81 -2.27
N GLU C 295 -19.04 72.16 -1.20
CA GLU C 295 -18.50 72.98 -0.12
C GLU C 295 -17.48 72.12 0.66
N ASP C 296 -16.96 72.58 1.80
CA ASP C 296 -16.01 71.75 2.56
C ASP C 296 -16.68 70.44 2.93
N GLU C 297 -17.88 70.57 3.49
CA GLU C 297 -18.78 69.46 3.75
C GLU C 297 -19.45 69.10 2.45
N LEU C 298 -19.40 67.83 2.06
CA LEU C 298 -20.24 67.37 0.96
C LEU C 298 -21.70 67.35 1.47
N HIS C 299 -22.65 67.72 0.61
CA HIS C 299 -24.06 67.65 0.97
C HIS C 299 -24.83 66.92 -0.10
N VAL C 300 -25.61 65.96 0.33
CA VAL C 300 -26.52 65.31 -0.58
C VAL C 300 -27.92 65.95 -0.46
N THR C 301 -28.35 66.55 -1.55
CA THR C 301 -29.76 66.82 -1.75
C THR C 301 -30.13 65.91 -2.90
N ALA C 302 -31.39 65.52 -2.97
CA ALA C 302 -31.78 64.48 -3.91
C ALA C 302 -32.02 64.99 -5.34
N ASP C 303 -33.09 65.77 -5.45
CA ASP C 303 -33.71 66.17 -6.71
C ASP C 303 -33.31 65.27 -7.84
N ASN C 304 -32.07 65.42 -8.26
CA ASN C 304 -31.58 64.69 -9.40
C ASN C 304 -32.06 65.22 -10.79
N ILE C 305 -33.21 65.92 -10.84
CA ILE C 305 -33.78 66.53 -12.09
C ILE C 305 -33.74 65.64 -13.36
N ILE C 306 -33.12 64.48 -13.20
CA ILE C 306 -33.16 63.35 -14.11
C ILE C 306 -34.04 62.23 -13.51
N ALA C 307 -33.73 61.80 -12.27
CA ALA C 307 -34.31 60.58 -11.73
C ALA C 307 -35.82 60.65 -11.74
N PRO C 308 -36.39 61.84 -11.49
CA PRO C 308 -37.82 62.06 -11.73
C PRO C 308 -38.25 61.49 -13.10
N TYR C 309 -37.63 61.97 -14.17
CA TYR C 309 -37.91 61.47 -15.52
C TYR C 309 -37.63 59.96 -15.66
N LEU C 310 -36.45 59.53 -15.23
CA LEU C 310 -35.99 58.15 -15.45
C LEU C 310 -36.89 57.05 -14.86
N GLU C 311 -37.24 57.22 -13.59
CA GLU C 311 -38.03 56.23 -12.87
C GLU C 311 -39.50 56.32 -13.33
N LYS C 312 -39.88 57.46 -13.88
CA LYS C 312 -41.17 57.59 -14.56
C LYS C 312 -41.22 56.62 -15.75
N LYS C 313 -40.24 56.73 -16.65
CA LYS C 313 -40.07 55.84 -17.80
C LYS C 313 -39.91 54.39 -17.31
N PHE C 314 -39.03 54.18 -16.33
CA PHE C 314 -38.76 52.85 -15.76
C PHE C 314 -39.99 52.23 -15.05
N LYS C 315 -40.91 53.07 -14.54
CA LYS C 315 -42.14 52.54 -13.95
C LYS C 315 -43.16 52.14 -15.04
N LYS C 316 -43.18 52.91 -16.13
CA LYS C 316 -44.06 52.65 -17.27
C LYS C 316 -43.74 51.29 -17.88
N TRP C 317 -42.46 51.02 -17.97
CA TRP C 317 -41.91 49.73 -18.33
C TRP C 317 -42.31 48.60 -17.35
N SER C 318 -43.00 48.91 -16.24
CA SER C 318 -43.56 47.84 -15.38
C SER C 318 -44.80 47.17 -16.02
N THR C 319 -45.06 47.49 -17.29
CA THR C 319 -45.94 46.67 -18.11
C THR C 319 -45.16 46.13 -19.32
N ILE C 320 -44.69 44.89 -19.11
CA ILE C 320 -43.63 44.11 -19.79
C ILE C 320 -42.89 43.44 -18.61
N TRP C 321 -43.67 43.27 -17.53
CA TRP C 321 -43.28 42.75 -16.22
C TRP C 321 -44.43 43.12 -15.29
N ASN C 322 -45.57 43.44 -15.91
CA ASN C 322 -46.77 43.93 -15.25
C ASN C 322 -46.76 43.81 -13.72
N GLU C 323 -46.29 44.87 -13.05
CA GLU C 323 -46.34 45.00 -11.56
C GLU C 323 -46.23 43.70 -10.71
N PHE C 324 -45.28 43.71 -9.78
CA PHE C 324 -44.88 42.57 -8.95
C PHE C 324 -43.51 42.07 -9.39
N ASN C 325 -42.90 41.26 -8.52
CA ASN C 325 -41.56 40.70 -8.79
C ASN C 325 -41.57 39.38 -9.57
N ASN C 326 -42.67 39.08 -10.27
CA ASN C 326 -42.74 37.90 -11.16
C ASN C 326 -41.54 37.84 -12.13
N TYR C 327 -40.77 38.93 -12.17
CA TYR C 327 -39.44 38.95 -12.78
C TYR C 327 -38.52 39.92 -12.01
N GLU C 328 -37.29 40.10 -12.50
CA GLU C 328 -36.25 40.78 -11.74
C GLU C 328 -35.55 41.85 -12.56
N THR C 329 -36.01 43.08 -12.44
CA THR C 329 -35.59 44.14 -13.38
C THR C 329 -34.55 45.17 -12.88
N THR C 330 -33.71 45.63 -13.80
CA THR C 330 -32.70 46.64 -13.47
C THR C 330 -32.46 47.57 -14.67
N LEU C 331 -32.33 48.86 -14.40
CA LEU C 331 -32.06 49.82 -15.44
C LEU C 331 -30.56 49.83 -15.70
N VAL C 332 -30.16 49.68 -16.95
CA VAL C 332 -28.75 49.61 -17.31
C VAL C 332 -28.38 50.89 -17.99
N ILE C 333 -27.32 51.53 -17.51
CA ILE C 333 -26.74 52.70 -18.17
C ILE C 333 -25.51 52.33 -18.98
N HIS C 334 -25.53 52.59 -20.28
CA HIS C 334 -24.36 52.32 -21.13
C HIS C 334 -23.51 53.57 -21.42
N GLY C 335 -24.02 54.73 -21.03
CA GLY C 335 -23.26 55.93 -21.27
C GLY C 335 -24.03 57.19 -20.92
N ILE C 336 -23.30 58.19 -20.42
CA ILE C 336 -23.87 59.45 -19.99
C ILE C 336 -22.97 60.49 -20.54
N SER C 337 -23.54 61.57 -21.08
CA SER C 337 -22.76 62.68 -21.55
C SER C 337 -23.57 63.97 -21.50
N LEU C 338 -22.89 65.06 -21.12
CA LEU C 338 -23.43 66.40 -21.18
C LEU C 338 -23.40 66.93 -22.62
N SER C 339 -24.32 67.87 -22.90
CA SER C 339 -24.25 68.77 -24.07
C SER C 339 -22.90 69.43 -24.11
N PRO C 340 -22.44 69.82 -25.29
CA PRO C 340 -21.19 70.58 -25.37
C PRO C 340 -21.36 71.84 -24.53
N ASP C 341 -22.54 72.45 -24.59
CA ASP C 341 -22.77 73.65 -23.77
C ASP C 341 -23.05 73.30 -22.30
N GLY C 342 -23.25 72.02 -22.03
CA GLY C 342 -23.52 71.57 -20.69
C GLY C 342 -24.92 71.84 -20.22
N TYR C 343 -25.84 72.16 -21.13
CA TYR C 343 -27.20 72.54 -20.69
C TYR C 343 -28.22 71.43 -20.65
N SER C 344 -27.92 70.34 -21.36
CA SER C 344 -28.77 69.18 -21.41
C SER C 344 -27.93 67.94 -21.11
N ILE C 345 -28.62 66.82 -20.85
CA ILE C 345 -27.93 65.55 -20.65
C ILE C 345 -28.52 64.48 -21.54
N ALA C 346 -27.63 63.66 -22.07
CA ALA C 346 -27.97 62.51 -22.89
C ALA C 346 -27.62 61.24 -22.11
N ILE C 347 -28.58 60.33 -22.03
CA ILE C 347 -28.31 59.09 -21.35
C ILE C 347 -28.65 57.93 -22.25
N VAL C 348 -27.66 57.10 -22.54
CA VAL C 348 -27.91 55.83 -23.18
C VAL C 348 -28.25 54.81 -22.10
N TYR C 349 -29.38 54.15 -22.28
CA TYR C 349 -29.83 53.18 -21.32
C TYR C 349 -30.63 52.05 -21.92
N ASP C 350 -30.83 51.03 -21.12
CA ASP C 350 -31.51 49.84 -21.54
C ASP C 350 -32.31 49.38 -20.31
N MET C 351 -33.38 48.60 -20.51
CA MET C 351 -34.13 48.05 -19.37
C MET C 351 -34.46 46.57 -19.58
N GLU C 352 -34.01 45.71 -18.65
CA GLU C 352 -34.21 44.25 -18.78
C GLU C 352 -34.58 43.58 -17.46
N ARG C 353 -34.42 42.27 -17.46
CA ARG C 353 -35.13 41.42 -16.55
C ARG C 353 -34.24 40.39 -15.83
N VAL C 354 -34.86 39.24 -15.55
CA VAL C 354 -34.27 38.02 -14.99
C VAL C 354 -32.91 37.60 -15.55
N ALA C 355 -32.85 36.37 -16.06
CA ALA C 355 -31.59 35.62 -16.28
C ALA C 355 -31.00 35.71 -17.70
N PHE C 356 -31.67 36.49 -18.56
CA PHE C 356 -31.30 36.72 -19.97
C PHE C 356 -31.28 35.45 -20.86
N LYS C 357 -31.27 35.65 -22.18
CA LYS C 357 -31.16 34.55 -23.17
C LYS C 357 -30.24 34.97 -24.31
N TYR C 358 -29.02 35.36 -23.91
CA TYR C 358 -28.02 36.06 -24.73
C TYR C 358 -28.47 36.95 -25.92
N LYS C 359 -29.15 36.35 -26.92
CA LYS C 359 -29.65 37.04 -28.14
C LYS C 359 -28.56 37.70 -29.02
N ILE C 360 -28.17 37.00 -30.10
CA ILE C 360 -26.94 37.33 -30.88
C ILE C 360 -26.73 38.83 -31.21
N ALA C 361 -25.46 39.25 -31.07
CA ALA C 361 -24.88 40.48 -31.61
C ALA C 361 -25.84 41.57 -32.16
N SER C 362 -26.18 41.42 -33.46
CA SER C 362 -27.15 42.27 -34.18
C SER C 362 -28.55 41.72 -33.88
N GLU C 363 -29.25 42.46 -33.01
CA GLU C 363 -30.44 42.01 -32.27
C GLU C 363 -30.20 42.39 -30.78
N GLN C 364 -30.93 43.40 -30.31
CA GLN C 364 -30.54 44.15 -29.11
C GLN C 364 -30.66 45.67 -29.38
N SER C 365 -31.56 46.37 -28.70
CA SER C 365 -31.62 47.83 -28.86
C SER C 365 -31.48 48.64 -27.54
N PHE C 366 -31.21 49.94 -27.70
CA PHE C 366 -31.00 50.88 -26.57
C PHE C 366 -31.85 52.13 -26.77
N ASN C 367 -31.88 53.00 -25.79
CA ASN C 367 -32.58 54.24 -25.90
C ASN C 367 -31.68 55.38 -25.42
N ILE C 368 -31.65 56.49 -26.15
CA ILE C 368 -31.02 57.67 -25.60
C ILE C 368 -32.09 58.67 -25.13
N MET C 369 -32.02 59.01 -23.86
CA MET C 369 -32.89 60.00 -23.28
C MET C 369 -32.17 61.33 -23.31
N PHE C 370 -32.91 62.40 -23.61
CA PHE C 370 -32.33 63.75 -23.61
C PHE C 370 -33.09 64.65 -22.69
N ALA C 371 -32.43 65.24 -21.70
CA ALA C 371 -33.17 65.99 -20.71
C ALA C 371 -32.48 67.30 -20.35
N PRO C 372 -33.25 68.35 -20.04
CA PRO C 372 -32.67 69.66 -19.71
C PRO C 372 -32.24 69.72 -18.26
N LEU C 373 -31.05 70.19 -17.98
CA LEU C 373 -30.56 70.24 -16.62
C LEU C 373 -30.90 71.54 -15.90
N TYR C 374 -31.43 72.53 -16.62
CA TYR C 374 -31.77 73.80 -15.95
C TYR C 374 -33.09 74.39 -16.46
N HIS C 375 -33.49 75.53 -15.91
CA HIS C 375 -34.70 76.15 -16.37
C HIS C 375 -34.43 77.12 -17.52
N THR C 376 -33.23 77.68 -17.61
CA THR C 376 -32.91 78.55 -18.77
C THR C 376 -31.59 78.17 -19.39
N TRP C 377 -31.28 78.72 -20.57
CA TRP C 377 -29.97 78.43 -21.25
C TRP C 377 -29.33 79.60 -22.01
N THR C 378 -28.15 79.36 -22.61
CA THR C 378 -27.47 80.36 -23.44
C THR C 378 -26.73 79.80 -24.64
N ILE C 379 -26.50 80.68 -25.60
CA ILE C 379 -25.80 80.31 -26.78
C ILE C 379 -24.36 80.29 -26.34
N SER C 380 -23.82 79.11 -26.10
CA SER C 380 -22.48 78.97 -25.56
C SER C 380 -21.44 78.94 -26.65
N GLU C 381 -20.23 79.42 -26.36
CA GLU C 381 -19.14 79.32 -27.34
C GLU C 381 -18.67 77.90 -27.46
N ARG C 382 -19.09 77.05 -26.55
CA ARG C 382 -18.64 75.68 -26.48
C ARG C 382 -19.37 74.78 -27.46
N ALA C 383 -20.48 75.25 -28.02
CA ALA C 383 -21.18 74.50 -29.04
C ALA C 383 -21.34 75.38 -30.25
N VAL C 384 -21.64 74.76 -31.39
CA VAL C 384 -21.89 75.48 -32.65
C VAL C 384 -23.01 74.82 -33.41
N GLY C 385 -23.51 75.50 -34.42
CA GLY C 385 -24.48 74.88 -35.31
C GLY C 385 -25.62 74.21 -34.60
N LEU C 386 -25.94 73.00 -35.04
CA LEU C 386 -27.14 72.37 -34.56
C LEU C 386 -27.07 72.05 -33.11
N ALA C 387 -25.86 71.94 -32.57
CA ALA C 387 -25.70 71.70 -31.15
C ALA C 387 -26.57 72.66 -30.37
N TRP C 388 -26.54 73.94 -30.77
CA TRP C 388 -27.40 74.97 -30.19
C TRP C 388 -28.87 74.60 -30.38
N TYR C 389 -29.24 74.34 -31.64
CA TYR C 389 -30.60 73.98 -31.99
C TYR C 389 -31.17 72.87 -31.15
N GLN C 390 -30.34 71.87 -30.87
CA GLN C 390 -30.66 70.80 -29.95
C GLN C 390 -31.03 71.31 -28.58
N THR C 391 -30.17 72.16 -28.02
CA THR C 391 -30.46 72.70 -26.69
C THR C 391 -31.79 73.44 -26.74
N TYR C 392 -32.03 74.16 -27.83
CA TYR C 392 -33.26 74.89 -28.04
C TYR C 392 -34.46 73.94 -27.98
N GLN C 393 -34.37 72.84 -28.71
CA GLN C 393 -35.47 71.88 -28.73
C GLN C 393 -35.66 71.19 -27.38
N ILE C 394 -34.56 70.75 -26.81
CA ILE C 394 -34.57 70.08 -25.50
C ILE C 394 -35.13 71.00 -24.46
N TYR C 395 -34.91 72.30 -24.62
CA TYR C 395 -35.48 73.31 -23.73
C TYR C 395 -36.88 73.81 -24.15
N ASN C 396 -37.67 72.90 -24.77
CA ASN C 396 -39.07 73.11 -25.17
C ASN C 396 -39.32 74.33 -26.02
N GLN C 397 -38.34 74.68 -26.85
CA GLN C 397 -38.44 75.84 -27.70
C GLN C 397 -38.30 77.20 -27.01
N SER C 398 -37.85 77.21 -25.75
CA SER C 398 -37.50 78.46 -25.08
C SER C 398 -36.34 79.19 -25.76
N LEU C 399 -36.50 80.46 -26.10
CA LEU C 399 -35.36 81.21 -26.60
C LEU C 399 -34.27 81.28 -25.55
N PRO C 400 -33.02 81.36 -25.97
CA PRO C 400 -31.93 81.51 -25.04
C PRO C 400 -31.92 82.94 -24.50
N LYS C 401 -30.86 83.31 -23.77
CA LYS C 401 -30.78 84.58 -23.09
C LYS C 401 -30.96 85.80 -23.98
N LEU C 402 -30.08 86.05 -24.97
CA LEU C 402 -30.15 87.27 -25.84
C LEU C 402 -29.97 88.65 -25.17
N PRO C 403 -28.91 89.40 -25.54
CA PRO C 403 -28.71 90.77 -25.04
C PRO C 403 -29.89 91.67 -25.24
N GLU C 404 -30.05 92.58 -24.28
CA GLU C 404 -31.01 93.66 -24.35
C GLU C 404 -30.90 94.32 -25.70
N ASN C 405 -32.05 94.51 -26.34
CA ASN C 405 -32.16 95.14 -27.65
C ASN C 405 -31.52 94.39 -28.78
N PHE C 406 -31.13 93.14 -28.59
CA PHE C 406 -30.52 92.44 -29.71
C PHE C 406 -31.44 92.33 -30.94
N SER C 407 -31.00 92.94 -32.02
CA SER C 407 -31.72 92.92 -33.24
C SER C 407 -30.90 92.17 -34.30
N MET C 408 -31.60 91.51 -35.22
CA MET C 408 -30.97 90.75 -36.32
C MET C 408 -30.10 91.70 -37.10
N ASN C 409 -30.35 92.99 -37.01
CA ASN C 409 -29.57 93.93 -37.81
C ASN C 409 -28.82 94.90 -36.91
N LYS C 410 -27.97 94.33 -36.07
CA LYS C 410 -27.08 95.15 -35.30
C LYS C 410 -25.74 94.65 -35.66
N LYS C 411 -24.82 95.60 -35.86
CA LYS C 411 -23.54 95.35 -36.45
C LYS C 411 -22.63 94.40 -35.70
N LEU C 412 -21.82 93.67 -36.46
CA LEU C 412 -20.82 92.80 -35.86
C LEU C 412 -19.79 93.62 -35.09
N LEU C 413 -19.30 93.08 -33.98
CA LEU C 413 -18.27 93.72 -33.18
C LEU C 413 -18.70 95.13 -32.89
N ASN C 414 -20.02 95.30 -32.84
CA ASN C 414 -20.60 96.58 -32.60
C ASN C 414 -20.27 97.66 -33.64
N GLY C 415 -19.93 97.24 -34.86
CA GLY C 415 -19.69 98.17 -35.95
C GLY C 415 -18.22 98.43 -36.08
N ASN C 416 -17.55 98.47 -34.94
CA ASN C 416 -16.10 98.58 -34.83
C ASN C 416 -15.28 97.45 -35.56
N TYR C 417 -15.14 97.54 -36.90
CA TYR C 417 -14.62 96.44 -37.73
C TYR C 417 -13.14 96.49 -37.91
N PRO C 418 -12.40 95.46 -37.52
CA PRO C 418 -10.93 95.49 -37.57
C PRO C 418 -10.35 95.34 -38.97
N ILE C 419 -10.60 96.31 -39.86
CA ILE C 419 -10.23 96.18 -41.27
C ILE C 419 -8.73 96.25 -41.56
N SER C 420 -7.94 96.69 -40.60
CA SER C 420 -6.48 96.66 -40.66
C SER C 420 -5.92 95.24 -40.74
N LEU C 421 -6.68 94.25 -40.26
CA LEU C 421 -6.24 92.85 -40.25
C LEU C 421 -6.09 92.27 -41.65
N ASP C 422 -5.33 91.18 -41.75
CA ASP C 422 -5.28 90.41 -42.99
C ASP C 422 -6.62 89.71 -43.14
N PHE C 423 -7.03 89.52 -44.38
CA PHE C 423 -8.34 89.02 -44.63
C PHE C 423 -8.67 87.79 -43.80
N GLN C 424 -7.72 86.89 -43.62
CA GLN C 424 -8.12 85.64 -43.01
C GLN C 424 -8.34 85.87 -41.49
N SER C 425 -7.57 86.77 -40.90
CA SER C 425 -7.69 87.12 -39.47
C SER C 425 -8.99 87.88 -39.28
N TYR C 426 -9.30 88.71 -40.26
CA TYR C 426 -10.47 89.53 -40.23
C TYR C 426 -11.72 88.67 -40.26
N LEU C 427 -11.71 87.56 -40.99
CA LEU C 427 -12.89 86.70 -40.98
C LEU C 427 -12.99 85.97 -39.63
N ASN C 428 -11.84 85.52 -39.09
CA ASN C 428 -11.83 84.86 -37.79
C ASN C 428 -12.41 85.78 -36.75
N ALA C 429 -11.89 87.00 -36.78
CA ALA C 429 -12.34 88.07 -35.92
C ALA C 429 -13.88 88.15 -35.90
N LEU C 430 -14.50 88.10 -37.08
CA LEU C 430 -15.94 88.24 -37.22
C LEU C 430 -16.63 87.01 -36.66
N MET C 431 -16.11 85.84 -37.06
CA MET C 431 -16.75 84.57 -36.74
C MET C 431 -16.78 84.36 -35.26
N LYS C 432 -15.82 84.94 -34.53
CA LYS C 432 -15.75 84.83 -33.09
C LYS C 432 -16.68 85.82 -32.41
N SER C 433 -17.02 86.89 -33.11
CA SER C 433 -17.83 87.94 -32.54
C SER C 433 -19.06 87.36 -31.90
N GLU C 434 -19.54 88.02 -30.85
CA GLU C 434 -20.74 87.56 -30.16
C GLU C 434 -21.98 87.72 -31.02
N GLU C 435 -22.00 88.75 -31.83
CA GLU C 435 -23.20 89.01 -32.60
C GLU C 435 -23.39 87.96 -33.69
N MET C 436 -22.29 87.55 -34.33
CA MET C 436 -22.33 86.45 -35.32
C MET C 436 -22.94 85.19 -34.76
N ARG C 437 -22.50 84.81 -33.56
CA ARG C 437 -23.07 83.65 -32.84
C ARG C 437 -24.59 83.74 -32.66
N ILE C 438 -25.04 84.83 -32.06
CA ILE C 438 -26.46 84.95 -31.80
C ILE C 438 -27.26 84.97 -33.10
N ILE C 439 -26.71 85.63 -34.11
CA ILE C 439 -27.42 85.74 -35.37
C ILE C 439 -27.52 84.38 -36.00
N MET C 440 -26.40 83.65 -35.94
CA MET C 440 -26.35 82.30 -36.46
C MET C 440 -27.45 81.44 -35.83
N PHE C 441 -27.52 81.38 -34.51
CA PHE C 441 -28.52 80.54 -33.92
C PHE C 441 -29.92 81.01 -34.34
N LEU C 442 -30.19 82.31 -34.18
CA LEU C 442 -31.55 82.84 -34.38
C LEU C 442 -32.03 82.55 -35.82
N ASN C 443 -31.07 82.54 -36.76
CA ASN C 443 -31.38 82.18 -38.11
C ASN C 443 -32.05 80.81 -38.19
N MET C 444 -31.90 79.96 -37.17
CA MET C 444 -32.50 78.62 -37.19
C MET C 444 -33.90 78.66 -36.67
N THR C 445 -34.33 79.84 -36.27
CA THR C 445 -35.60 80.11 -35.60
C THR C 445 -36.52 80.80 -36.54
N ILE C 446 -35.96 81.70 -37.34
CA ILE C 446 -36.76 82.53 -38.21
C ILE C 446 -37.02 81.92 -39.59
N ASP C 447 -38.07 82.40 -40.26
CA ASP C 447 -38.38 82.00 -41.63
C ASP C 447 -37.36 82.34 -42.69
N LYS C 448 -36.60 83.44 -42.55
CA LYS C 448 -35.66 83.85 -43.59
C LYS C 448 -34.30 84.25 -43.03
N PRO C 449 -33.41 83.27 -42.81
CA PRO C 449 -32.03 83.56 -42.36
C PRO C 449 -31.47 84.77 -43.07
N SER C 450 -30.91 85.71 -42.31
CA SER C 450 -30.17 86.83 -42.93
C SER C 450 -28.67 86.79 -42.60
N ILE C 451 -27.84 87.30 -43.48
CA ILE C 451 -26.43 87.49 -43.07
C ILE C 451 -25.95 88.95 -43.25
N LEU C 452 -26.89 89.89 -43.27
CA LEU C 452 -26.57 91.27 -43.66
C LEU C 452 -25.49 91.90 -42.76
N SER C 453 -25.70 91.84 -41.45
CA SER C 453 -24.77 92.42 -40.51
C SER C 453 -23.38 91.88 -40.78
N PHE C 454 -23.32 90.61 -41.19
CA PHE C 454 -22.06 89.98 -41.68
C PHE C 454 -21.61 90.62 -43.00
N LEU C 455 -22.51 90.68 -43.98
CA LEU C 455 -22.14 91.19 -45.33
C LEU C 455 -21.65 92.61 -45.24
N GLU C 456 -22.20 93.41 -44.34
CA GLU C 456 -21.72 94.74 -44.18
C GLU C 456 -20.29 94.69 -43.71
N ALA C 457 -19.99 93.97 -42.62
CA ALA C 457 -18.57 93.80 -42.25
C ALA C 457 -17.74 93.44 -43.48
N LEU C 458 -18.20 92.43 -44.22
CA LEU C 458 -17.53 92.02 -45.45
C LEU C 458 -17.26 93.18 -46.42
N TYR C 459 -18.22 94.07 -46.53
CA TYR C 459 -18.21 95.08 -47.58
C TYR C 459 -17.26 96.18 -47.16
N GLU C 460 -17.36 96.59 -45.90
CA GLU C 460 -16.41 97.55 -45.33
C GLU C 460 -14.95 97.10 -45.42
N TYR C 461 -14.74 95.79 -45.39
CA TYR C 461 -13.42 95.29 -45.62
C TYR C 461 -12.95 95.48 -47.04
N ALA C 462 -13.76 95.07 -48.01
CA ALA C 462 -13.36 95.09 -49.43
C ALA C 462 -13.06 96.53 -49.94
N ILE C 463 -14.10 97.35 -49.81
CA ILE C 463 -14.08 98.78 -49.98
C ILE C 463 -12.84 99.43 -49.46
N ASN C 464 -12.39 99.01 -48.30
CA ASN C 464 -11.19 99.59 -47.77
C ASN C 464 -10.01 99.31 -48.66
N LYS C 465 -10.10 98.20 -49.39
CA LYS C 465 -9.05 97.84 -50.32
C LYS C 465 -9.54 97.83 -51.77
N LYS C 466 -10.19 98.91 -52.20
CA LYS C 466 -10.88 98.90 -53.49
C LYS C 466 -9.88 98.88 -54.65
N SER C 467 -8.75 99.56 -54.49
CA SER C 467 -7.81 99.59 -55.54
C SER C 467 -7.28 98.18 -55.79
N GLU C 468 -7.40 97.30 -54.80
CA GLU C 468 -6.92 95.92 -54.90
C GLU C 468 -7.98 94.91 -55.33
N LEU C 469 -9.14 95.35 -55.79
CA LEU C 469 -10.15 94.39 -56.24
C LEU C 469 -10.04 94.47 -57.73
N THR C 470 -9.14 93.67 -58.30
CA THR C 470 -8.85 93.76 -59.73
C THR C 470 -9.19 92.45 -60.39
N ASN C 471 -9.69 91.52 -59.56
CA ASN C 471 -10.20 90.21 -60.00
C ASN C 471 -11.71 90.16 -60.19
N SER C 472 -12.13 89.54 -61.30
CA SER C 472 -13.54 89.60 -61.74
C SER C 472 -14.53 88.91 -60.87
N PHE C 473 -14.17 87.73 -60.41
CA PHE C 473 -14.96 87.12 -59.38
C PHE C 473 -15.09 88.01 -58.15
N ASP C 474 -13.96 88.54 -57.67
CA ASP C 474 -14.02 89.45 -56.54
C ASP C 474 -14.95 90.58 -56.86
N LEU C 475 -14.74 91.22 -58.01
CA LEU C 475 -15.61 92.28 -58.46
C LEU C 475 -17.07 91.93 -58.48
N ALA C 476 -17.46 90.87 -59.18
CA ALA C 476 -18.89 90.43 -59.20
C ALA C 476 -19.40 90.16 -57.79
N CYS C 477 -18.51 89.72 -56.92
CA CYS C 477 -18.92 89.43 -55.58
C CYS C 477 -19.23 90.72 -54.81
N VAL C 478 -18.28 91.65 -54.71
CA VAL C 478 -18.55 92.89 -53.96
C VAL C 478 -19.67 93.73 -54.57
N LEU C 479 -19.76 93.79 -55.89
CA LEU C 479 -20.91 94.38 -56.57
C LEU C 479 -22.22 93.80 -56.05
N SER C 480 -22.29 92.47 -55.94
CA SER C 480 -23.49 91.79 -55.46
C SER C 480 -23.78 92.22 -54.05
N ILE C 481 -22.76 92.19 -53.19
CA ILE C 481 -22.86 92.63 -51.75
C ILE C 481 -23.39 94.05 -51.57
N ALA C 482 -22.80 94.98 -52.31
CA ALA C 482 -23.25 96.35 -52.35
C ALA C 482 -24.74 96.45 -52.67
N ALA C 483 -25.20 95.63 -53.61
CA ALA C 483 -26.58 95.67 -54.00
C ALA C 483 -27.42 95.19 -52.86
N ILE C 484 -27.01 94.13 -52.18
CA ILE C 484 -27.87 93.62 -51.09
C ILE C 484 -27.89 94.61 -49.96
N LEU C 485 -26.77 95.30 -49.77
CA LEU C 485 -26.69 96.25 -48.71
C LEU C 485 -27.36 97.56 -49.10
N LYS C 486 -27.85 97.64 -50.31
CA LYS C 486 -28.48 98.85 -50.79
C LYS C 486 -27.55 100.01 -50.61
N ARG C 487 -26.33 99.80 -51.06
CA ARG C 487 -25.30 100.81 -50.98
C ARG C 487 -24.91 101.28 -52.41
N GLU C 488 -24.68 102.59 -52.57
CA GLU C 488 -24.01 103.23 -53.74
C GLU C 488 -23.07 102.21 -54.40
N ALA C 489 -23.44 101.66 -55.54
CA ALA C 489 -22.63 100.55 -56.10
C ALA C 489 -21.63 101.00 -57.15
N PRO C 490 -20.41 100.47 -57.12
CA PRO C 490 -19.37 100.87 -58.07
C PRO C 490 -19.76 100.57 -59.50
N ILE C 491 -19.21 101.30 -60.46
CA ILE C 491 -19.55 101.02 -61.83
C ILE C 491 -18.34 100.40 -62.50
N TYR C 492 -18.44 99.15 -62.92
CA TYR C 492 -17.31 98.50 -63.56
C TYR C 492 -17.69 98.01 -64.95
N ASN C 493 -16.80 98.04 -65.92
CA ASN C 493 -17.31 97.77 -67.27
C ASN C 493 -16.80 96.56 -68.00
N GLY C 494 -17.13 95.37 -67.50
CA GLY C 494 -16.63 94.12 -68.06
C GLY C 494 -17.49 92.91 -67.76
N THR C 495 -16.91 91.73 -67.81
CA THR C 495 -17.67 90.49 -67.67
C THR C 495 -17.09 89.50 -66.69
N LEU C 496 -17.94 88.57 -66.27
CA LEU C 496 -17.45 87.46 -65.52
C LEU C 496 -17.58 86.25 -66.40
N LEU C 497 -16.47 85.63 -66.75
CA LEU C 497 -16.57 84.34 -67.40
C LEU C 497 -16.40 83.27 -66.35
N MET C 498 -17.31 82.31 -66.31
CA MET C 498 -17.26 81.34 -65.24
C MET C 498 -17.47 79.97 -65.80
N LYS C 499 -16.61 79.05 -65.41
CA LYS C 499 -16.64 77.72 -66.00
C LYS C 499 -16.68 76.58 -65.02
N ASN C 500 -17.08 75.45 -65.56
CA ASN C 500 -17.19 74.22 -64.83
C ASN C 500 -16.90 73.14 -65.82
N SER C 501 -16.21 72.10 -65.35
CA SER C 501 -15.82 70.94 -66.15
C SER C 501 -16.59 70.70 -67.47
N PHE C 502 -17.91 70.87 -67.44
CA PHE C 502 -18.80 70.68 -68.59
C PHE C 502 -19.83 71.80 -68.76
N LEU C 503 -19.43 73.05 -68.58
CA LEU C 503 -20.32 74.17 -68.81
C LEU C 503 -19.55 75.47 -68.63
N GLU C 504 -19.72 76.41 -69.56
CA GLU C 504 -19.22 77.76 -69.36
C GLU C 504 -20.29 78.79 -69.75
N GLU C 505 -20.34 79.89 -68.99
CA GLU C 505 -21.32 80.98 -69.14
C GLU C 505 -20.64 82.25 -68.66
N THR C 506 -20.80 83.32 -69.44
CA THR C 506 -20.32 84.63 -69.06
C THR C 506 -21.47 85.50 -68.55
N PHE C 507 -21.14 86.53 -67.79
CA PHE C 507 -22.13 87.37 -67.11
C PHE C 507 -21.67 88.79 -67.19
N ASN C 508 -22.56 89.72 -67.45
CA ASN C 508 -22.14 91.11 -67.42
C ASN C 508 -22.00 91.58 -66.01
N LEU C 509 -20.99 92.39 -65.73
CA LEU C 509 -20.85 92.85 -64.38
C LEU C 509 -22.09 93.60 -63.85
N GLU C 510 -22.86 94.32 -64.69
CA GLU C 510 -24.19 94.84 -64.23
C GLU C 510 -24.99 93.79 -63.50
N SER C 511 -25.41 92.78 -64.26
CA SER C 511 -26.43 91.85 -63.83
C SER C 511 -26.18 91.23 -62.45
N PHE C 512 -25.00 91.47 -61.90
CA PHE C 512 -24.79 91.23 -60.46
C PHE C 512 -25.54 92.18 -59.47
N THR C 513 -26.28 93.16 -59.96
CA THR C 513 -27.02 93.98 -59.01
C THR C 513 -28.49 93.78 -59.26
N ALA C 514 -28.85 93.19 -60.41
CA ALA C 514 -30.25 93.07 -60.76
C ALA C 514 -31.06 92.36 -59.67
N ASP C 515 -30.65 91.17 -59.25
CA ASP C 515 -31.45 90.39 -58.30
C ASP C 515 -30.61 89.81 -57.15
N PRO C 516 -31.13 89.87 -55.93
CA PRO C 516 -30.46 89.31 -54.77
C PRO C 516 -30.30 87.77 -54.74
N GLU C 517 -31.24 87.06 -55.37
CA GLU C 517 -31.36 85.59 -55.40
C GLU C 517 -30.63 84.91 -56.56
N THR C 518 -30.78 85.49 -57.72
CA THR C 518 -30.31 84.84 -58.93
C THR C 518 -29.48 85.84 -59.71
N VAL C 519 -28.62 85.33 -60.59
CA VAL C 519 -28.02 86.17 -61.61
C VAL C 519 -28.30 85.53 -62.96
N THR C 520 -28.53 86.36 -63.97
CA THR C 520 -28.79 85.86 -65.32
C THR C 520 -27.60 86.07 -66.23
N SER C 521 -27.33 85.07 -67.06
CA SER C 521 -26.17 85.07 -67.91
C SER C 521 -26.44 85.74 -69.24
N THR C 522 -25.32 86.06 -69.86
CA THR C 522 -25.21 86.50 -71.22
C THR C 522 -26.02 85.70 -72.25
N THR C 523 -26.10 84.38 -72.09
CA THR C 523 -26.88 83.52 -73.01
C THR C 523 -28.30 83.34 -72.51
N ASN C 524 -28.63 84.16 -71.51
CA ASN C 524 -29.96 84.23 -70.93
C ASN C 524 -30.38 83.03 -70.03
N ASN C 525 -29.41 82.34 -69.43
CA ASN C 525 -29.71 81.26 -68.49
C ASN C 525 -29.51 81.84 -67.14
N THR C 526 -30.52 81.72 -66.29
CA THR C 526 -30.44 82.24 -64.94
C THR C 526 -30.08 81.18 -63.88
N TRP C 527 -29.09 81.51 -63.05
CA TRP C 527 -28.56 80.57 -62.05
C TRP C 527 -28.79 81.11 -60.65
N LYS C 528 -28.70 80.22 -59.66
CA LYS C 528 -28.80 80.60 -58.25
C LYS C 528 -27.47 81.14 -57.79
N ARG C 529 -27.45 81.73 -56.61
CA ARG C 529 -26.23 82.35 -56.15
C ARG C 529 -25.54 81.57 -55.06
N CYS C 530 -24.25 81.85 -54.87
CA CYS C 530 -23.39 81.13 -53.97
C CYS C 530 -23.78 81.35 -52.53
N GLY C 531 -24.08 82.54 -52.11
CA GLY C 531 -24.51 82.57 -50.70
C GLY C 531 -23.41 82.64 -49.64
N VAL C 532 -22.17 82.33 -50.00
CA VAL C 532 -21.08 82.93 -49.27
C VAL C 532 -20.58 84.04 -50.19
N THR C 533 -20.57 83.77 -51.49
CA THR C 533 -19.90 84.58 -52.45
C THR C 533 -20.89 85.46 -53.24
N LEU C 534 -22.14 84.99 -53.34
CA LEU C 534 -23.17 85.57 -54.22
C LEU C 534 -22.94 85.31 -55.70
N LEU C 535 -21.78 84.71 -56.02
CA LEU C 535 -21.40 84.22 -57.36
C LEU C 535 -22.41 83.22 -57.94
N PRO C 536 -22.62 83.25 -59.25
CA PRO C 536 -23.49 82.25 -59.86
C PRO C 536 -23.04 80.87 -59.42
N ILE C 537 -23.92 80.15 -58.77
CA ILE C 537 -23.62 78.79 -58.34
C ILE C 537 -23.44 77.88 -59.59
N LEU C 538 -22.19 77.82 -60.05
CA LEU C 538 -21.80 77.00 -61.21
C LEU C 538 -20.29 76.80 -61.17
N THR C 539 -19.89 75.98 -60.19
CA THR C 539 -18.52 75.48 -60.02
C THR C 539 -18.30 74.03 -60.57
N THR C 540 -18.54 72.99 -59.76
CA THR C 540 -18.65 71.61 -60.26
C THR C 540 -19.57 70.91 -59.31
N HIS C 541 -19.39 71.21 -58.03
CA HIS C 541 -20.42 70.93 -57.05
C HIS C 541 -20.34 71.79 -55.80
N VAL C 542 -21.35 71.60 -54.97
CA VAL C 542 -21.75 72.56 -53.98
C VAL C 542 -22.15 71.89 -52.67
N LYS C 543 -21.78 72.52 -51.57
CA LYS C 543 -22.20 72.04 -50.30
C LYS C 543 -23.47 72.79 -49.95
N ILE C 544 -24.22 72.28 -48.97
CA ILE C 544 -25.55 72.82 -48.60
C ILE C 544 -25.60 73.00 -47.10
N CYS C 545 -26.05 74.17 -46.66
CA CYS C 545 -26.37 74.41 -45.27
C CYS C 545 -27.70 73.73 -44.99
N PRO C 546 -27.74 72.85 -44.00
CA PRO C 546 -28.89 71.97 -43.78
C PRO C 546 -30.13 72.70 -43.28
N VAL C 547 -29.93 73.90 -42.74
CA VAL C 547 -30.99 74.71 -42.16
C VAL C 547 -31.58 75.68 -43.15
N SER C 548 -30.76 76.61 -43.63
CA SER C 548 -31.16 77.59 -44.62
C SER C 548 -31.36 77.02 -46.03
N LYS C 549 -30.69 75.92 -46.32
CA LYS C 549 -30.72 75.30 -47.63
C LYS C 549 -29.96 76.11 -48.69
N GLN C 550 -29.35 77.20 -48.24
CA GLN C 550 -28.41 77.97 -49.02
C GLN C 550 -27.29 77.11 -49.59
N ARG C 551 -26.93 77.27 -50.86
CA ARG C 551 -25.92 76.40 -51.48
C ARG C 551 -24.58 77.10 -51.58
N VAL C 552 -23.48 76.48 -51.15
CA VAL C 552 -22.14 77.12 -51.27
C VAL C 552 -21.15 76.48 -52.29
N ILE C 553 -20.41 77.32 -53.02
CA ILE C 553 -19.40 76.85 -53.97
C ILE C 553 -18.30 76.04 -53.28
N ASP C 554 -18.12 74.80 -53.72
CA ASP C 554 -17.09 73.96 -53.11
C ASP C 554 -15.76 74.21 -53.79
N ILE C 555 -14.95 75.07 -53.17
CA ILE C 555 -13.73 75.55 -53.84
C ILE C 555 -12.76 74.41 -54.03
N LYS C 556 -12.71 73.51 -53.06
CA LYS C 556 -11.82 72.35 -53.15
C LYS C 556 -12.08 71.47 -54.36
N ARG C 557 -13.27 71.59 -54.96
CA ARG C 557 -13.57 70.89 -56.20
C ARG C 557 -13.55 71.81 -57.42
N ASP C 558 -13.03 73.03 -57.26
CA ASP C 558 -12.98 73.98 -58.40
C ASP C 558 -11.57 74.31 -58.91
N ASP C 559 -11.02 73.42 -59.74
CA ASP C 559 -9.81 73.72 -60.48
C ASP C 559 -10.00 74.81 -61.52
N LEU C 560 -11.20 74.97 -62.05
CA LEU C 560 -11.34 75.72 -63.29
C LEU C 560 -11.40 77.24 -63.16
N ASN C 561 -12.02 77.75 -62.10
CA ASN C 561 -12.36 79.17 -61.96
C ASN C 561 -11.37 79.97 -61.15
N ASP C 562 -10.76 80.98 -61.75
CA ASP C 562 -9.69 81.73 -61.06
C ASP C 562 -10.10 82.73 -59.97
N TYR C 563 -10.45 82.22 -58.79
CA TYR C 563 -10.94 83.13 -57.75
C TYR C 563 -9.86 84.06 -57.20
N GLY C 564 -10.22 85.34 -57.09
CA GLY C 564 -9.33 86.35 -56.52
C GLY C 564 -9.30 86.36 -55.01
N TRP C 565 -8.25 86.94 -54.47
CA TRP C 565 -8.03 86.97 -53.03
C TRP C 565 -9.26 87.03 -52.17
N PHE C 566 -10.23 87.84 -52.58
CA PHE C 566 -11.36 88.09 -51.71
C PHE C 566 -12.30 86.89 -51.78
N THR C 567 -12.84 86.71 -52.96
CA THR C 567 -13.71 85.64 -53.26
C THR C 567 -13.16 84.25 -52.89
N ARG C 568 -11.85 84.02 -53.02
CA ARG C 568 -11.23 82.74 -52.61
C ARG C 568 -11.08 82.64 -51.13
N GLY C 569 -10.42 83.63 -50.53
CA GLY C 569 -10.33 83.69 -49.06
C GLY C 569 -11.64 83.37 -48.33
N LEU C 570 -12.78 83.79 -48.94
CA LEU C 570 -14.12 83.47 -48.48
C LEU C 570 -14.45 82.01 -48.70
N LEU C 571 -14.37 81.50 -49.93
CA LEU C 571 -14.82 80.12 -50.19
C LEU C 571 -14.00 79.07 -49.48
N GLU C 572 -12.77 79.44 -49.11
CA GLU C 572 -11.89 78.56 -48.39
C GLU C 572 -12.34 78.55 -46.95
N ARG C 573 -12.35 79.73 -46.34
CA ARG C 573 -12.78 79.90 -44.97
C ARG C 573 -14.16 79.31 -44.68
N PHE C 574 -15.05 79.34 -45.64
CA PHE C 574 -16.38 78.87 -45.35
C PHE C 574 -16.68 77.65 -46.17
N ASN C 575 -15.64 76.90 -46.43
CA ASN C 575 -15.71 75.69 -47.17
C ASN C 575 -16.55 74.66 -46.42
N GLU C 576 -16.59 74.78 -45.09
CA GLU C 576 -17.15 73.70 -44.27
C GLU C 576 -18.17 74.22 -43.28
N ILE C 577 -18.16 75.51 -42.96
CA ILE C 577 -19.18 76.03 -42.00
C ILE C 577 -20.20 77.01 -42.62
N SER C 578 -21.47 76.84 -42.30
CA SER C 578 -22.45 77.75 -42.86
C SER C 578 -22.32 79.15 -42.20
N VAL C 579 -22.32 80.20 -43.01
CA VAL C 579 -22.42 81.54 -42.44
C VAL C 579 -23.81 81.80 -41.84
N TYR C 580 -24.85 81.14 -42.35
CA TYR C 580 -26.19 81.39 -41.86
C TYR C 580 -26.41 80.82 -40.47
N CYS C 581 -25.98 79.58 -40.26
CA CYS C 581 -26.33 78.90 -39.03
C CYS C 581 -25.15 78.38 -38.29
N GLY C 582 -24.03 78.23 -38.98
CA GLY C 582 -22.86 77.73 -38.29
C GLY C 582 -22.86 76.24 -38.12
N THR C 583 -23.78 75.57 -38.85
CA THR C 583 -23.83 74.10 -39.02
C THR C 583 -22.78 73.70 -40.05
N THR C 584 -22.37 72.43 -40.10
CA THR C 584 -21.39 72.05 -41.14
C THR C 584 -22.15 71.68 -42.38
N LEU C 585 -21.62 72.13 -43.51
CA LEU C 585 -22.26 71.99 -44.81
C LEU C 585 -22.17 70.54 -45.22
N GLU C 586 -23.22 70.04 -45.89
CA GLU C 586 -23.32 68.63 -46.31
C GLU C 586 -23.04 68.49 -47.80
N VAL C 587 -22.19 67.57 -48.21
CA VAL C 587 -22.00 67.33 -49.63
C VAL C 587 -23.29 66.71 -50.13
N MET C 588 -23.97 67.39 -51.07
CA MET C 588 -25.17 66.85 -51.74
C MET C 588 -24.82 66.39 -53.17
N ARG D 11 10.30 28.00 -34.32
CA ARG D 11 11.37 29.00 -33.99
C ARG D 11 10.80 30.39 -33.86
N ASP D 12 10.02 30.85 -34.85
CA ASP D 12 9.32 32.14 -34.73
C ASP D 12 7.78 32.03 -34.72
N LYS D 13 7.31 30.85 -34.36
CA LYS D 13 5.95 30.74 -33.84
C LYS D 13 6.03 31.10 -32.36
N ILE D 14 7.02 30.47 -31.71
CA ILE D 14 7.30 30.68 -30.28
C ILE D 14 7.65 32.15 -29.99
N GLU D 15 8.38 32.75 -30.93
CA GLU D 15 8.67 34.17 -30.85
C GLU D 15 7.39 34.99 -30.99
N ARG D 16 6.56 34.65 -31.97
CA ARG D 16 5.31 35.36 -32.17
C ARG D 16 4.42 35.25 -30.92
N ILE D 17 4.34 34.06 -30.34
CA ILE D 17 3.42 33.82 -29.21
C ILE D 17 3.96 34.33 -27.86
N TYR D 18 5.27 34.26 -27.63
CA TYR D 18 5.83 34.58 -26.31
C TYR D 18 6.71 35.84 -26.21
N GLY D 19 7.03 36.44 -27.35
CA GLY D 19 7.95 37.58 -27.37
C GLY D 19 9.40 37.14 -27.35
N LEU D 20 10.32 38.10 -27.29
CA LEU D 20 11.74 37.82 -27.01
C LEU D 20 11.88 37.66 -25.47
N ASN D 21 13.06 37.94 -24.92
CA ASN D 21 13.37 37.71 -23.50
C ASN D 21 14.06 36.38 -23.37
N LYS D 22 15.39 36.41 -23.53
CA LYS D 22 16.19 35.18 -23.62
C LYS D 22 15.97 34.22 -22.44
N GLU D 23 15.54 34.77 -21.31
CA GLU D 23 15.18 33.99 -20.12
C GLU D 23 13.95 33.12 -20.31
N LYS D 24 12.81 33.75 -20.58
CA LYS D 24 11.53 33.06 -20.73
C LYS D 24 11.60 32.01 -21.84
N LEU D 25 12.31 32.36 -22.90
CA LEU D 25 12.49 31.48 -24.04
C LEU D 25 13.27 30.24 -23.63
N LEU D 26 14.25 30.42 -22.75
CA LEU D 26 15.00 29.30 -22.19
C LEU D 26 14.15 28.43 -21.26
N LEU D 27 13.19 29.02 -20.56
CA LEU D 27 12.17 28.22 -19.84
C LEU D 27 11.39 27.38 -20.82
N LEU D 28 11.05 27.98 -21.94
CA LEU D 28 10.30 27.28 -22.95
C LEU D 28 11.15 26.27 -23.67
N ALA D 29 12.46 26.52 -23.76
CA ALA D 29 13.40 25.54 -24.32
C ALA D 29 13.45 24.26 -23.49
N LYS D 30 13.40 24.40 -22.18
CA LYS D 30 13.43 23.27 -21.24
C LYS D 30 12.12 22.49 -21.25
N VAL D 31 11.02 23.19 -21.47
CA VAL D 31 9.73 22.55 -21.61
C VAL D 31 9.68 21.75 -22.90
N LYS D 32 9.93 22.41 -24.05
CA LYS D 32 9.86 21.71 -25.34
C LYS D 32 10.66 20.43 -25.30
N GLU D 33 11.94 20.54 -24.90
CA GLU D 33 12.85 19.40 -24.86
C GLU D 33 12.49 18.34 -23.82
N GLY D 34 12.14 18.78 -22.63
CA GLY D 34 11.82 17.89 -21.54
C GLY D 34 10.71 16.94 -21.92
N PHE D 35 9.62 17.50 -22.46
CA PHE D 35 8.39 16.73 -22.62
C PHE D 35 7.94 16.50 -24.06
N GLU D 36 8.75 16.99 -25.00
CA GLU D 36 8.55 16.70 -26.41
C GLU D 36 8.52 15.19 -26.70
N THR D 37 9.12 14.37 -25.84
CA THR D 37 9.02 12.93 -26.00
C THR D 37 7.64 12.50 -25.53
N SER D 38 7.17 13.13 -24.46
CA SER D 38 6.03 12.63 -23.69
C SER D 38 4.69 12.80 -24.41
N VAL D 39 4.36 11.84 -25.26
CA VAL D 39 3.07 11.85 -25.93
C VAL D 39 1.97 11.71 -24.88
N PHE D 40 1.97 10.61 -24.13
CA PHE D 40 0.91 10.37 -23.14
C PHE D 40 1.43 10.24 -21.72
N ASP D 41 2.74 10.32 -21.54
CA ASP D 41 3.36 10.00 -20.26
C ASP D 41 4.75 10.57 -20.22
N PHE D 42 5.11 11.18 -19.09
CA PHE D 42 6.42 11.79 -18.95
C PHE D 42 7.28 11.07 -17.93
N PRO D 43 8.55 10.91 -18.26
CA PRO D 43 9.54 10.39 -17.33
C PRO D 43 9.52 11.13 -15.99
N PHE D 44 9.51 10.37 -14.90
CA PHE D 44 9.55 10.89 -13.55
C PHE D 44 10.76 11.80 -13.29
N LYS D 45 11.91 11.43 -13.86
CA LYS D 45 13.15 12.18 -13.74
C LYS D 45 13.00 13.67 -14.03
N ASN D 46 12.15 14.03 -15.00
CA ASN D 46 11.98 15.41 -15.49
C ASN D 46 11.23 16.40 -14.57
N ILE D 47 10.82 15.90 -13.42
CA ILE D 47 10.08 16.66 -12.45
C ILE D 47 10.94 16.97 -11.24
N GLN D 48 12.08 16.28 -11.11
CA GLN D 48 12.92 16.45 -9.94
C GLN D 48 13.78 17.70 -10.09
N PRO D 49 13.87 18.48 -9.01
CA PRO D 49 14.60 19.74 -9.02
C PRO D 49 15.98 19.66 -9.67
N ASP D 50 16.65 18.52 -9.55
CA ASP D 50 18.00 18.36 -10.08
C ASP D 50 18.04 17.98 -11.57
N SER D 51 16.87 17.83 -12.20
CA SER D 51 16.79 17.56 -13.65
C SER D 51 17.16 18.80 -14.46
N PRO D 52 17.87 18.62 -15.57
CA PRO D 52 18.32 19.76 -16.37
C PRO D 52 17.13 20.40 -17.08
N TYR D 53 15.99 19.73 -16.97
CA TYR D 53 14.76 20.09 -17.64
C TYR D 53 13.71 20.58 -16.68
N PHE D 54 14.00 20.49 -15.37
CA PHE D 54 13.05 20.86 -14.31
C PHE D 54 12.57 22.29 -14.47
N VAL D 55 11.27 22.46 -14.66
CA VAL D 55 10.66 23.78 -14.69
C VAL D 55 9.44 23.75 -13.82
N CYS D 56 9.41 24.63 -12.85
CA CYS D 56 8.33 24.63 -11.90
C CYS D 56 7.83 26.04 -11.62
N LEU D 57 6.60 26.32 -12.07
CA LEU D 57 6.03 27.64 -11.93
C LEU D 57 4.98 27.66 -10.84
N ASP D 58 5.44 27.91 -9.62
CA ASP D 58 4.56 28.12 -8.48
C ASP D 58 3.41 29.08 -8.79
N PRO D 59 2.25 28.81 -8.21
CA PRO D 59 1.11 29.72 -8.28
C PRO D 59 1.30 30.92 -7.37
N PRO D 60 0.66 32.03 -7.72
CA PRO D 60 0.78 33.29 -7.00
C PRO D 60 0.75 33.23 -5.48
N CYS D 61 -0.08 32.35 -4.91
CA CYS D 61 -0.27 32.33 -3.46
C CYS D 61 0.79 31.56 -2.71
N LYS D 62 1.92 31.29 -3.32
CA LYS D 62 3.12 31.08 -2.55
C LYS D 62 3.92 32.39 -2.62
N LYS D 63 5.24 32.30 -2.66
CA LYS D 63 6.10 33.47 -2.97
C LYS D 63 6.11 34.56 -1.89
N GLU D 64 5.19 34.46 -0.93
CA GLU D 64 5.16 35.43 0.19
C GLU D 64 5.03 34.67 1.51
N SER D 65 4.17 33.65 1.54
CA SER D 65 3.93 32.90 2.78
C SER D 65 3.04 33.71 3.76
N ALA D 66 2.11 34.45 3.15
CA ALA D 66 0.84 34.91 3.75
C ALA D 66 0.64 34.73 5.24
N TYR D 67 0.12 33.54 5.59
CA TYR D 67 -0.45 33.19 6.91
C TYR D 67 -0.57 34.33 7.93
N ASN D 68 0.51 34.68 8.60
CA ASN D 68 0.46 35.74 9.62
C ASN D 68 -0.25 37.04 9.21
N LYS D 69 -0.26 37.34 7.92
CA LYS D 69 -0.91 38.53 7.37
C LYS D 69 -2.40 38.36 7.16
N VAL D 70 -2.87 37.12 7.14
CA VAL D 70 -4.24 36.84 6.70
C VAL D 70 -5.10 36.13 7.75
N ILE D 71 -4.69 34.95 8.20
CA ILE D 71 -5.39 34.22 9.27
C ILE D 71 -4.93 34.74 10.65
N GLY D 72 -3.77 35.40 10.63
CA GLY D 72 -3.25 36.15 11.77
C GLY D 72 -3.48 35.56 13.14
N ASP D 73 -4.28 36.25 13.94
CA ASP D 73 -4.36 35.97 15.38
C ASP D 73 -5.68 35.38 15.86
N LYS D 74 -6.74 36.20 15.90
CA LYS D 74 -8.08 35.72 16.29
C LYS D 74 -9.12 35.86 15.16
N ASN D 75 -8.89 35.07 14.12
CA ASN D 75 -9.82 34.80 13.03
C ASN D 75 -10.19 33.33 13.05
N ARG D 76 -9.45 32.57 13.88
CA ARG D 76 -9.35 31.09 13.87
C ARG D 76 -10.66 30.31 13.73
N THR D 77 -10.61 29.11 13.14
CA THR D 77 -11.82 28.37 12.81
C THR D 77 -12.48 27.75 14.08
N VAL D 78 -13.13 26.58 14.05
CA VAL D 78 -13.83 26.11 15.29
C VAL D 78 -14.06 24.60 15.57
N TYR D 79 -14.62 24.34 16.77
CA TYR D 79 -14.79 23.03 17.48
C TYR D 79 -15.11 21.74 16.71
N HIS D 80 -15.19 20.63 17.45
CA HIS D 80 -15.27 19.25 16.91
C HIS D 80 -16.06 18.15 17.70
N GLU D 81 -17.33 17.93 17.34
CA GLU D 81 -18.10 16.81 17.88
C GLU D 81 -18.15 15.66 16.90
N ILE D 82 -17.27 14.70 17.17
CA ILE D 82 -17.28 13.35 16.59
C ILE D 82 -18.66 12.69 16.64
N ASN D 83 -18.76 11.68 17.50
CA ASN D 83 -19.96 10.89 17.75
C ASN D 83 -20.47 10.08 16.56
N LYS D 84 -20.06 10.44 15.34
CA LYS D 84 -20.33 9.61 14.15
C LYS D 84 -21.81 9.39 13.91
N THR D 85 -22.53 8.91 14.92
CA THR D 85 -23.99 8.85 14.93
C THR D 85 -24.48 10.26 14.81
N GLU D 86 -23.74 11.18 15.41
CA GLU D 86 -23.93 12.62 15.21
C GLU D 86 -23.82 12.94 13.72
N PHE D 87 -22.64 12.66 13.17
CA PHE D 87 -22.39 12.86 11.78
C PHE D 87 -23.49 12.26 10.89
N GLU D 88 -24.09 11.15 11.30
CA GLU D 88 -24.92 10.37 10.38
C GLU D 88 -26.37 10.82 10.15
N ASN D 89 -27.12 11.15 11.20
CA ASN D 89 -28.42 11.80 10.96
C ASN D 89 -28.20 13.31 10.80
N MET D 90 -27.28 13.64 9.89
CA MET D 90 -26.72 14.97 9.70
C MET D 90 -26.12 15.11 8.31
N ILE D 91 -25.57 14.00 7.81
CA ILE D 91 -25.13 13.84 6.43
C ILE D 91 -25.39 12.38 6.03
N LYS D 92 -26.63 12.09 5.64
CA LYS D 92 -27.01 10.73 5.30
C LYS D 92 -26.35 10.45 3.96
N LEU D 93 -25.30 9.61 3.96
CA LEU D 93 -24.58 9.37 2.71
C LEU D 93 -24.54 7.92 2.23
N ARG D 94 -25.24 7.00 2.89
CA ARG D 94 -25.08 5.60 2.49
C ARG D 94 -26.28 4.66 2.22
N THR D 95 -26.53 3.76 3.18
CA THR D 95 -27.14 2.45 2.97
C THR D 95 -26.21 1.60 2.09
N LYS D 96 -26.36 1.71 0.77
CA LYS D 96 -25.96 0.70 -0.20
C LYS D 96 -24.48 0.42 -0.35
N ARG D 97 -24.17 -0.62 -1.14
CA ARG D 97 -22.81 -0.94 -1.56
C ARG D 97 -22.79 -0.90 -3.10
N LEU D 98 -21.91 -0.10 -3.73
CA LEU D 98 -21.89 -0.02 -5.21
C LEU D 98 -21.14 -1.19 -5.88
N LYS D 99 -21.81 -1.90 -6.79
CA LYS D 99 -21.19 -3.01 -7.53
C LYS D 99 -20.20 -2.48 -8.57
N LEU D 100 -18.97 -2.97 -8.48
CA LEU D 100 -17.87 -2.47 -9.29
C LEU D 100 -17.30 -3.58 -10.16
N LEU D 101 -16.69 -3.20 -11.28
CA LEU D 101 -16.01 -4.17 -12.15
C LEU D 101 -14.73 -3.56 -12.73
N ILE D 102 -13.58 -3.97 -12.19
CA ILE D 102 -12.30 -3.44 -12.60
C ILE D 102 -11.62 -4.48 -13.45
N GLY D 103 -11.21 -4.10 -14.65
CA GLY D 103 -10.71 -5.08 -15.59
C GLY D 103 -11.74 -6.19 -15.68
N GLU D 104 -11.47 -7.33 -15.05
CA GLU D 104 -12.44 -8.44 -15.06
C GLU D 104 -12.80 -8.94 -13.66
N VAL D 105 -12.56 -8.08 -12.67
CA VAL D 105 -12.72 -8.42 -11.27
C VAL D 105 -13.98 -7.77 -10.70
N ASP D 106 -14.92 -8.60 -10.25
CA ASP D 106 -16.10 -8.11 -9.54
C ASP D 106 -15.81 -7.80 -8.08
N ALA D 107 -16.16 -6.60 -7.67
CA ALA D 107 -15.99 -6.20 -6.30
C ALA D 107 -17.27 -5.57 -5.83
N GLU D 108 -17.39 -5.38 -4.53
CA GLU D 108 -18.60 -4.83 -3.94
C GLU D 108 -18.28 -3.92 -2.77
N VAL D 109 -17.97 -2.67 -3.11
CA VAL D 109 -17.54 -1.65 -2.16
C VAL D 109 -18.72 -0.92 -1.53
N SER D 110 -18.70 -0.78 -0.20
CA SER D 110 -19.58 0.20 0.46
C SER D 110 -18.75 1.43 0.81
N THR D 111 -19.41 2.47 1.31
CA THR D 111 -18.74 3.76 1.53
C THR D 111 -17.67 3.71 2.61
N GLY D 112 -16.53 4.31 2.31
CA GLY D 112 -15.40 4.27 3.21
C GLY D 112 -14.41 3.21 2.81
N ASP D 113 -14.84 2.29 1.97
CA ASP D 113 -13.95 1.26 1.49
C ASP D 113 -13.27 1.67 0.20
N LYS D 114 -12.31 0.88 -0.22
CA LYS D 114 -11.56 1.16 -1.41
C LYS D 114 -11.07 -0.14 -1.96
N ILE D 115 -10.59 -0.12 -3.19
CA ILE D 115 -9.93 -1.27 -3.81
C ILE D 115 -8.54 -0.82 -4.28
N GLU D 116 -7.52 -1.54 -3.83
CA GLU D 116 -6.17 -1.04 -4.02
C GLU D 116 -5.44 -1.80 -5.15
N PHE D 117 -4.87 -1.05 -6.10
CA PHE D 117 -4.32 -1.62 -7.35
C PHE D 117 -3.19 -2.62 -7.16
N PRO D 118 -2.31 -2.40 -6.20
CA PRO D 118 -1.17 -3.28 -5.97
C PRO D 118 -1.52 -4.70 -5.53
N VAL D 119 -2.77 -4.93 -5.17
CA VAL D 119 -3.25 -6.29 -4.96
C VAL D 119 -4.35 -6.66 -5.97
N LEU D 120 -4.28 -6.10 -7.17
CA LEU D 120 -5.35 -6.31 -8.11
C LEU D 120 -5.05 -7.33 -9.21
N ALA D 121 -4.03 -7.08 -10.00
CA ALA D 121 -3.77 -7.98 -11.08
C ALA D 121 -2.42 -8.67 -10.86
N ASN D 122 -1.55 -8.46 -11.84
CA ASN D 122 -0.13 -8.41 -11.65
C ASN D 122 0.24 -7.56 -10.42
N GLY D 123 -0.68 -6.67 -10.02
CA GLY D 123 -0.51 -5.75 -8.90
C GLY D 123 0.66 -4.81 -9.08
N LYS D 124 0.74 -4.22 -10.27
CA LYS D 124 1.87 -3.35 -10.62
C LYS D 124 1.57 -1.86 -10.59
N ARG D 125 0.37 -1.46 -11.00
CA ARG D 125 -0.09 -0.07 -10.82
C ARG D 125 -0.03 0.27 -9.33
N ARG D 126 0.20 1.54 -9.01
CA ARG D 126 -0.05 2.03 -7.65
C ARG D 126 -1.30 2.91 -7.71
N GLY D 127 -2.18 2.79 -6.71
CA GLY D 127 -3.38 3.61 -6.68
C GLY D 127 -4.60 2.84 -6.23
N PHE D 128 -5.68 3.56 -5.96
CA PHE D 128 -6.89 2.94 -5.45
C PHE D 128 -8.11 3.55 -6.07
N ILE D 129 -9.27 2.91 -5.87
CA ILE D 129 -10.57 3.51 -6.15
C ILE D 129 -11.23 3.58 -4.79
N TYR D 130 -11.70 4.75 -4.39
CA TYR D 130 -12.35 4.93 -3.09
C TYR D 130 -13.81 5.27 -3.33
N ASN D 131 -14.69 4.74 -2.48
CA ASN D 131 -16.11 5.04 -2.59
C ASN D 131 -16.54 5.99 -1.50
N VAL D 132 -16.43 7.28 -1.80
CA VAL D 132 -16.96 8.32 -0.96
C VAL D 132 -18.47 8.13 -0.91
N GLY D 133 -19.09 8.58 0.17
CA GLY D 133 -20.54 8.52 0.35
C GLY D 133 -21.35 8.40 -0.93
N THR D 137 -23.36 9.10 -3.27
CA THR D 137 -22.93 9.94 -4.37
C THR D 137 -21.79 10.99 -4.04
N ASP D 138 -21.96 12.22 -4.51
CA ASP D 138 -20.87 12.88 -5.21
C ASP D 138 -20.03 13.95 -4.55
N ILE D 139 -18.90 14.14 -5.19
CA ILE D 139 -17.92 15.08 -4.76
C ILE D 139 -17.99 16.30 -5.67
N ALA D 140 -18.30 17.43 -5.04
CA ALA D 140 -18.37 18.69 -5.70
C ALA D 140 -17.01 19.01 -6.35
N TRP D 141 -15.94 19.16 -5.56
CA TRP D 141 -14.58 19.39 -6.07
C TRP D 141 -13.62 18.63 -5.14
N LEU D 142 -12.39 18.39 -5.59
CA LEU D 142 -11.37 17.83 -4.69
C LEU D 142 -10.08 18.62 -4.85
N ASN D 143 -9.13 18.47 -3.93
CA ASN D 143 -7.85 19.09 -4.17
C ASN D 143 -6.58 18.66 -3.41
N ILE D 144 -5.61 18.16 -4.19
CA ILE D 144 -4.28 17.74 -3.68
C ILE D 144 -3.59 19.05 -3.31
N GLU D 145 -3.36 19.29 -2.03
CA GLU D 145 -2.62 20.47 -1.60
C GLU D 145 -1.11 20.32 -1.66
N GLU D 146 -0.53 20.85 -2.72
CA GLU D 146 0.90 20.70 -2.95
C GLU D 146 1.70 20.99 -1.73
N ASN D 147 2.58 20.06 -1.39
CA ASN D 147 3.36 20.27 -0.22
C ASN D 147 4.52 19.33 -0.03
N THR D 148 5.68 19.92 0.22
CA THR D 148 6.82 19.19 0.78
C THR D 148 7.57 20.05 1.83
N ASP D 149 7.33 19.75 3.12
CA ASP D 149 7.90 20.47 4.32
C ASP D 149 7.65 19.77 5.70
N ILE D 150 8.50 18.78 6.03
CA ILE D 150 8.18 17.66 6.97
C ILE D 150 6.88 16.88 6.57
N GLY D 151 6.90 16.38 5.33
CA GLY D 151 6.04 15.30 4.88
C GLY D 151 6.92 14.51 3.90
N LYS D 152 7.77 13.61 4.43
CA LYS D 152 8.78 12.92 3.59
C LYS D 152 8.18 12.43 2.27
N ASP D 153 7.33 11.41 2.35
CA ASP D 153 6.50 10.95 1.22
C ASP D 153 5.02 11.09 1.52
N ILE D 154 4.68 11.94 2.50
CA ILE D 154 3.30 12.09 2.93
C ILE D 154 2.70 13.39 2.46
N GLN D 155 1.50 13.29 1.89
CA GLN D 155 0.75 14.42 1.32
C GLN D 155 -0.69 14.38 1.76
N TYR D 156 -1.33 15.53 1.78
CA TYR D 156 -2.73 15.58 2.11
C TYR D 156 -3.52 15.99 0.90
N LEU D 157 -4.73 15.46 0.78
CA LEU D 157 -5.62 15.82 -0.30
C LEU D 157 -7.02 15.95 0.27
N ALA D 158 -7.72 17.01 -0.13
CA ALA D 158 -9.04 17.28 0.41
C ALA D 158 -10.06 16.75 -0.57
N VAL D 159 -11.22 16.39 -0.04
CA VAL D 159 -12.34 15.99 -0.90
C VAL D 159 -13.60 16.68 -0.41
N ALA D 160 -14.20 17.46 -1.28
CA ALA D 160 -15.50 18.07 -0.98
C ALA D 160 -16.62 17.11 -1.38
N VAL D 161 -17.58 16.89 -0.47
CA VAL D 161 -18.67 15.93 -0.70
C VAL D 161 -20.06 16.42 -0.27
N SER D 162 -21.07 16.23 -1.13
CA SER D 162 -22.45 16.61 -0.81
C SER D 162 -23.37 15.41 -0.69
N GLN D 163 -24.41 15.58 0.11
CA GLN D 163 -25.28 14.52 0.55
C GLN D 163 -26.24 14.11 -0.57
N TYR D 164 -27.03 13.04 -0.40
CA TYR D 164 -28.23 12.83 -1.27
C TYR D 164 -27.93 12.34 -2.71
N SER D 182 -25.42 19.19 6.33
CA SER D 182 -26.04 19.23 4.99
C SER D 182 -25.14 18.76 3.81
N SER D 183 -23.86 18.50 4.08
CA SER D 183 -22.82 18.20 3.06
C SER D 183 -21.48 18.57 3.70
N CYS D 184 -20.36 17.96 3.28
CA CYS D 184 -19.08 18.15 4.01
C CYS D 184 -17.73 18.08 3.24
N ILE D 185 -16.66 17.99 4.02
CA ILE D 185 -15.29 17.96 3.50
C ILE D 185 -14.50 16.88 4.21
N GLN D 186 -13.94 15.97 3.42
CA GLN D 186 -13.10 14.90 3.93
C GLN D 186 -11.63 15.20 3.60
N ILE D 187 -10.76 14.72 4.48
CA ILE D 187 -9.33 15.01 4.38
C ILE D 187 -8.47 13.76 4.47
N PHE D 188 -7.68 13.55 3.42
CA PHE D 188 -6.93 12.33 3.26
C PHE D 188 -5.43 12.53 3.39
N LYS D 189 -4.81 11.76 4.28
CA LYS D 189 -3.37 11.70 4.39
C LYS D 189 -2.99 10.53 3.50
N MET D 190 -1.95 10.68 2.71
CA MET D 190 -1.56 9.59 1.83
C MET D 190 -0.09 9.53 1.45
N ASN D 191 0.39 8.32 1.21
CA ASN D 191 1.77 8.14 0.81
C ASN D 191 1.97 8.34 -0.68
N THR D 192 3.05 9.02 -1.02
CA THR D 192 3.41 9.36 -2.39
C THR D 192 3.86 8.14 -3.15
N SER D 193 4.70 7.32 -2.54
CA SER D 193 5.29 6.26 -3.32
C SER D 193 4.50 4.95 -3.33
N THR D 194 3.58 4.77 -2.39
CA THR D 194 2.79 3.53 -2.39
C THR D 194 1.31 3.78 -2.61
N LEU D 195 0.91 5.04 -2.47
CA LEU D 195 -0.47 5.44 -2.64
C LEU D 195 -1.40 4.64 -1.70
N HIS D 196 -0.87 4.33 -0.54
CA HIS D 196 -1.72 4.04 0.58
C HIS D 196 -2.45 5.33 0.90
N CYS D 197 -3.47 5.26 1.73
CA CYS D 197 -3.97 6.47 2.38
C CYS D 197 -5.11 6.23 3.36
N VAL D 198 -5.21 7.14 4.32
CA VAL D 198 -6.26 7.10 5.33
C VAL D 198 -7.11 8.35 5.24
N LYS D 199 -8.37 8.23 5.67
CA LYS D 199 -9.22 9.39 5.88
C LYS D 199 -8.82 9.94 7.25
N VAL D 200 -8.40 11.21 7.31
CA VAL D 200 -7.85 11.76 8.55
C VAL D 200 -8.82 12.68 9.33
N GLN D 201 -9.66 13.42 8.60
CA GLN D 201 -10.68 14.29 9.18
C GLN D 201 -11.91 14.32 8.29
N THR D 202 -13.08 14.35 8.93
CA THR D 202 -14.33 14.65 8.23
C THR D 202 -14.88 15.94 8.85
N ILE D 203 -14.76 17.06 8.13
CA ILE D 203 -15.25 18.35 8.61
C ILE D 203 -16.64 18.63 8.07
N VAL D 204 -17.62 18.83 8.97
CA VAL D 204 -18.98 19.15 8.57
C VAL D 204 -19.22 20.66 8.56
N HIS D 205 -19.45 21.21 7.37
CA HIS D 205 -19.86 22.58 7.25
C HIS D 205 -21.32 22.56 6.87
N SER D 206 -21.92 23.73 6.76
CA SER D 206 -23.24 23.80 6.18
C SER D 206 -23.17 24.87 5.13
N PHE D 207 -22.09 24.81 4.37
CA PHE D 207 -21.86 25.73 3.29
C PHE D 207 -22.55 25.25 2.01
N GLY D 208 -23.17 24.08 2.06
CA GLY D 208 -23.76 23.46 0.87
C GLY D 208 -22.67 23.06 -0.10
N GLU D 209 -23.03 22.89 -1.36
CA GLU D 209 -22.06 22.48 -2.39
C GLU D 209 -20.91 23.45 -2.42
N VAL D 210 -19.70 22.89 -2.43
CA VAL D 210 -18.48 23.67 -2.36
C VAL D 210 -17.62 23.37 -3.56
N TRP D 211 -17.14 24.40 -4.24
CA TRP D 211 -16.25 24.20 -5.39
C TRP D 211 -15.15 25.27 -5.52
N ASP D 212 -14.42 25.24 -6.65
CA ASP D 212 -13.12 25.93 -6.82
C ASP D 212 -12.24 25.68 -5.60
N LEU D 213 -12.25 24.42 -5.16
CA LEU D 213 -11.60 24.05 -3.94
C LEU D 213 -10.09 24.07 -4.17
N LYS D 214 -9.39 24.80 -3.32
CA LYS D 214 -7.93 24.84 -3.37
C LYS D 214 -7.32 25.34 -2.07
N TRP D 215 -6.17 24.79 -1.73
CA TRP D 215 -5.48 25.14 -0.50
C TRP D 215 -4.75 26.43 -0.68
N HIS D 216 -4.58 27.19 0.40
CA HIS D 216 -3.85 28.44 0.29
C HIS D 216 -2.38 28.29 -0.04
N GLU D 217 -1.66 27.45 0.66
CA GLU D 217 -0.24 27.19 0.35
C GLU D 217 0.64 28.31 0.87
N GLY D 218 0.04 29.42 1.26
CA GLY D 218 0.78 30.51 1.87
C GLY D 218 0.53 30.43 3.35
N CYS D 219 -0.55 29.74 3.71
CA CYS D 219 -0.78 29.35 5.09
C CYS D 219 0.21 28.23 5.52
N HIS D 220 0.94 28.42 6.62
CA HIS D 220 1.63 27.29 7.28
C HIS D 220 1.62 27.49 8.78
N ALA D 221 2.80 27.73 9.35
CA ALA D 221 3.03 27.61 10.80
C ALA D 221 2.93 26.11 11.14
N PRO D 222 3.35 25.70 12.35
CA PRO D 222 3.20 24.29 12.79
C PRO D 222 1.72 23.88 13.11
N HIS D 223 1.51 23.08 14.17
CA HIS D 223 0.15 22.70 14.66
C HIS D 223 -0.84 22.39 13.52
N LEU D 224 -1.00 21.09 13.29
CA LEU D 224 -1.29 20.50 11.95
C LEU D 224 -1.91 21.29 10.71
N VAL D 225 -2.39 20.46 9.76
CA VAL D 225 -2.38 20.63 8.29
C VAL D 225 -2.12 22.05 7.76
N GLY D 226 -2.31 22.27 6.46
CA GLY D 226 -2.30 23.61 5.88
C GLY D 226 -3.68 24.22 5.93
N CYS D 227 -3.91 25.33 5.22
CA CYS D 227 -5.25 25.90 5.23
C CYS D 227 -5.90 26.05 3.85
N LEU D 228 -7.22 25.89 3.82
CA LEU D 228 -8.00 25.47 2.64
C LEU D 228 -9.11 26.45 2.19
N SER D 229 -9.23 26.66 0.88
CA SER D 229 -10.12 27.67 0.25
C SER D 229 -11.13 27.10 -0.73
N PHE D 230 -12.26 27.81 -0.86
CA PHE D 230 -13.34 27.39 -1.75
C PHE D 230 -14.48 28.39 -1.77
N VAL D 231 -15.26 28.31 -2.86
CA VAL D 231 -16.53 29.01 -2.99
C VAL D 231 -17.62 28.04 -2.59
N SER D 232 -18.62 28.54 -1.88
CA SER D 232 -19.75 27.73 -1.48
C SER D 232 -21.03 28.18 -2.19
N GLN D 233 -22.01 27.30 -2.26
CA GLN D 233 -23.29 27.66 -2.87
C GLN D 233 -24.07 28.63 -1.99
N GLU D 234 -23.43 29.18 -0.96
CA GLU D 234 -24.06 30.23 -0.19
C GLU D 234 -23.60 31.58 -0.73
N GLY D 235 -22.71 31.52 -1.72
CA GLY D 235 -22.29 32.72 -2.43
C GLY D 235 -21.04 33.39 -1.90
N THR D 236 -20.49 32.88 -0.82
CA THR D 236 -19.29 33.47 -0.25
C THR D 236 -18.13 32.55 -0.45
N ILE D 237 -16.98 33.11 -0.79
CA ILE D 237 -15.76 32.35 -0.67
C ILE D 237 -15.27 32.46 0.78
N ASN D 238 -14.95 31.31 1.38
CA ASN D 238 -14.34 31.24 2.71
C ASN D 238 -13.11 30.35 2.84
N PHE D 239 -12.29 30.72 3.81
CA PHE D 239 -11.07 30.03 4.14
C PHE D 239 -11.24 29.35 5.50
N LEU D 240 -10.64 28.17 5.66
CA LEU D 240 -10.62 27.57 6.99
C LEU D 240 -9.34 26.82 7.32
N GLU D 241 -8.91 26.97 8.58
CA GLU D 241 -7.69 26.36 9.08
C GLU D 241 -7.95 24.86 9.18
N ILE D 242 -7.17 24.06 8.47
CA ILE D 242 -7.22 22.61 8.67
C ILE D 242 -6.11 22.13 9.59
N ILE D 243 -6.51 21.51 10.68
CA ILE D 243 -5.64 21.32 11.83
C ILE D 243 -6.06 20.11 12.62
N ASP D 244 -5.13 19.17 12.80
CA ASP D 244 -5.26 18.08 13.79
C ASP D 244 -4.17 17.02 13.64
N ASN D 245 -3.13 17.18 14.46
CA ASN D 245 -2.07 16.17 14.55
C ASN D 245 -2.51 14.77 15.00
N ALA D 246 -1.76 13.77 14.56
CA ALA D 246 -2.03 12.38 14.90
C ALA D 246 -1.92 12.10 16.41
N THR D 247 -2.99 12.42 17.15
CA THR D 247 -3.21 11.84 18.47
C THR D 247 -4.57 11.17 18.36
N ASP D 248 -5.09 11.16 17.14
CA ASP D 248 -6.38 10.56 16.84
C ASP D 248 -6.67 10.25 15.36
N VAL D 249 -5.68 9.82 14.59
CA VAL D 249 -5.89 9.26 13.22
C VAL D 249 -7.08 9.78 12.39
N HIS D 250 -8.32 9.55 12.85
CA HIS D 250 -9.54 10.10 12.22
C HIS D 250 -10.53 10.78 13.18
N VAL D 251 -10.76 12.07 12.96
CA VAL D 251 -11.73 12.83 13.76
C VAL D 251 -12.96 13.26 12.95
N PHE D 252 -14.03 13.64 13.65
CA PHE D 252 -15.21 14.24 13.03
C PHE D 252 -15.38 15.61 13.63
N LYS D 253 -14.96 16.63 12.90
CA LYS D 253 -15.01 17.97 13.42
C LYS D 253 -16.27 18.66 12.87
N MET D 254 -16.74 19.70 13.57
CA MET D 254 -17.86 20.54 13.08
C MET D 254 -17.46 22.01 12.90
N CYS D 255 -16.81 22.31 11.78
CA CYS D 255 -16.53 23.69 11.42
C CYS D 255 -17.82 24.48 11.60
N GLU D 256 -17.78 25.43 12.51
CA GLU D 256 -18.96 26.23 12.82
C GLU D 256 -18.77 27.71 12.45
N LYS D 257 -17.53 28.08 12.14
CA LYS D 257 -17.17 29.47 11.83
C LYS D 257 -15.81 29.52 11.12
N PRO D 258 -15.83 29.76 9.82
CA PRO D 258 -14.60 29.88 9.04
C PRO D 258 -13.68 30.99 9.55
N SER D 259 -12.42 30.93 9.14
CA SER D 259 -11.44 31.94 9.54
C SER D 259 -11.64 33.25 8.81
N LEU D 260 -12.32 33.20 7.66
CA LEU D 260 -12.39 34.32 6.71
C LEU D 260 -13.50 34.06 5.70
N THR D 261 -14.40 35.03 5.53
CA THR D 261 -15.54 34.87 4.65
C THR D 261 -15.76 36.09 3.77
N LEU D 262 -15.02 36.15 2.67
CA LEU D 262 -15.22 37.15 1.64
C LEU D 262 -16.63 37.08 1.13
N SER D 263 -17.31 38.22 1.25
CA SER D 263 -18.72 38.33 0.95
C SER D 263 -19.05 39.74 0.44
N LEU D 264 -20.12 39.84 -0.34
CA LEU D 264 -20.64 41.12 -0.82
C LEU D 264 -22.16 41.05 -0.81
N ALA D 265 -22.79 41.88 0.04
CA ALA D 265 -24.25 41.88 0.23
C ALA D 265 -24.98 42.19 -1.07
N ASP D 266 -25.99 41.37 -1.37
CA ASP D 266 -26.75 41.44 -2.63
C ASP D 266 -25.89 41.27 -3.88
N SER D 267 -25.31 40.08 -4.06
CA SER D 267 -24.54 39.78 -5.27
C SER D 267 -24.17 38.31 -5.54
N LEU D 268 -23.85 37.54 -4.48
CA LEU D 268 -23.40 36.11 -4.54
C LEU D 268 -22.16 35.76 -5.39
N ILE D 269 -21.07 35.37 -4.75
CA ILE D 269 -19.83 35.00 -5.47
C ILE D 269 -19.93 33.59 -6.04
N THR D 270 -19.53 33.43 -7.31
CA THR D 270 -19.66 32.15 -8.00
C THR D 270 -18.36 31.49 -8.39
N THR D 271 -17.21 32.16 -8.21
CA THR D 271 -15.89 31.60 -8.60
C THR D 271 -14.81 32.45 -8.04
N PHE D 272 -13.63 31.90 -7.75
CA PHE D 272 -12.50 32.72 -7.33
C PHE D 272 -11.16 32.14 -7.70
N ASP D 273 -10.17 33.00 -7.89
CA ASP D 273 -8.78 32.57 -8.00
C ASP D 273 -7.92 33.51 -7.18
N PHE D 274 -6.71 33.06 -6.84
CA PHE D 274 -5.78 33.91 -6.14
C PHE D 274 -5.08 34.81 -7.12
N LEU D 275 -4.72 36.01 -6.66
CA LEU D 275 -3.91 36.97 -7.41
C LEU D 275 -2.55 37.18 -6.77
N SER D 276 -2.53 37.17 -5.46
CA SER D 276 -1.28 37.18 -4.73
C SER D 276 -1.53 36.30 -3.51
N PRO D 277 -0.52 36.08 -2.67
CA PRO D 277 -0.75 35.45 -1.38
C PRO D 277 -1.73 36.24 -0.51
N THR D 278 -2.01 37.48 -0.88
CA THR D 278 -2.86 38.38 -0.07
C THR D 278 -4.09 38.98 -0.79
N THR D 279 -4.27 38.67 -2.07
CA THR D 279 -5.46 39.13 -2.80
C THR D 279 -6.08 38.05 -3.68
N VAL D 280 -7.42 38.10 -3.82
CA VAL D 280 -8.14 37.20 -4.75
C VAL D 280 -8.88 37.94 -5.88
N VAL D 281 -9.23 37.21 -6.93
CA VAL D 281 -10.20 37.69 -7.92
C VAL D 281 -11.46 36.87 -7.72
N CYS D 282 -12.62 37.46 -7.98
CA CYS D 282 -13.84 36.67 -8.00
C CYS D 282 -14.90 37.18 -8.97
N GLY D 283 -15.76 36.26 -9.43
CA GLY D 283 -16.90 36.56 -10.33
C GLY D 283 -18.22 36.36 -9.60
N PHE D 284 -19.30 36.96 -10.11
CA PHE D 284 -20.56 36.99 -9.35
C PHE D 284 -21.72 36.44 -10.14
N LYS D 285 -22.82 36.14 -9.46
CA LYS D 285 -24.00 35.64 -10.16
C LYS D 285 -24.58 36.67 -11.15
N ASN D 286 -24.06 37.89 -11.12
CA ASN D 286 -24.63 39.00 -11.88
C ASN D 286 -23.77 39.50 -13.03
N GLY D 287 -22.56 38.96 -13.17
CA GLY D 287 -21.66 39.37 -14.25
C GLY D 287 -20.51 40.24 -13.80
N PHE D 288 -20.54 40.66 -12.54
CA PHE D 288 -19.48 41.50 -11.97
C PHE D 288 -18.29 40.68 -11.52
N VAL D 289 -17.13 41.31 -11.55
CA VAL D 289 -15.90 40.72 -11.07
C VAL D 289 -15.37 41.65 -9.99
N ALA D 290 -14.74 41.08 -8.95
CA ALA D 290 -14.19 41.87 -7.88
C ALA D 290 -12.77 41.45 -7.55
N GLU D 291 -12.05 42.32 -6.87
CA GLU D 291 -10.74 41.98 -6.29
C GLU D 291 -10.82 42.19 -4.79
N PHE D 292 -10.47 41.17 -4.00
CA PHE D 292 -10.57 41.25 -2.56
C PHE D 292 -9.23 41.12 -1.89
N ASP D 293 -9.06 41.87 -0.81
CA ASP D 293 -7.82 41.86 -0.04
C ASP D 293 -8.02 41.12 1.27
N LEU D 294 -7.28 40.03 1.42
CA LEU D 294 -7.44 39.15 2.58
C LEU D 294 -6.88 39.76 3.87
N THR D 295 -6.03 40.78 3.74
CA THR D 295 -5.62 41.57 4.91
C THR D 295 -6.74 42.51 5.32
N ASP D 296 -7.71 42.71 4.43
CA ASP D 296 -8.83 43.62 4.68
C ASP D 296 -10.03 43.28 3.77
N PRO D 297 -10.91 42.40 4.25
CA PRO D 297 -12.06 41.95 3.45
C PRO D 297 -13.22 42.95 3.44
N GLU D 298 -14.39 42.52 2.92
CA GLU D 298 -15.62 43.33 2.89
C GLU D 298 -15.60 44.44 1.87
N VAL D 299 -14.58 45.29 1.93
CA VAL D 299 -14.43 46.35 0.94
C VAL D 299 -13.54 45.92 -0.22
N PRO D 300 -14.16 45.59 -1.36
CA PRO D 300 -13.41 45.08 -2.51
C PRO D 300 -12.75 46.20 -3.25
N SER D 301 -11.48 46.01 -3.60
CA SER D 301 -10.70 47.03 -4.28
C SER D 301 -11.32 47.51 -5.61
N PHE D 302 -11.92 46.61 -6.39
CA PHE D 302 -12.80 47.02 -7.47
C PHE D 302 -13.99 46.08 -7.58
N TYR D 303 -15.03 46.54 -8.25
CA TYR D 303 -16.25 45.78 -8.45
C TYR D 303 -16.92 46.42 -9.66
N ASP D 304 -16.68 45.78 -10.79
CA ASP D 304 -17.09 46.28 -12.08
C ASP D 304 -17.88 45.19 -12.77
N GLN D 305 -18.80 45.56 -13.64
CA GLN D 305 -19.50 44.57 -14.44
C GLN D 305 -18.65 44.11 -15.63
N VAL D 306 -18.50 42.81 -15.80
CA VAL D 306 -17.67 42.26 -16.89
C VAL D 306 -18.51 41.43 -17.88
N HIS D 307 -19.52 40.73 -17.36
CA HIS D 307 -20.38 39.91 -18.19
C HIS D 307 -21.85 40.31 -18.02
N ASP D 308 -22.69 39.64 -18.80
CA ASP D 308 -24.12 39.86 -18.77
C ASP D 308 -24.81 39.22 -17.57
N SER D 309 -24.21 38.15 -17.05
CA SER D 309 -24.83 37.33 -16.02
C SER D 309 -23.82 36.42 -15.31
N TYR D 310 -24.34 35.45 -14.56
CA TYR D 310 -23.59 34.39 -13.89
C TYR D 310 -22.25 34.10 -14.53
N ILE D 311 -21.19 34.28 -13.76
CA ILE D 311 -19.85 33.98 -14.20
C ILE D 311 -19.49 32.58 -13.71
N LEU D 312 -19.20 31.67 -14.65
CA LEU D 312 -19.03 30.26 -14.32
C LEU D 312 -17.64 29.95 -13.82
N SER D 313 -16.65 30.74 -14.22
CA SER D 313 -15.28 30.52 -13.78
C SER D 313 -14.32 31.66 -14.14
N VAL D 314 -13.35 31.86 -13.25
CA VAL D 314 -12.35 32.90 -13.44
C VAL D 314 -11.01 32.31 -13.09
N SER D 315 -10.01 32.44 -13.96
CA SER D 315 -8.68 32.00 -13.56
C SER D 315 -7.54 32.98 -13.85
N THR D 316 -6.57 33.01 -12.95
CA THR D 316 -5.43 33.92 -13.02
C THR D 316 -4.29 33.37 -13.87
N ALA D 317 -3.71 34.23 -14.71
CA ALA D 317 -2.62 33.84 -15.59
C ALA D 317 -1.34 34.54 -15.14
N TYR D 318 -0.63 33.89 -14.24
CA TYR D 318 0.58 34.46 -13.65
C TYR D 318 1.79 34.16 -14.53
N SER D 319 2.64 35.16 -14.70
CA SER D 319 3.90 34.98 -15.39
C SER D 319 4.97 35.83 -14.76
N ASP D 320 6.19 35.33 -14.73
CA ASP D 320 7.30 36.11 -14.23
C ASP D 320 7.74 37.20 -15.21
N PHE D 321 7.07 37.30 -16.34
CA PHE D 321 7.56 38.14 -17.44
C PHE D 321 6.51 39.13 -18.00
N GLU D 322 5.28 39.04 -17.50
CA GLU D 322 4.19 39.94 -17.92
C GLU D 322 3.39 40.36 -16.69
N ASP D 323 2.58 41.40 -16.84
CA ASP D 323 1.64 41.73 -15.79
C ASP D 323 0.74 40.53 -15.67
N THR D 324 0.49 40.11 -14.44
CA THR D 324 -0.47 39.05 -14.23
C THR D 324 -1.84 39.53 -14.70
N VAL D 325 -2.63 38.57 -15.19
CA VAL D 325 -3.80 38.84 -16.03
C VAL D 325 -4.91 37.87 -15.60
N VAL D 326 -6.19 38.23 -15.85
CA VAL D 326 -7.32 37.38 -15.43
C VAL D 326 -8.22 37.02 -16.60
N SER D 327 -8.68 35.77 -16.61
CA SER D 327 -9.65 35.27 -17.61
C SER D 327 -10.97 34.90 -16.97
N THR D 328 -12.02 34.94 -17.77
CA THR D 328 -13.37 34.91 -17.23
C THR D 328 -14.39 34.52 -18.31
N VAL D 329 -15.14 33.44 -18.05
CA VAL D 329 -16.21 32.95 -18.96
C VAL D 329 -17.52 32.79 -18.22
N ALA D 330 -18.62 33.11 -18.92
CA ALA D 330 -19.92 33.16 -18.28
C ALA D 330 -21.04 32.50 -19.09
N VAL D 331 -22.19 32.40 -18.43
CA VAL D 331 -23.44 31.95 -19.02
C VAL D 331 -23.82 32.79 -20.24
N ASP D 332 -23.34 34.03 -20.29
CA ASP D 332 -23.53 34.85 -21.49
C ASP D 332 -22.82 34.29 -22.73
N GLY D 333 -21.86 33.39 -22.50
CA GLY D 333 -21.21 32.67 -23.59
C GLY D 333 -19.82 33.18 -23.93
N TYR D 334 -19.56 34.43 -23.54
CA TYR D 334 -18.29 35.12 -23.78
C TYR D 334 -17.11 34.64 -22.94
N PHE D 335 -15.90 34.84 -23.45
CA PHE D 335 -14.73 34.43 -22.71
C PHE D 335 -13.60 35.47 -22.89
N TYR D 336 -13.39 36.30 -21.86
CA TYR D 336 -12.47 37.43 -21.93
C TYR D 336 -11.22 37.19 -21.13
N ILE D 337 -10.14 37.84 -21.55
CA ILE D 337 -8.97 38.01 -20.71
C ILE D 337 -8.83 39.52 -20.47
N PHE D 338 -8.45 39.91 -19.26
CA PHE D 338 -8.19 41.33 -18.93
C PHE D 338 -7.12 41.51 -17.85
N ASN D 339 -6.61 42.74 -17.74
CA ASN D 339 -5.64 43.08 -16.70
C ASN D 339 -6.28 43.99 -15.64
N PRO D 340 -6.30 43.53 -14.38
CA PRO D 340 -7.00 44.25 -13.33
C PRO D 340 -6.54 45.72 -13.13
N LYS D 341 -5.25 45.98 -13.35
CA LYS D 341 -4.71 47.33 -13.32
C LYS D 341 -5.71 48.32 -13.94
N ASP D 342 -6.34 47.88 -15.02
CA ASP D 342 -7.35 48.67 -15.69
C ASP D 342 -8.10 47.81 -16.71
N ILE D 343 -9.15 47.15 -16.23
CA ILE D 343 -10.02 46.34 -17.08
C ILE D 343 -10.45 47.06 -18.35
N ALA D 344 -10.96 48.28 -18.18
CA ALA D 344 -11.53 49.06 -19.25
C ALA D 344 -10.67 49.11 -20.51
N THR D 345 -9.35 49.18 -20.35
CA THR D 345 -8.45 49.29 -21.50
C THR D 345 -7.82 47.96 -21.97
N THR D 346 -8.06 46.87 -21.23
CA THR D 346 -7.36 45.63 -21.51
C THR D 346 -8.28 44.48 -21.86
N LYS D 347 -9.58 44.66 -21.62
CA LYS D 347 -10.58 43.65 -21.94
C LYS D 347 -10.43 43.13 -23.38
N THR D 348 -10.11 41.85 -23.47
CA THR D 348 -9.80 41.17 -24.72
C THR D 348 -10.77 40.02 -24.84
N THR D 349 -11.40 39.84 -26.00
CA THR D 349 -12.27 38.69 -26.22
C THR D 349 -11.55 37.56 -26.92
N VAL D 350 -11.41 36.42 -26.27
CA VAL D 350 -10.81 35.25 -26.89
C VAL D 350 -11.80 34.68 -27.88
N SER D 351 -13.05 34.61 -27.45
CA SER D 351 -14.05 33.84 -28.14
C SER D 351 -15.38 33.88 -27.40
N ARG D 352 -16.45 33.53 -28.11
CA ARG D 352 -17.76 33.41 -27.50
C ARG D 352 -18.43 32.08 -27.88
N PHE D 353 -18.87 31.32 -26.86
CA PHE D 353 -19.48 29.99 -27.00
C PHE D 353 -21.01 29.99 -27.18
N ARG D 354 -21.61 28.81 -27.37
CA ARG D 354 -23.08 28.73 -27.32
C ARG D 354 -23.55 28.63 -25.86
N GLY D 355 -22.74 29.13 -24.94
CA GLY D 355 -23.17 29.50 -23.57
C GLY D 355 -23.57 28.37 -22.67
N SER D 356 -22.59 27.56 -22.31
CA SER D 356 -22.78 26.40 -21.45
C SER D 356 -23.32 26.77 -20.06
N ASN D 357 -23.67 25.75 -19.29
CA ASN D 357 -23.89 25.87 -17.85
C ASN D 357 -22.59 25.52 -17.13
N LEU D 358 -21.68 24.86 -17.86
CA LEU D 358 -20.37 24.55 -17.33
C LEU D 358 -19.29 24.66 -18.39
N VAL D 359 -18.38 25.60 -18.14
CA VAL D 359 -17.19 25.82 -18.94
C VAL D 359 -16.02 25.95 -17.97
N PRO D 360 -15.38 24.83 -17.61
CA PRO D 360 -14.28 24.86 -16.62
C PRO D 360 -12.97 25.42 -17.24
N VAL D 361 -12.25 26.30 -16.52
CA VAL D 361 -10.97 26.84 -17.05
C VAL D 361 -9.79 26.82 -16.07
N VAL D 362 -8.63 26.40 -16.55
CA VAL D 362 -7.44 26.41 -15.73
C VAL D 362 -6.28 27.00 -16.49
N TYR D 363 -5.31 27.51 -15.72
CA TYR D 363 -4.10 28.09 -16.27
C TYR D 363 -2.97 27.10 -16.14
N CYS D 364 -2.34 26.83 -17.26
CA CYS D 364 -1.36 25.81 -17.38
C CYS D 364 -0.03 26.53 -17.59
N PRO D 365 0.76 26.64 -16.52
CA PRO D 365 1.76 27.69 -16.40
C PRO D 365 3.00 27.53 -17.26
N GLN D 366 3.32 26.30 -17.66
CA GLN D 366 4.52 26.06 -18.45
C GLN D 366 4.37 26.52 -19.90
N ILE D 367 3.14 26.68 -20.36
CA ILE D 367 2.91 27.22 -21.69
C ILE D 367 2.21 28.61 -21.63
N TYR D 368 2.08 29.13 -20.41
CA TYR D 368 1.51 30.43 -20.18
C TYR D 368 0.10 30.53 -20.74
N SER D 369 -0.55 29.39 -20.95
CA SER D 369 -1.86 29.36 -21.58
C SER D 369 -3.01 28.90 -20.68
N TYR D 370 -4.21 29.38 -20.96
CA TYR D 370 -5.39 28.89 -20.30
C TYR D 370 -5.82 27.63 -21.01
N ILE D 371 -6.31 26.64 -20.25
CA ILE D 371 -6.89 25.45 -20.84
C ILE D 371 -8.35 25.30 -20.48
N TYR D 372 -9.19 25.28 -21.51
CA TYR D 372 -10.63 25.38 -21.33
C TYR D 372 -11.33 24.54 -22.38
N SER D 373 -12.62 24.29 -22.17
CA SER D 373 -13.45 23.70 -23.20
C SER D 373 -14.28 24.85 -23.74
N ASP D 374 -14.99 24.64 -24.85
CA ASP D 374 -16.05 25.55 -25.25
C ASP D 374 -17.25 25.18 -24.38
N GLY D 375 -18.43 25.17 -24.98
CA GLY D 375 -19.54 24.53 -24.29
C GLY D 375 -19.37 23.01 -24.30
N ALA D 376 -19.23 22.49 -25.51
CA ALA D 376 -19.39 21.07 -25.83
C ALA D 376 -18.16 20.23 -25.54
N SER D 377 -17.58 19.68 -26.62
CA SER D 377 -16.63 18.59 -26.51
C SER D 377 -15.26 18.85 -27.12
N SER D 378 -14.72 20.06 -26.94
CA SER D 378 -13.36 20.35 -27.37
C SER D 378 -12.56 21.16 -26.36
N LEU D 379 -11.43 20.60 -25.93
CA LEU D 379 -10.40 21.33 -25.21
C LEU D 379 -9.66 22.25 -26.18
N ARG D 380 -9.29 23.41 -25.67
CA ARG D 380 -8.48 24.34 -26.41
C ARG D 380 -7.51 24.94 -25.41
N ALA D 381 -6.36 25.39 -25.88
CA ALA D 381 -5.47 26.19 -25.05
C ALA D 381 -5.35 27.50 -25.75
N VAL D 382 -5.33 28.57 -24.97
CA VAL D 382 -5.05 29.89 -25.54
C VAL D 382 -4.01 30.56 -24.66
N PRO D 383 -2.89 30.99 -25.24
CA PRO D 383 -1.86 31.71 -24.47
C PRO D 383 -2.48 33.00 -23.97
N SER D 384 -2.13 33.41 -22.76
CA SER D 384 -2.76 34.58 -22.20
C SER D 384 -2.28 35.87 -22.87
N ARG D 385 -1.10 35.83 -23.50
CA ARG D 385 -0.56 36.99 -24.19
C ARG D 385 -0.80 36.95 -25.68
N ALA D 386 -1.48 35.91 -26.17
CA ALA D 386 -1.85 35.82 -27.60
C ALA D 386 -3.22 35.19 -27.85
N ALA D 387 -4.27 35.90 -27.41
CA ALA D 387 -5.66 35.48 -27.57
C ALA D 387 -6.04 35.01 -28.99
N PHE D 388 -5.23 35.36 -29.99
CA PHE D 388 -5.55 34.95 -31.34
C PHE D 388 -5.11 33.53 -31.62
N ALA D 389 -4.07 33.08 -30.93
CA ALA D 389 -3.54 31.73 -31.15
C ALA D 389 -4.26 30.62 -30.34
N VAL D 390 -5.56 30.46 -30.57
CA VAL D 390 -6.31 29.35 -29.99
C VAL D 390 -5.80 28.08 -30.66
N HIS D 391 -5.34 27.13 -29.86
CA HIS D 391 -5.01 25.80 -30.37
C HIS D 391 -6.03 24.82 -29.82
N PRO D 392 -6.80 24.19 -30.70
CA PRO D 392 -7.65 23.10 -30.27
C PRO D 392 -6.73 21.97 -29.86
N LEU D 393 -7.07 21.31 -28.75
CA LEU D 393 -6.26 20.20 -28.22
C LEU D 393 -6.85 18.84 -28.57
N VAL D 394 -8.07 18.60 -28.11
CA VAL D 394 -8.76 17.34 -28.31
C VAL D 394 -10.19 17.71 -28.60
N SER D 395 -10.90 16.86 -29.32
CA SER D 395 -12.35 17.05 -29.42
C SER D 395 -13.02 15.78 -29.84
N ARG D 396 -13.98 15.35 -29.05
CA ARG D 396 -14.49 14.00 -29.22
C ARG D 396 -16.02 14.00 -29.34
N GLU D 397 -16.72 13.63 -28.27
CA GLU D 397 -18.14 13.32 -28.37
C GLU D 397 -18.99 13.87 -27.22
N THR D 398 -18.37 14.09 -26.07
CA THR D 398 -19.16 14.40 -24.89
C THR D 398 -18.65 15.62 -24.18
N THR D 399 -19.61 16.45 -23.76
CA THR D 399 -19.35 17.63 -22.94
C THR D 399 -18.27 17.36 -21.87
N ILE D 400 -17.11 17.93 -22.09
CA ILE D 400 -15.97 17.84 -21.19
C ILE D 400 -16.34 18.40 -19.80
N THR D 401 -16.22 17.59 -18.75
CA THR D 401 -16.76 17.98 -17.45
C THR D 401 -15.77 18.67 -16.54
N ALA D 402 -14.48 18.36 -16.72
CA ALA D 402 -13.44 18.90 -15.84
C ALA D 402 -12.05 18.67 -16.40
N ILE D 403 -11.09 19.44 -15.90
CA ILE D 403 -9.77 19.35 -16.47
C ILE D 403 -8.74 19.77 -15.48
N GLY D 404 -7.63 19.04 -15.45
CA GLY D 404 -6.53 19.32 -14.53
C GLY D 404 -5.23 19.52 -15.27
N VAL D 405 -4.39 20.40 -14.71
CA VAL D 405 -3.06 20.74 -15.25
C VAL D 405 -2.04 20.82 -14.12
N SER D 406 -0.77 21.09 -14.45
CA SER D 406 0.30 21.15 -13.44
C SER D 406 1.33 22.28 -13.55
N ARG D 407 1.98 22.59 -12.43
CA ARG D 407 3.15 23.46 -12.45
C ARG D 407 4.38 22.75 -13.00
N LEU D 408 4.37 21.43 -13.00
CA LEU D 408 5.59 20.71 -13.24
C LEU D 408 5.76 20.22 -14.64
N HIS D 409 4.65 19.95 -15.31
CA HIS D 409 4.68 19.31 -16.61
C HIS D 409 3.55 19.89 -17.44
N PRO D 410 3.67 19.80 -18.76
CA PRO D 410 2.65 20.34 -19.66
C PRO D 410 1.51 19.39 -20.03
N MET D 411 1.32 18.32 -19.24
CA MET D 411 0.25 17.34 -19.51
C MET D 411 -1.09 17.76 -18.98
N VAL D 412 -2.14 17.49 -19.77
CA VAL D 412 -3.50 17.85 -19.38
C VAL D 412 -4.40 16.64 -19.24
N LEU D 413 -4.86 16.40 -18.02
CA LEU D 413 -5.89 15.41 -17.76
C LEU D 413 -7.19 16.09 -18.04
N ALA D 414 -8.16 15.32 -18.53
CA ALA D 414 -9.39 15.92 -18.98
C ALA D 414 -10.51 14.92 -18.97
N GLY D 415 -11.50 15.17 -18.13
CA GLY D 415 -12.60 14.24 -17.90
C GLY D 415 -13.89 14.70 -18.55
N SER D 416 -14.44 13.82 -19.39
CA SER D 416 -15.69 14.07 -20.08
C SER D 416 -16.93 13.60 -19.30
N ALA D 417 -18.10 13.93 -19.86
CA ALA D 417 -19.37 13.53 -19.27
C ALA D 417 -19.67 12.07 -19.54
N ASP D 418 -18.92 11.45 -20.46
CA ASP D 418 -19.12 10.04 -20.75
C ASP D 418 -18.34 9.15 -19.75
N GLY D 419 -17.78 9.80 -18.74
CA GLY D 419 -16.95 9.13 -17.74
C GLY D 419 -15.65 8.62 -18.32
N SER D 420 -14.79 9.53 -18.78
CA SER D 420 -13.50 9.15 -19.37
C SER D 420 -12.43 10.18 -19.09
N LEU D 421 -11.29 9.71 -18.57
CA LEU D 421 -10.15 10.59 -18.40
C LEU D 421 -9.24 10.51 -19.61
N ILE D 422 -8.84 11.68 -20.09
CA ILE D 422 -8.01 11.81 -21.27
C ILE D 422 -6.76 12.50 -20.83
N ILE D 423 -5.61 11.95 -21.21
CA ILE D 423 -4.37 12.69 -21.04
C ILE D 423 -3.93 13.24 -22.40
N THR D 424 -3.07 14.26 -22.37
CA THR D 424 -2.57 14.90 -23.59
C THR D 424 -1.47 15.92 -23.29
N ASN D 425 -0.58 16.15 -24.24
CA ASN D 425 0.55 17.08 -24.05
C ASN D 425 0.42 18.49 -24.66
N ALA D 426 0.34 19.53 -23.83
CA ALA D 426 0.44 20.90 -24.34
C ALA D 426 1.86 21.29 -24.81
N ALA D 427 1.93 21.50 -26.11
CA ALA D 427 3.12 21.27 -26.93
C ALA D 427 2.44 20.61 -28.12
N ARG D 428 1.25 21.15 -28.43
CA ARG D 428 0.42 20.81 -29.59
C ARG D 428 1.32 21.07 -30.80
N ARG D 429 0.94 22.09 -31.57
CA ARG D 429 1.91 22.90 -32.31
C ARG D 429 2.17 24.11 -31.34
N LEU D 430 1.95 23.87 -30.03
CA LEU D 430 2.12 24.90 -29.01
C LEU D 430 3.58 25.17 -28.69
N LEU D 431 4.44 24.20 -29.00
CA LEU D 431 5.90 24.41 -29.10
C LEU D 431 6.43 23.56 -30.27
N HIS D 432 5.70 23.54 -31.40
CA HIS D 432 5.91 22.57 -32.49
C HIS D 432 5.72 23.19 -33.89
N GLY D 433 4.76 24.12 -33.99
CA GLY D 433 4.49 24.93 -35.20
C GLY D 433 4.73 24.26 -36.55
N LYS D 442 -2.75 14.12 -31.73
CA LYS D 442 -3.45 14.40 -30.48
C LYS D 442 -3.55 13.15 -29.58
N SER D 443 -4.60 13.01 -28.75
CA SER D 443 -4.40 12.35 -27.44
C SER D 443 -5.34 11.27 -26.81
N LEU D 444 -4.76 10.46 -25.90
CA LEU D 444 -5.31 9.15 -25.38
C LEU D 444 -6.09 9.10 -24.03
N ARG D 445 -6.84 8.01 -23.85
CA ARG D 445 -7.67 7.84 -22.64
C ARG D 445 -7.15 6.79 -21.66
N LEU D 446 -7.03 7.22 -20.40
CA LEU D 446 -6.40 6.45 -19.35
C LEU D 446 -7.41 5.59 -18.63
N TRP D 447 -8.67 6.05 -18.64
CA TRP D 447 -9.74 5.38 -17.92
C TRP D 447 -11.07 5.65 -18.57
N LYS D 448 -11.98 4.69 -18.45
CA LYS D 448 -13.36 4.90 -18.83
C LYS D 448 -14.40 4.19 -17.96
N TRP D 449 -15.07 4.98 -17.12
CA TRP D 449 -16.21 4.55 -16.30
C TRP D 449 -17.41 4.19 -17.17
N ASP D 450 -18.33 3.42 -16.60
CA ASP D 450 -19.52 2.97 -17.29
C ASP D 450 -20.54 2.44 -16.30
N TYR D 451 -21.79 2.87 -16.40
CA TYR D 451 -22.85 2.21 -15.63
C TYR D 451 -23.46 1.09 -16.47
N SER D 452 -24.42 0.39 -15.88
CA SER D 452 -24.72 -0.98 -16.22
C SER D 452 -25.43 -1.30 -17.51
N ILE D 453 -26.54 -0.60 -17.78
CA ILE D 453 -27.71 -1.19 -18.47
C ILE D 453 -28.20 -2.42 -17.64
N LYS D 454 -28.86 -2.08 -16.52
CA LYS D 454 -29.24 -2.97 -15.39
C LYS D 454 -28.45 -4.21 -14.98
N ASP D 455 -27.81 -4.04 -13.84
CA ASP D 455 -26.95 -4.99 -13.13
C ASP D 455 -26.57 -4.31 -11.84
N ASP D 456 -26.45 -2.99 -11.92
CA ASP D 456 -25.79 -2.16 -10.91
C ASP D 456 -24.26 -2.23 -11.01
N LYS D 457 -23.74 -2.78 -12.12
CA LYS D 457 -22.30 -2.89 -12.26
C LYS D 457 -21.69 -1.68 -12.96
N TYR D 458 -20.86 -0.98 -12.18
CA TYR D 458 -19.96 0.07 -12.64
C TYR D 458 -18.69 -0.57 -13.14
N ARG D 459 -18.29 -0.19 -14.35
CA ARG D 459 -17.09 -0.74 -14.95
C ARG D 459 -16.05 0.37 -15.09
N ILE D 460 -14.78 0.05 -14.79
CA ILE D 460 -13.68 0.90 -15.25
C ILE D 460 -12.86 0.09 -16.21
N ASP D 461 -12.35 0.79 -17.20
CA ASP D 461 -11.59 0.13 -18.19
C ASP D 461 -10.22 0.78 -18.26
N SER D 462 -9.23 0.03 -17.78
CA SER D 462 -7.82 0.35 -17.84
C SER D 462 -7.41 0.70 -19.28
N SER D 463 -8.21 0.21 -20.24
CA SER D 463 -7.89 0.10 -21.66
C SER D 463 -7.45 1.32 -22.48
N TYR D 464 -6.18 1.24 -22.92
CA TYR D 464 -5.53 2.07 -23.94
C TYR D 464 -6.45 2.36 -25.16
N GLU D 465 -6.44 3.61 -25.66
CA GLU D 465 -7.18 4.01 -26.90
C GLU D 465 -7.00 5.49 -27.27
N VAL D 466 -6.30 5.73 -28.38
CA VAL D 466 -5.83 7.08 -28.78
C VAL D 466 -6.85 7.86 -29.64
N TYR D 467 -6.96 9.18 -29.41
CA TYR D 467 -7.89 10.02 -30.21
C TYR D 467 -7.24 11.00 -31.20
N PRO D 468 -7.65 10.90 -32.47
CA PRO D 468 -7.15 11.76 -33.52
C PRO D 468 -7.80 13.12 -33.43
N ALA D 481 -28.77 8.28 -19.34
CA ALA D 481 -28.24 7.47 -18.24
C ALA D 481 -26.95 8.07 -17.63
N HIS D 482 -26.95 8.22 -16.30
CA HIS D 482 -25.94 9.00 -15.58
C HIS D 482 -25.48 8.19 -14.35
N GLY D 483 -25.09 8.91 -13.30
CA GLY D 483 -24.42 8.33 -12.15
C GLY D 483 -23.14 7.68 -12.63
N ILE D 484 -22.30 8.48 -13.30
CA ILE D 484 -21.08 8.02 -13.97
C ILE D 484 -20.24 9.26 -14.15
N ASN D 485 -20.01 9.72 -15.38
CA ASN D 485 -19.31 10.99 -15.71
C ASN D 485 -18.00 11.33 -14.93
N ILE D 486 -17.61 12.61 -14.87
CA ILE D 486 -16.45 13.01 -14.07
C ILE D 486 -16.66 14.40 -13.52
N THR D 487 -16.58 14.52 -12.21
CA THR D 487 -16.72 15.79 -11.52
C THR D 487 -15.37 16.12 -10.92
N CYS D 488 -14.56 16.90 -11.63
CA CYS D 488 -13.18 17.26 -11.18
C CYS D 488 -12.07 16.20 -11.36
N THR D 489 -10.88 16.69 -11.67
CA THR D 489 -9.70 15.85 -11.78
C THR D 489 -8.54 16.78 -11.54
N LYS D 490 -7.57 16.38 -10.71
CA LYS D 490 -6.42 17.24 -10.39
C LYS D 490 -5.14 16.50 -10.20
N TRP D 491 -4.05 17.09 -10.67
CA TRP D 491 -2.77 16.53 -10.44
C TRP D 491 -2.30 16.78 -9.01
N ASN D 492 -1.50 15.86 -8.48
CA ASN D 492 -0.58 16.22 -7.43
C ASN D 492 0.45 17.09 -8.15
N GLU D 493 0.90 18.16 -7.51
CA GLU D 493 1.86 19.04 -8.18
C GLU D 493 3.18 19.19 -7.39
N THR D 494 3.71 18.09 -6.86
CA THR D 494 4.98 18.16 -6.13
C THR D 494 6.02 17.30 -6.78
N SER D 495 7.28 17.66 -6.59
CA SER D 495 8.33 16.98 -7.27
C SER D 495 8.29 15.52 -6.85
N ALA D 496 7.86 15.30 -5.62
CA ALA D 496 7.71 13.97 -5.09
C ALA D 496 6.66 13.15 -5.83
N GLY D 497 5.38 13.50 -5.68
CA GLY D 497 4.30 12.70 -6.28
C GLY D 497 3.74 13.27 -7.56
N GLY D 498 4.61 13.96 -8.33
CA GLY D 498 4.22 14.71 -9.55
C GLY D 498 3.43 13.93 -10.60
N LYS D 499 3.59 12.61 -10.57
CA LYS D 499 2.95 11.71 -11.50
C LYS D 499 1.67 11.15 -10.91
N CYS D 500 1.21 11.71 -9.80
CA CYS D 500 -0.06 11.28 -9.23
C CYS D 500 -1.18 12.17 -9.58
N TYR D 501 -2.34 11.56 -9.82
CA TYR D 501 -3.54 12.34 -10.07
C TYR D 501 -4.76 11.63 -9.53
N ALA D 502 -5.80 12.42 -9.26
CA ALA D 502 -7.06 11.87 -8.80
C ALA D 502 -8.18 12.28 -9.76
N PHE D 503 -9.27 11.53 -9.76
CA PHE D 503 -10.43 11.94 -10.49
C PHE D 503 -11.66 11.21 -10.00
N SER D 504 -12.66 12.01 -9.67
CA SER D 504 -13.93 11.51 -9.24
C SER D 504 -14.95 11.58 -10.35
N ASN D 505 -15.92 10.68 -10.25
CA ASN D 505 -17.11 10.76 -11.04
C ASN D 505 -18.24 11.09 -10.07
N SER D 506 -19.38 11.54 -10.61
CA SER D 506 -20.57 11.84 -9.80
C SER D 506 -21.05 10.66 -8.94
N ALA D 507 -20.82 9.43 -9.41
CA ALA D 507 -21.18 8.24 -8.65
C ALA D 507 -20.62 8.19 -7.24
N GLY D 508 -19.54 8.93 -6.99
CA GLY D 508 -18.86 8.93 -5.70
C GLY D 508 -17.56 8.14 -5.70
N LEU D 509 -17.23 7.55 -6.85
CA LEU D 509 -16.02 6.76 -7.02
C LEU D 509 -14.82 7.65 -7.35
N LEU D 510 -14.01 7.85 -6.32
CA LEU D 510 -12.80 8.64 -6.43
C LEU D 510 -11.63 7.70 -6.65
N THR D 511 -11.02 7.78 -7.81
CA THR D 511 -9.90 6.92 -8.11
C THR D 511 -8.61 7.73 -8.21
N LEU D 512 -7.49 7.13 -7.83
CA LEU D 512 -6.17 7.75 -7.80
C LEU D 512 -5.15 6.82 -8.38
N GLU D 513 -4.33 7.35 -9.28
CA GLU D 513 -3.30 6.53 -9.90
C GLU D 513 -1.94 7.22 -9.89
N TYR D 514 -0.89 6.41 -9.96
CA TYR D 514 0.42 6.85 -10.39
C TYR D 514 0.61 6.41 -11.86
N LEU D 515 0.84 7.37 -12.76
CA LEU D 515 0.86 7.18 -14.22
C LEU D 515 2.04 6.33 -14.78
N SER D 516 1.77 5.40 -15.72
CA SER D 516 2.84 4.73 -16.54
C SER D 516 2.53 4.01 -17.90
N LEU D 517 2.55 2.69 -17.88
CA LEU D 517 2.46 1.87 -19.08
C LEU D 517 1.77 0.57 -18.63
N GLU D 518 1.00 0.70 -17.55
CA GLU D 518 0.65 -0.43 -16.71
C GLU D 518 -0.81 -0.85 -16.87
N HIS D 519 -1.55 -0.39 -17.77
#